data_3KJ4
#
_entry.id   3KJ4
#
_cell.length_a   188.664
_cell.length_b   125.488
_cell.length_c   90.575
_cell.angle_alpha   90.00
_cell.angle_beta   90.00
_cell.angle_gamma   90.00
#
_symmetry.space_group_name_H-M   'P 21 21 2'
#
loop_
_entity.id
_entity.type
_entity.pdbx_description
1 polymer 'Fab fragment 1D9 light chain'
2 polymer 'Fab fragment 1D9 heavy chain'
3 polymer 'Reticulon-4 receptor'
4 non-polymer alpha-D-mannopyranose
5 non-polymer 'ZINC ION'
6 non-polymer 2-acetamido-2-deoxy-alpha-D-glucopyranose
7 non-polymer 2-acetamido-2-deoxy-beta-D-glucopyranose
#
loop_
_entity_poly.entity_id
_entity_poly.type
_entity_poly.pdbx_seq_one_letter_code
_entity_poly.pdbx_strand_id
1 'polypeptide(L)'
;DIVMSQSPSSLAVSAGEKVTMSCKSSQSLLNSRNRKNYLAWYQQKPGQSPKPLIYWASTRESGVPDRFTGSGSGTDFTLT
ISSVQAEDLAVYYCMQSYNLFTFGSGTKLEIKRADAAPTVSIFPPSSEQLTSGGASVVCFLNNFYPKDINVKWKIDGSER
QNGVLNSWTDQDSKDSTYSMSSTLTLTKDEYERHNSYTCEATHKTSTSPIVKSFNRNEC
;
L,B
2 'polypeptide(L)'
;QVQLKESGPGLVAPSQSLSISCSVSGFSLSSYGVHWVRQSPGQGLEWLGVIWSGGNTHYNSALMSRLSISKENSKNQVFL
KMNSLQTDDTAIYYCARVGIYYEGAWFAYWGQGTLVTVSAAKTTPPSVYPLAPGSAAQTNSMVTLGCLVKGYFPEPVTVT
WNSGSLSSGVHTFPAVLQSDLYTLSSSVTVPSSTWPSETVTCNVAHPASSTKVDKKIVPR
;
H,C
3 'polypeptide(L)'
;CPGACVCYNEPKVTTSCPQQGLQAVPTGIPASSQRIFLHGNRISYVPAASFQSCRNLTILWLHSNALAGIDAAAFTGLTL
LEQLDLSDNAQLRVVDPTTFRGLGHLHTLHLDRCGLQELGPGLFRGLAALQYLYLQDNNLQALPDNTFRDLGNLTHLFLH
GNRIPSVPEHAFRGLHSLDRLLLHQNHVARVHPHAFRDLGRLMTLYLFANNLSMLPAEVLVPLRSLQYLRLNDNPWVCDC
RARPLWAWLQKFRGSSSEVPCNLPQRLAGRDLKRLAASDLEGCAVA
;
A,D
#
loop_
_chem_comp.id
_chem_comp.type
_chem_comp.name
_chem_comp.formula
MAN D-saccharide, alpha linking alpha-D-mannopyranose 'C6 H12 O6'
NAG D-saccharide, beta linking 2-acetamido-2-deoxy-beta-D-glucopyranose 'C8 H15 N O6'
NDG D-saccharide, alpha linking 2-acetamido-2-deoxy-alpha-D-glucopyranose 'C8 H15 N O6'
ZN non-polymer 'ZINC ION' 'Zn 2'
#
# COMPACT_ATOMS: atom_id res chain seq x y z
N ASP A 1 -59.79 37.90 -0.81
CA ASP A 1 -59.08 37.43 0.40
C ASP A 1 -57.82 38.28 0.71
N ILE A 2 -56.62 37.80 0.34
CA ILE A 2 -55.44 38.70 0.12
C ILE A 2 -54.85 38.65 -1.30
N VAL A 3 -54.53 39.84 -1.82
CA VAL A 3 -54.33 39.99 -3.24
C VAL A 3 -53.27 41.02 -3.57
N MET A 4 -52.50 40.72 -4.61
CA MET A 4 -51.38 41.55 -5.00
C MET A 4 -51.53 42.10 -6.41
N SER A 5 -51.47 43.43 -6.50
CA SER A 5 -51.77 44.12 -7.74
C SER A 5 -50.58 44.90 -8.28
N GLN A 6 -50.10 44.47 -9.44
CA GLN A 6 -48.96 45.08 -10.09
C GLN A 6 -49.31 45.86 -11.36
N SER A 7 -48.84 47.10 -11.41
CA SER A 7 -48.88 47.88 -12.65
C SER A 7 -47.45 48.26 -12.99
N PRO A 8 -47.18 48.58 -14.27
CA PRO A 8 -48.13 48.53 -15.35
C PRO A 8 -47.89 47.34 -16.29
N SER A 9 -47.70 46.15 -15.70
CA SER A 9 -47.53 44.89 -16.42
C SER A 9 -46.30 44.80 -17.34
N SER A 10 -45.91 45.93 -17.93
CA SER A 10 -44.83 45.98 -18.90
C SER A 10 -44.48 47.43 -19.23
N LEU A 11 -43.20 47.79 -19.15
CA LEU A 11 -42.79 49.18 -19.38
C LEU A 11 -41.36 49.33 -19.91
N ALA A 12 -41.22 49.89 -21.10
CA ALA A 12 -39.93 49.96 -21.77
C ALA A 12 -39.17 51.23 -21.44
N VAL A 13 -37.90 51.10 -21.10
CA VAL A 13 -36.99 52.26 -21.05
C VAL A 13 -35.61 51.96 -21.58
N SER A 14 -34.90 53.01 -22.00
CA SER A 14 -33.50 52.93 -22.42
C SER A 14 -32.62 52.63 -21.20
N ALA A 15 -31.31 52.57 -21.39
CA ALA A 15 -30.41 52.19 -20.31
C ALA A 15 -29.78 53.40 -19.66
N GLY A 16 -30.17 53.67 -18.42
CA GLY A 16 -29.73 54.88 -17.73
C GLY A 16 -30.87 55.69 -17.15
N GLU A 17 -32.10 55.43 -17.63
CA GLU A 17 -33.30 56.12 -17.10
C GLU A 17 -33.76 55.44 -15.80
N LYS A 18 -34.36 56.22 -14.89
CA LYS A 18 -34.93 55.67 -13.64
C LYS A 18 -36.28 54.99 -13.89
N VAL A 19 -36.66 54.06 -13.02
CA VAL A 19 -37.96 53.39 -13.13
C VAL A 19 -38.65 53.23 -11.78
N THR A 20 -39.90 52.75 -11.83
CA THR A 20 -40.68 52.39 -10.65
C THR A 20 -41.68 51.31 -11.03
N MET A 21 -41.77 50.27 -10.20
CA MET A 21 -42.94 49.40 -10.23
C MET A 21 -43.92 49.89 -9.19
N SER A 22 -45.17 49.47 -9.35
CA SER A 22 -46.21 49.79 -8.40
C SER A 22 -46.79 48.46 -7.91
N CYS A 23 -46.90 48.31 -6.59
CA CYS A 23 -47.45 47.09 -6.03
C CYS A 23 -48.36 47.48 -4.89
N LYS A 24 -49.66 47.42 -5.15
CA LYS A 24 -50.67 47.61 -4.11
C LYS A 24 -51.17 46.25 -3.63
N SER A 25 -51.31 46.10 -2.32
CA SER A 25 -51.83 44.88 -1.70
C SER A 25 -53.31 44.99 -1.45
N SER A 26 -53.95 43.85 -1.20
CA SER A 26 -55.37 43.81 -0.87
C SER A 26 -55.63 44.29 0.56
N GLN A 27 -54.86 43.74 1.50
CA GLN A 27 -54.92 44.13 2.91
C GLN A 27 -53.59 44.75 3.28
N SER A 28 -53.59 45.65 4.26
CA SER A 28 -52.36 46.28 4.78
C SER A 28 -51.31 45.26 5.29
N LEU A 29 -50.05 45.46 4.93
CA LEU A 29 -48.93 44.53 5.23
C LEU A 29 -47.91 45.04 6.27
N LEU A 30 -48.33 45.95 7.17
CA LEU A 30 -47.47 46.56 8.20
C LEU A 30 -47.77 46.03 9.60
N ASN A 31 -46.78 45.38 10.24
CA ASN A 31 -46.89 44.93 11.64
C ASN A 31 -47.04 46.12 12.61
N SER A 32 -48.18 46.19 13.27
CA SER A 32 -48.49 47.29 14.16
C SER A 32 -47.25 47.95 14.84
N ARG A 33 -46.53 47.17 15.67
CA ARG A 33 -45.31 47.64 16.39
C ARG A 33 -44.08 46.97 15.81
N ASN A 34 -42.94 47.68 15.79
CA ASN A 34 -41.72 47.35 14.99
C ASN A 34 -41.76 47.81 13.51
N ARG A 35 -42.93 47.80 12.91
CA ARG A 35 -43.21 48.49 11.63
C ARG A 35 -42.47 48.00 10.38
N LYS A 36 -41.71 46.88 10.46
CA LYS A 36 -41.18 46.20 9.26
C LYS A 36 -42.36 45.73 8.37
N ASN A 37 -42.28 45.86 7.04
CA ASN A 37 -43.39 45.47 6.14
C ASN A 37 -43.15 44.19 5.35
N TYR A 38 -43.95 43.14 5.59
CA TYR A 38 -43.65 41.77 5.09
C TYR A 38 -43.91 41.59 3.59
N LEU A 39 -43.05 42.20 2.78
CA LEU A 39 -43.17 42.22 1.32
C LEU A 39 -41.79 42.10 0.67
N ALA A 40 -41.66 41.16 -0.27
CA ALA A 40 -40.40 40.89 -0.98
C ALA A 40 -40.49 41.27 -2.45
N TRP A 41 -39.35 41.46 -3.11
CA TRP A 41 -39.32 41.58 -4.56
C TRP A 41 -38.36 40.53 -5.13
N TYR A 42 -38.67 40.07 -6.35
CA TYR A 42 -37.99 38.95 -7.01
C TYR A 42 -37.73 39.29 -8.45
N GLN A 43 -36.65 38.77 -9.01
CA GLN A 43 -36.33 39.06 -10.38
C GLN A 43 -36.31 37.77 -11.17
N GLN A 44 -37.20 37.66 -12.16
CA GLN A 44 -37.22 36.48 -13.04
C GLN A 44 -36.71 36.84 -14.42
N LYS A 45 -35.43 36.53 -14.66
CA LYS A 45 -34.82 36.78 -15.96
C LYS A 45 -35.40 35.68 -16.83
N PRO A 46 -35.35 35.83 -18.17
CA PRO A 46 -35.99 34.87 -19.10
C PRO A 46 -35.36 33.47 -19.11
N GLY A 47 -36.18 32.44 -18.96
CA GLY A 47 -35.73 31.01 -18.97
C GLY A 47 -35.01 30.64 -17.69
N GLN A 48 -35.35 31.37 -16.64
CA GLN A 48 -34.59 31.42 -15.41
C GLN A 48 -35.54 31.55 -14.24
N SER A 49 -35.25 30.86 -13.14
CA SER A 49 -36.14 30.91 -11.98
C SER A 49 -36.06 32.27 -11.29
N PRO A 50 -37.03 32.60 -10.42
CA PRO A 50 -36.96 33.90 -9.72
C PRO A 50 -35.75 34.03 -8.84
N LYS A 51 -35.44 35.25 -8.44
CA LYS A 51 -34.27 35.51 -7.60
C LYS A 51 -34.58 36.67 -6.64
N PRO A 52 -34.34 36.47 -5.34
CA PRO A 52 -34.72 37.49 -4.38
C PRO A 52 -33.93 38.81 -4.56
N LEU A 53 -34.62 39.90 -4.85
CA LEU A 53 -33.92 41.20 -4.91
C LEU A 53 -34.08 41.93 -3.61
N ILE A 54 -35.26 41.87 -3.04
CA ILE A 54 -35.54 42.55 -1.78
C ILE A 54 -36.56 41.80 -0.92
N TYR A 55 -36.54 42.07 0.39
CA TYR A 55 -37.53 41.60 1.36
C TYR A 55 -37.66 42.69 2.40
N TRP A 56 -38.66 42.60 3.28
CA TRP A 56 -38.99 43.65 4.25
C TRP A 56 -39.10 45.01 3.58
N ALA A 57 -39.79 45.01 2.42
CA ALA A 57 -40.07 46.20 1.59
C ALA A 57 -38.84 47.01 1.21
N SER A 58 -37.84 46.97 2.07
CA SER A 58 -36.83 47.99 2.08
C SER A 58 -35.41 47.47 1.98
N THR A 59 -35.12 46.28 2.49
CA THR A 59 -33.72 45.83 2.61
C THR A 59 -33.27 44.84 1.53
N ARG A 60 -32.04 45.02 1.06
CA ARG A 60 -31.50 44.25 -0.09
C ARG A 60 -30.83 42.93 0.27
N GLU A 61 -31.18 41.85 -0.41
CA GLU A 61 -30.55 40.55 -0.18
C GLU A 61 -29.04 40.59 -0.46
N SER A 62 -28.35 39.57 0.03
CA SER A 62 -26.93 39.44 -0.13
C SER A 62 -26.61 39.64 -1.58
N GLY A 63 -25.69 40.54 -1.87
CA GLY A 63 -25.13 40.65 -3.22
C GLY A 63 -25.86 41.54 -4.21
N VAL A 64 -27.19 41.52 -4.19
CA VAL A 64 -28.04 42.37 -5.05
C VAL A 64 -27.50 43.81 -5.18
N PRO A 65 -27.06 44.19 -6.39
CA PRO A 65 -26.42 45.47 -6.68
C PRO A 65 -27.01 46.61 -5.88
N ASP A 66 -26.13 47.42 -5.29
CA ASP A 66 -26.53 48.57 -4.48
C ASP A 66 -27.48 49.55 -5.26
N ARG A 67 -27.66 49.32 -6.56
CA ARG A 67 -28.43 50.24 -7.43
C ARG A 67 -29.97 50.06 -7.43
N PHE A 68 -30.49 49.28 -6.47
CA PHE A 68 -31.93 49.08 -6.32
C PHE A 68 -32.47 49.79 -5.07
N THR A 69 -33.75 50.17 -5.12
CA THR A 69 -34.48 50.68 -3.94
C THR A 69 -35.94 50.22 -3.94
N GLY A 70 -36.46 49.99 -2.73
CA GLY A 70 -37.84 49.60 -2.52
C GLY A 70 -38.35 50.34 -1.30
N SER A 71 -39.48 51.02 -1.44
CA SER A 71 -40.03 51.72 -0.30
C SER A 71 -41.54 51.80 -0.33
N GLY A 72 -42.07 52.54 0.65
CA GLY A 72 -43.50 52.61 0.88
C GLY A 72 -43.83 51.79 2.09
N SER A 73 -44.96 52.10 2.70
CA SER A 73 -45.42 51.41 3.89
C SER A 73 -46.81 50.84 3.64
N GLY A 74 -47.28 50.00 4.58
CA GLY A 74 -48.68 49.53 4.62
C GLY A 74 -49.24 48.80 3.41
N THR A 75 -49.43 49.52 2.31
CA THR A 75 -50.15 48.99 1.16
C THR A 75 -49.70 49.52 -0.23
N ASP A 76 -48.69 50.40 -0.28
CA ASP A 76 -48.13 50.91 -1.56
C ASP A 76 -46.60 50.75 -1.64
N PHE A 77 -46.14 49.87 -2.55
CA PHE A 77 -44.73 49.49 -2.56
C PHE A 77 -44.03 49.65 -3.91
N THR A 78 -43.02 50.53 -3.89
CA THR A 78 -42.19 50.83 -5.05
C THR A 78 -41.02 49.84 -5.19
N LEU A 79 -40.65 49.55 -6.45
CA LEU A 79 -39.32 49.06 -6.80
C LEU A 79 -38.73 50.03 -7.81
N THR A 80 -37.49 50.44 -7.61
CA THR A 80 -36.89 51.49 -8.44
C THR A 80 -35.47 51.13 -8.87
N ILE A 81 -35.26 50.97 -10.17
CA ILE A 81 -33.89 50.95 -10.67
C ILE A 81 -33.54 52.35 -11.18
N SER A 82 -32.44 52.89 -10.67
CA SER A 82 -31.82 54.06 -11.29
C SER A 82 -30.73 53.58 -12.22
N SER A 83 -30.60 54.22 -13.38
CA SER A 83 -29.66 53.80 -14.43
C SER A 83 -29.67 52.28 -14.76
N VAL A 84 -30.73 51.85 -15.45
CA VAL A 84 -30.97 50.44 -15.81
C VAL A 84 -29.89 49.86 -16.72
N GLN A 85 -29.33 48.70 -16.34
CA GLN A 85 -28.33 48.04 -17.18
C GLN A 85 -29.01 47.12 -18.20
N ALA A 86 -28.32 46.88 -19.32
CA ALA A 86 -28.82 45.97 -20.36
C ALA A 86 -29.15 44.60 -19.78
N GLU A 87 -28.32 44.18 -18.82
CA GLU A 87 -28.39 42.87 -18.15
C GLU A 87 -29.58 42.73 -17.21
N ASP A 88 -30.29 43.83 -17.00
CA ASP A 88 -31.43 43.86 -16.10
C ASP A 88 -32.77 43.57 -16.76
N LEU A 89 -32.73 42.91 -17.92
CA LEU A 89 -33.96 42.49 -18.59
C LEU A 89 -34.54 41.30 -17.87
N ALA A 90 -35.79 41.46 -17.45
CA ALA A 90 -36.46 40.49 -16.58
C ALA A 90 -37.90 40.92 -16.36
N VAL A 91 -38.69 40.04 -15.75
CA VAL A 91 -39.98 40.48 -15.21
C VAL A 91 -39.92 40.48 -13.67
N TYR A 92 -40.65 41.41 -13.06
CA TYR A 92 -40.42 41.76 -11.66
C TYR A 92 -41.64 41.50 -10.81
N TYR A 93 -41.51 40.54 -9.89
CA TYR A 93 -42.60 40.10 -9.05
C TYR A 93 -42.44 40.52 -7.59
N CYS A 94 -43.51 41.06 -7.01
CA CYS A 94 -43.56 41.35 -5.57
C CYS A 94 -44.31 40.20 -4.90
N MET A 95 -43.94 39.86 -3.66
CA MET A 95 -44.58 38.76 -2.91
C MET A 95 -45.02 39.15 -1.51
N GLN A 96 -46.28 38.89 -1.19
CA GLN A 96 -46.79 39.09 0.15
C GLN A 96 -46.40 37.92 1.08
N SER A 97 -45.94 38.24 2.29
CA SER A 97 -45.65 37.21 3.32
C SER A 97 -46.33 37.48 4.68
N TYR A 98 -47.49 38.11 4.65
CA TYR A 98 -48.23 38.42 5.86
C TYR A 98 -49.19 37.28 6.19
N ASN A 99 -50.12 36.98 5.28
CA ASN A 99 -51.01 35.81 5.40
C ASN A 99 -50.52 34.84 4.34
N LEU A 100 -49.73 33.87 4.78
CA LEU A 100 -49.12 32.91 3.88
C LEU A 100 -48.35 33.60 2.74
N PHE A 101 -48.56 33.13 1.51
CA PHE A 101 -47.76 33.60 0.38
C PHE A 101 -48.58 33.87 -0.90
N THR A 102 -48.73 35.15 -1.26
CA THR A 102 -49.53 35.60 -2.40
C THR A 102 -48.70 36.48 -3.31
N PHE A 103 -48.61 36.09 -4.57
CA PHE A 103 -47.79 36.81 -5.54
C PHE A 103 -48.51 37.91 -6.29
N GLY A 104 -47.75 38.82 -6.85
CA GLY A 104 -48.29 39.75 -7.83
C GLY A 104 -48.42 39.03 -9.14
N SER A 105 -48.78 39.78 -10.17
CA SER A 105 -48.85 39.23 -11.50
C SER A 105 -47.63 39.59 -12.34
N GLY A 106 -46.71 40.37 -11.75
CA GLY A 106 -45.45 40.72 -12.41
C GLY A 106 -45.48 41.93 -13.33
N THR A 107 -44.31 42.50 -13.58
CA THR A 107 -44.16 43.68 -14.44
C THR A 107 -42.87 43.58 -15.23
N LYS A 108 -42.99 43.53 -16.55
CA LYS A 108 -41.84 43.30 -17.45
C LYS A 108 -41.16 44.60 -17.89
N LEU A 109 -39.84 44.58 -17.72
CA LEU A 109 -38.99 45.66 -18.12
C LEU A 109 -38.60 45.40 -19.55
N GLU A 110 -38.93 46.34 -20.43
CA GLU A 110 -38.47 46.29 -21.81
C GLU A 110 -37.25 47.20 -21.91
N ILE A 111 -36.38 46.96 -22.90
CA ILE A 111 -35.25 47.86 -23.14
C ILE A 111 -35.21 48.56 -24.52
N LYS A 112 -35.42 49.86 -24.47
CA LYS A 112 -35.34 50.72 -25.65
C LYS A 112 -33.90 50.81 -26.17
N ARG A 113 -33.78 50.82 -27.50
CA ARG A 113 -32.48 50.90 -28.13
C ARG A 113 -32.46 51.95 -29.25
N ALA A 114 -31.39 51.88 -30.04
CA ALA A 114 -31.36 52.44 -31.37
C ALA A 114 -31.72 51.29 -32.32
N ASP A 115 -32.38 51.62 -33.44
CA ASP A 115 -32.79 50.64 -34.46
C ASP A 115 -31.60 49.83 -34.99
N ALA A 116 -31.87 48.62 -35.46
CA ALA A 116 -30.80 47.68 -35.82
C ALA A 116 -31.24 46.72 -36.90
N ALA A 117 -30.40 46.56 -37.93
CA ALA A 117 -30.67 45.59 -39.01
C ALA A 117 -30.45 44.13 -38.57
N PRO A 118 -31.14 43.18 -39.24
CA PRO A 118 -30.92 41.75 -39.02
C PRO A 118 -29.87 41.14 -39.94
N THR A 119 -29.15 40.15 -39.44
CA THR A 119 -28.32 39.32 -40.30
C THR A 119 -29.18 38.18 -40.85
N VAL A 120 -29.37 38.16 -42.16
CA VAL A 120 -30.22 37.15 -42.76
C VAL A 120 -29.45 35.95 -43.31
N SER A 121 -30.00 34.78 -43.04
CA SER A 121 -29.33 33.55 -43.27
C SER A 121 -30.44 32.58 -43.62
N ILE A 122 -30.28 31.91 -44.76
CA ILE A 122 -31.35 31.10 -45.36
C ILE A 122 -30.89 29.64 -45.56
N PHE A 123 -31.79 28.66 -45.43
CA PHE A 123 -31.35 27.26 -45.39
C PHE A 123 -32.26 26.24 -46.07
N PRO A 124 -31.80 25.71 -47.22
CA PRO A 124 -32.48 24.67 -47.99
C PRO A 124 -32.69 23.46 -47.12
N PRO A 125 -33.79 22.73 -47.35
CA PRO A 125 -34.19 21.63 -46.47
C PRO A 125 -33.12 20.59 -46.54
N SER A 126 -32.91 19.86 -45.46
CA SER A 126 -31.78 18.95 -45.39
C SER A 126 -32.00 17.69 -46.18
N SER A 127 -30.88 17.14 -46.65
CA SER A 127 -30.74 15.76 -47.14
C SER A 127 -31.49 14.75 -46.26
N GLU A 128 -31.54 15.07 -44.96
CA GLU A 128 -31.97 14.16 -43.92
C GLU A 128 -33.49 14.21 -43.76
N GLN A 129 -34.07 15.35 -44.13
CA GLN A 129 -35.51 15.61 -44.03
C GLN A 129 -36.23 15.30 -45.34
N LEU A 130 -35.55 15.51 -46.45
CA LEU A 130 -36.13 15.26 -47.76
C LEU A 130 -36.51 13.80 -47.96
N THR A 131 -35.63 12.89 -47.55
CA THR A 131 -35.99 11.46 -47.49
C THR A 131 -36.87 11.20 -46.24
N SER A 132 -37.93 12.01 -46.13
CA SER A 132 -39.00 11.85 -45.12
C SER A 132 -40.29 12.49 -45.64
N GLY A 133 -40.38 12.68 -46.96
CA GLY A 133 -41.51 13.36 -47.57
C GLY A 133 -41.45 14.88 -47.43
N GLY A 134 -40.87 15.35 -46.34
CA GLY A 134 -40.89 16.78 -45.99
C GLY A 134 -39.80 17.70 -46.55
N ALA A 135 -40.15 18.98 -46.57
CA ALA A 135 -39.24 20.05 -46.95
C ALA A 135 -39.57 21.32 -46.15
N SER A 136 -38.54 21.88 -45.53
CA SER A 136 -38.67 23.12 -44.80
C SER A 136 -37.46 23.96 -45.16
N VAL A 137 -37.70 25.09 -45.81
CA VAL A 137 -36.68 26.14 -45.89
C VAL A 137 -36.78 26.93 -44.59
N VAL A 138 -35.63 27.43 -44.10
CA VAL A 138 -35.54 28.22 -42.86
C VAL A 138 -34.82 29.58 -43.02
N CYS A 139 -35.33 30.60 -42.36
CA CYS A 139 -34.69 31.91 -42.43
C CYS A 139 -34.37 32.47 -41.06
N PHE A 140 -33.09 32.71 -40.82
CA PHE A 140 -32.65 33.24 -39.54
C PHE A 140 -32.40 34.74 -39.67
N LEU A 141 -33.18 35.51 -38.90
CA LEU A 141 -33.15 36.99 -38.83
C LEU A 141 -32.55 37.42 -37.50
N ASN A 142 -31.29 37.82 -37.49
CA ASN A 142 -30.50 37.78 -36.25
C ASN A 142 -29.94 39.07 -35.67
N ASN A 143 -30.07 39.18 -34.36
CA ASN A 143 -29.62 40.33 -33.61
C ASN A 143 -30.02 41.69 -34.29
N PHE A 144 -31.31 41.98 -34.16
CA PHE A 144 -31.97 43.14 -34.74
C PHE A 144 -32.95 43.79 -33.74
N TYR A 145 -33.33 45.03 -34.00
CA TYR A 145 -34.27 45.78 -33.16
C TYR A 145 -34.78 46.99 -33.98
N PRO A 146 -36.06 47.40 -33.76
CA PRO A 146 -37.14 46.94 -32.86
C PRO A 146 -37.73 45.56 -33.19
N LYS A 147 -38.56 45.04 -32.29
CA LYS A 147 -39.13 43.70 -32.42
C LYS A 147 -39.99 43.55 -33.67
N ASP A 148 -40.89 44.52 -33.89
CA ASP A 148 -41.83 44.50 -35.02
C ASP A 148 -41.10 44.43 -36.37
N ILE A 149 -41.19 43.26 -37.00
CA ILE A 149 -40.50 43.00 -38.26
C ILE A 149 -41.31 42.03 -39.15
N ASN A 150 -41.30 42.27 -40.47
CA ASN A 150 -42.01 41.40 -41.40
C ASN A 150 -41.06 40.68 -42.36
N VAL A 151 -41.34 39.40 -42.60
CA VAL A 151 -40.60 38.62 -43.58
C VAL A 151 -41.52 38.08 -44.68
N LYS A 152 -41.47 38.66 -45.86
CA LYS A 152 -42.09 37.95 -46.97
C LYS A 152 -41.16 36.89 -47.58
N TRP A 153 -41.69 35.69 -47.76
CA TRP A 153 -41.05 34.65 -48.56
C TRP A 153 -41.43 34.86 -50.03
N LYS A 154 -40.56 34.43 -50.94
CA LYS A 154 -40.85 34.51 -52.39
C LYS A 154 -40.38 33.26 -53.15
N ILE A 155 -41.33 32.46 -53.62
CA ILE A 155 -41.05 31.21 -54.34
C ILE A 155 -41.33 31.34 -55.84
N ASP A 156 -40.31 31.06 -56.66
CA ASP A 156 -40.29 31.36 -58.09
C ASP A 156 -40.56 32.87 -58.32
N GLY A 157 -40.18 33.67 -57.32
CA GLY A 157 -40.40 35.12 -57.33
C GLY A 157 -41.76 35.63 -56.84
N SER A 158 -42.62 34.70 -56.43
CA SER A 158 -44.00 35.02 -56.03
C SER A 158 -44.42 34.41 -54.68
N GLU A 159 -45.04 35.24 -53.84
CA GLU A 159 -45.32 34.97 -52.43
C GLU A 159 -45.92 33.60 -52.06
N ARG A 160 -45.72 33.23 -50.79
CA ARG A 160 -46.44 32.17 -50.12
C ARG A 160 -46.74 32.65 -48.69
N GLN A 161 -47.93 32.33 -48.20
CA GLN A 161 -48.29 32.63 -46.81
C GLN A 161 -48.81 31.34 -46.22
N ASN A 162 -49.27 30.48 -47.13
CA ASN A 162 -49.77 29.15 -46.80
C ASN A 162 -48.67 28.24 -46.23
N GLY A 163 -48.71 28.02 -44.92
CA GLY A 163 -47.76 27.13 -44.26
C GLY A 163 -46.40 27.73 -43.94
N VAL A 164 -46.41 28.86 -43.24
CA VAL A 164 -45.20 29.48 -42.67
C VAL A 164 -45.37 29.57 -41.15
N LEU A 165 -44.26 29.45 -40.41
CA LEU A 165 -44.31 29.60 -38.97
C LEU A 165 -43.24 30.56 -38.49
N ASN A 166 -43.65 31.50 -37.66
CA ASN A 166 -42.74 32.48 -37.07
C ASN A 166 -42.49 32.20 -35.57
N SER A 167 -41.32 32.62 -35.09
CA SER A 167 -40.89 32.36 -33.72
C SER A 167 -39.87 33.44 -33.33
N TRP A 168 -40.22 34.23 -32.31
CA TRP A 168 -39.35 35.30 -31.80
C TRP A 168 -38.66 34.91 -30.52
N THR A 169 -37.50 35.48 -30.35
CA THR A 169 -36.67 35.22 -29.21
C THR A 169 -36.97 36.28 -28.14
N ASP A 170 -36.44 36.08 -26.94
CA ASP A 170 -36.52 37.09 -25.90
C ASP A 170 -35.32 38.03 -26.03
N GLN A 171 -35.59 39.34 -25.90
CA GLN A 171 -34.59 40.39 -25.91
C GLN A 171 -33.29 39.96 -25.23
N ASP A 172 -32.16 40.12 -25.92
CA ASP A 172 -30.84 39.54 -25.53
C ASP A 172 -30.32 40.04 -24.17
N SER A 173 -30.07 39.12 -23.24
CA SER A 173 -29.61 39.46 -21.89
C SER A 173 -28.44 40.43 -21.97
N LYS A 174 -27.48 40.09 -22.82
CA LYS A 174 -26.23 40.82 -22.92
C LYS A 174 -26.32 42.01 -23.88
N ASP A 175 -27.35 42.03 -24.72
CA ASP A 175 -27.37 42.91 -25.91
C ASP A 175 -28.58 43.86 -26.19
N SER A 176 -29.74 43.55 -25.60
CA SER A 176 -30.99 44.33 -25.80
C SER A 176 -31.58 44.13 -27.18
N THR A 177 -31.38 42.94 -27.73
CA THR A 177 -31.60 42.71 -29.16
C THR A 177 -32.38 41.43 -29.49
N TYR A 178 -33.38 41.56 -30.38
CA TYR A 178 -34.27 40.44 -30.75
C TYR A 178 -33.68 39.62 -31.90
N SER A 179 -34.08 38.36 -31.98
CA SER A 179 -33.78 37.54 -33.14
C SER A 179 -35.01 36.66 -33.41
N MET A 180 -35.24 36.24 -34.64
CA MET A 180 -36.44 35.42 -34.92
C MET A 180 -36.35 34.46 -36.11
N SER A 181 -37.15 33.39 -36.10
CA SER A 181 -37.05 32.41 -37.18
C SER A 181 -38.33 32.29 -37.99
N SER A 182 -38.18 31.92 -39.26
CA SER A 182 -39.29 31.67 -40.19
C SER A 182 -39.11 30.33 -40.87
N THR A 183 -40.14 29.50 -40.81
CA THR A 183 -40.07 28.19 -41.44
C THR A 183 -41.22 28.00 -42.41
N LEU A 184 -40.86 27.80 -43.68
CA LEU A 184 -41.84 27.38 -44.66
C LEU A 184 -41.74 25.87 -44.82
N THR A 185 -42.84 25.20 -44.53
CA THR A 185 -42.94 23.78 -44.76
C THR A 185 -43.80 23.50 -45.99
N LEU A 186 -43.11 23.26 -47.11
CA LEU A 186 -43.71 22.71 -48.32
C LEU A 186 -43.65 21.19 -48.16
N THR A 187 -43.30 20.48 -49.24
CA THR A 187 -43.11 19.02 -49.19
C THR A 187 -42.29 18.58 -50.40
N LYS A 188 -41.56 17.46 -50.29
CA LYS A 188 -40.73 16.95 -51.40
C LYS A 188 -41.53 17.00 -52.71
N ASP A 189 -42.71 16.37 -52.70
CA ASP A 189 -43.70 16.49 -53.77
C ASP A 189 -43.90 18.00 -54.11
N GLU A 190 -44.43 18.80 -53.16
CA GLU A 190 -44.76 20.25 -53.33
C GLU A 190 -43.57 21.21 -53.52
N TYR A 191 -42.38 20.73 -53.17
CA TYR A 191 -41.15 21.52 -53.14
C TYR A 191 -40.35 21.30 -54.40
N GLU A 192 -40.08 20.02 -54.73
CA GLU A 192 -39.33 19.65 -55.95
C GLU A 192 -39.80 20.38 -57.23
N ARG A 193 -41.00 20.98 -57.18
CA ARG A 193 -41.51 21.86 -58.26
C ARG A 193 -40.87 23.27 -58.18
N HIS A 194 -41.68 24.34 -58.07
CA HIS A 194 -41.17 25.74 -58.11
C HIS A 194 -39.69 25.82 -57.66
N ASN A 195 -38.88 26.72 -58.24
CA ASN A 195 -37.43 26.59 -58.01
C ASN A 195 -36.59 27.60 -57.22
N SER A 196 -36.91 28.88 -57.30
CA SER A 196 -36.15 29.88 -56.57
C SER A 196 -36.78 30.10 -55.19
N TYR A 197 -35.97 30.03 -54.14
CA TYR A 197 -36.48 30.20 -52.78
C TYR A 197 -35.78 31.35 -52.10
N THR A 198 -36.52 32.39 -51.75
CA THR A 198 -35.88 33.61 -51.26
C THR A 198 -36.53 34.28 -50.04
N CYS A 199 -35.75 35.12 -49.35
CA CYS A 199 -36.12 35.74 -48.08
C CYS A 199 -36.03 37.26 -48.09
N GLU A 200 -37.16 37.93 -47.85
CA GLU A 200 -37.19 39.39 -47.77
C GLU A 200 -37.35 39.81 -46.32
N ALA A 201 -36.88 41.01 -45.95
CA ALA A 201 -36.97 41.48 -44.57
C ALA A 201 -37.23 42.98 -44.43
N THR A 202 -38.48 43.34 -44.13
CA THR A 202 -38.85 44.75 -43.97
C THR A 202 -39.09 45.12 -42.51
N HIS A 203 -38.73 46.36 -42.19
CA HIS A 203 -38.45 46.74 -40.81
C HIS A 203 -39.06 48.11 -40.46
N LYS A 204 -38.74 48.59 -39.25
CA LYS A 204 -38.81 50.01 -38.88
C LYS A 204 -37.44 50.67 -39.22
N THR A 205 -36.46 49.81 -39.54
CA THR A 205 -35.13 50.22 -40.06
C THR A 205 -35.06 50.29 -41.61
N SER A 206 -35.95 49.56 -42.29
CA SER A 206 -35.87 49.37 -43.75
C SER A 206 -37.11 49.80 -44.55
N THR A 207 -36.88 50.27 -45.79
CA THR A 207 -37.92 50.31 -46.82
C THR A 207 -37.50 49.32 -47.90
N SER A 208 -36.35 49.58 -48.51
CA SER A 208 -35.68 48.59 -49.36
C SER A 208 -35.02 47.56 -48.44
N PRO A 209 -35.51 46.30 -48.51
CA PRO A 209 -35.26 45.15 -47.63
C PRO A 209 -33.81 44.66 -47.48
N ILE A 210 -33.66 43.56 -46.74
CA ILE A 210 -32.43 42.76 -46.62
C ILE A 210 -32.77 41.40 -47.25
N VAL A 211 -32.11 41.04 -48.35
CA VAL A 211 -32.52 39.85 -49.11
C VAL A 211 -31.44 38.76 -49.24
N LYS A 212 -31.81 37.55 -48.83
CA LYS A 212 -31.01 36.35 -49.09
C LYS A 212 -31.89 35.31 -49.79
N SER A 213 -31.26 34.39 -50.55
CA SER A 213 -31.99 33.44 -51.42
C SER A 213 -31.15 32.32 -52.01
N PHE A 214 -31.81 31.30 -52.56
CA PHE A 214 -31.13 30.17 -53.24
C PHE A 214 -32.02 29.46 -54.30
N ASN A 215 -31.38 28.85 -55.30
CA ASN A 215 -32.10 28.12 -56.35
C ASN A 215 -31.92 26.61 -56.25
N ARG A 216 -33.02 25.91 -56.00
CA ARG A 216 -33.04 24.46 -55.81
C ARG A 216 -32.39 23.67 -56.95
N ASN A 217 -32.89 23.83 -58.19
CA ASN A 217 -32.39 23.08 -59.38
C ASN A 217 -31.01 23.54 -59.90
N GLU A 218 -30.45 24.56 -59.26
CA GLU A 218 -29.05 24.95 -59.48
C GLU A 218 -28.21 24.40 -58.30
N CYS A 219 -27.35 23.44 -58.60
CA CYS A 219 -26.44 22.79 -57.61
C CYS A 219 -27.13 22.22 -56.35
N VAL B 2 -25.92 25.81 -1.68
CA VAL B 2 -27.30 25.40 -1.29
C VAL B 2 -28.22 25.33 -2.50
N GLN B 3 -28.75 24.14 -2.79
CA GLN B 3 -29.58 23.96 -3.98
C GLN B 3 -30.73 22.95 -3.88
N LEU B 4 -31.77 23.19 -4.69
CA LEU B 4 -32.91 22.30 -4.88
C LEU B 4 -33.04 21.94 -6.36
N LYS B 5 -33.34 20.67 -6.64
CA LYS B 5 -33.44 20.17 -8.02
C LYS B 5 -34.67 19.26 -8.28
N GLU B 6 -35.78 19.88 -8.71
CA GLU B 6 -37.07 19.20 -8.95
C GLU B 6 -37.06 18.20 -10.11
N SER B 7 -37.83 17.12 -9.98
CA SER B 7 -37.77 16.01 -10.93
C SER B 7 -39.08 15.21 -11.08
N GLY B 8 -39.05 14.22 -11.96
CA GLY B 8 -40.10 13.20 -12.00
C GLY B 8 -41.18 13.43 -13.04
N PRO B 9 -42.16 12.49 -13.13
CA PRO B 9 -43.19 12.47 -14.18
C PRO B 9 -43.48 13.86 -14.82
N GLY B 10 -43.23 13.98 -16.14
CA GLY B 10 -43.23 15.27 -16.86
C GLY B 10 -44.34 15.53 -17.89
N LEU B 11 -45.16 14.52 -18.17
CA LEU B 11 -46.45 14.68 -18.87
C LEU B 11 -47.50 13.85 -18.14
N VAL B 12 -48.58 14.50 -17.71
CA VAL B 12 -49.63 13.81 -16.97
C VAL B 12 -51.01 13.97 -17.64
N ALA B 13 -51.67 12.83 -17.90
CA ALA B 13 -52.99 12.79 -18.54
C ALA B 13 -54.08 13.27 -17.59
N PRO B 14 -55.01 14.12 -18.07
CA PRO B 14 -56.04 14.73 -17.22
C PRO B 14 -56.86 13.68 -16.46
N SER B 15 -57.34 14.05 -15.27
CA SER B 15 -58.02 13.15 -14.33
C SER B 15 -57.11 12.08 -13.69
N GLN B 16 -55.81 12.34 -13.62
CA GLN B 16 -54.86 11.38 -13.01
C GLN B 16 -53.86 12.03 -12.04
N SER B 17 -52.82 11.29 -11.66
CA SER B 17 -51.94 11.69 -10.56
C SER B 17 -50.59 12.28 -11.01
N LEU B 18 -50.14 13.31 -10.29
CA LEU B 18 -48.83 13.93 -10.48
C LEU B 18 -47.92 13.61 -9.31
N SER B 19 -46.67 13.26 -9.60
CA SER B 19 -45.68 13.06 -8.55
C SER B 19 -44.34 13.70 -8.88
N ILE B 20 -43.99 14.69 -8.08
CA ILE B 20 -42.73 15.38 -8.24
C ILE B 20 -41.88 14.97 -7.04
N SER B 21 -40.56 15.09 -7.18
CA SER B 21 -39.67 15.05 -6.04
C SER B 21 -38.79 16.31 -6.12
N CYS B 22 -38.29 16.76 -4.97
CA CYS B 22 -37.38 17.92 -4.86
C CYS B 22 -36.19 17.44 -4.05
N SER B 23 -35.04 17.30 -4.69
CA SER B 23 -33.80 16.89 -4.00
C SER B 23 -32.96 18.10 -3.61
N VAL B 24 -32.16 17.97 -2.55
CA VAL B 24 -31.44 19.12 -1.98
C VAL B 24 -29.96 18.89 -1.57
N SER B 25 -29.12 19.89 -1.79
CA SER B 25 -27.80 19.97 -1.12
C SER B 25 -27.63 21.34 -0.48
N GLY B 26 -26.79 21.40 0.54
CA GLY B 26 -26.54 22.63 1.29
C GLY B 26 -27.22 22.78 2.65
N PHE B 27 -28.11 21.84 3.00
CA PHE B 27 -28.89 21.93 4.24
C PHE B 27 -29.73 20.69 4.49
N SER B 28 -30.13 20.50 5.76
CA SER B 28 -30.97 19.35 6.17
C SER B 28 -32.46 19.71 6.32
N LEU B 29 -33.32 18.72 6.11
CA LEU B 29 -34.77 18.94 6.12
C LEU B 29 -35.36 19.10 7.51
N SER B 30 -34.66 18.56 8.50
CA SER B 30 -34.93 18.86 9.91
C SER B 30 -34.62 20.31 10.32
N SER B 31 -33.68 20.96 9.62
CA SER B 31 -33.26 22.29 10.01
C SER B 31 -34.00 23.42 9.27
N TYR B 32 -34.33 23.17 8.00
CA TYR B 32 -35.08 24.14 7.17
C TYR B 32 -36.31 23.46 6.52
N GLY B 33 -37.30 24.27 6.13
CA GLY B 33 -38.51 23.78 5.49
C GLY B 33 -38.66 24.18 4.04
N VAL B 34 -39.36 23.36 3.26
CA VAL B 34 -39.44 23.53 1.81
C VAL B 34 -40.79 24.06 1.30
N HIS B 35 -40.75 24.77 0.18
CA HIS B 35 -41.98 25.25 -0.39
C HIS B 35 -42.19 24.75 -1.80
N TRP B 36 -43.34 25.10 -2.35
CA TRP B 36 -43.68 24.70 -3.67
C TRP B 36 -44.44 25.84 -4.34
N VAL B 37 -43.80 26.45 -5.33
CA VAL B 37 -44.44 27.49 -6.09
C VAL B 37 -44.67 26.98 -7.52
N ARG B 38 -45.81 27.36 -8.08
CA ARG B 38 -46.18 26.98 -9.43
C ARG B 38 -46.22 28.24 -10.25
N GLN B 39 -45.96 28.09 -11.56
CA GLN B 39 -46.04 29.18 -12.55
C GLN B 39 -46.39 28.61 -13.93
N SER B 40 -47.42 29.16 -14.55
CA SER B 40 -47.93 28.72 -15.85
C SER B 40 -46.89 28.82 -16.99
N PRO B 41 -47.27 28.47 -18.26
CA PRO B 41 -46.30 28.74 -19.36
C PRO B 41 -46.46 30.17 -19.95
N GLY B 42 -46.84 31.12 -19.09
CA GLY B 42 -47.09 32.50 -19.48
C GLY B 42 -47.90 33.27 -18.45
N GLN B 43 -47.89 32.82 -17.20
CA GLN B 43 -48.62 33.52 -16.16
C GLN B 43 -47.79 33.83 -14.91
N GLY B 44 -48.42 34.51 -13.95
CA GLY B 44 -47.80 34.85 -12.67
C GLY B 44 -47.60 33.67 -11.76
N LEU B 45 -46.76 33.87 -10.76
CA LEU B 45 -46.46 32.82 -9.80
C LEU B 45 -47.66 32.59 -8.92
N GLU B 46 -47.70 31.43 -8.30
CA GLU B 46 -48.79 31.05 -7.43
C GLU B 46 -48.14 30.06 -6.48
N TRP B 47 -48.40 30.25 -5.19
CA TRP B 47 -47.79 29.41 -4.19
C TRP B 47 -48.71 28.27 -3.90
N LEU B 48 -48.16 27.06 -3.91
CA LEU B 48 -48.97 25.88 -3.65
C LEU B 48 -49.03 25.45 -2.19
N GLY B 49 -47.89 25.37 -1.52
CA GLY B 49 -47.86 24.92 -0.13
C GLY B 49 -46.47 24.80 0.45
N VAL B 50 -46.37 24.21 1.64
CA VAL B 50 -45.09 24.07 2.35
C VAL B 50 -45.10 22.92 3.38
N ILE B 51 -43.94 22.34 3.61
CA ILE B 51 -43.73 21.34 4.63
C ILE B 51 -42.61 21.80 5.55
N TRP B 52 -43.00 22.17 6.77
CA TRP B 52 -42.12 22.86 7.68
C TRP B 52 -40.91 22.05 8.20
N SER B 53 -40.08 22.64 9.06
CA SER B 53 -38.94 21.88 9.62
C SER B 53 -39.43 20.69 10.42
N GLY B 54 -40.60 20.84 11.04
CA GLY B 54 -41.28 19.72 11.72
C GLY B 54 -42.22 18.98 10.78
N GLY B 55 -42.93 17.99 11.33
CA GLY B 55 -43.86 17.16 10.54
C GLY B 55 -45.07 17.85 9.90
N ASN B 56 -45.35 19.07 10.36
CA ASN B 56 -46.54 19.85 9.94
C ASN B 56 -46.57 20.24 8.46
N THR B 57 -47.74 20.62 7.97
CA THR B 57 -47.93 20.85 6.54
C THR B 57 -49.11 21.81 6.21
N HIS B 58 -48.80 22.97 5.59
CA HIS B 58 -49.88 23.86 5.10
C HIS B 58 -49.89 24.15 3.59
N TYR B 59 -50.95 23.70 2.93
CA TYR B 59 -51.23 23.97 1.51
C TYR B 59 -52.23 25.12 1.34
N ASN B 60 -52.67 25.39 0.10
CA ASN B 60 -53.52 26.57 -0.20
C ASN B 60 -55.05 26.38 -0.36
N SER B 61 -55.51 25.11 -0.32
CA SER B 61 -56.95 24.79 -0.20
C SER B 61 -57.84 25.30 -1.33
N ALA B 62 -57.29 26.23 -2.13
CA ALA B 62 -57.88 26.65 -3.39
C ALA B 62 -58.04 25.36 -4.19
N LEU B 63 -56.99 24.54 -4.14
CA LEU B 63 -57.10 23.13 -4.54
C LEU B 63 -57.60 22.29 -3.35
N MET B 64 -58.87 21.87 -3.47
CA MET B 64 -59.67 21.34 -2.36
C MET B 64 -59.03 20.14 -1.64
N SER B 65 -59.18 18.94 -2.20
CA SER B 65 -58.61 17.72 -1.61
C SER B 65 -57.24 17.52 -2.23
N ARG B 66 -57.24 17.59 -3.56
CA ARG B 66 -56.04 17.77 -4.38
C ARG B 66 -54.88 18.38 -3.61
N LEU B 67 -53.77 17.64 -3.48
CA LEU B 67 -52.53 18.08 -2.78
C LEU B 67 -52.16 17.24 -1.57
N SER B 68 -50.87 16.97 -1.45
CA SER B 68 -50.28 16.30 -0.30
C SER B 68 -48.78 16.49 -0.41
N ILE B 69 -48.19 17.18 0.57
CA ILE B 69 -46.72 17.25 0.64
C ILE B 69 -46.18 16.34 1.76
N SER B 70 -45.39 15.35 1.35
CA SER B 70 -44.65 14.50 2.25
C SER B 70 -43.18 14.78 2.00
N LYS B 71 -42.33 14.31 2.89
CA LYS B 71 -40.90 14.42 2.72
C LYS B 71 -40.28 13.28 3.52
N GLU B 72 -39.18 12.74 3.00
CA GLU B 72 -38.39 11.72 3.70
C GLU B 72 -37.08 12.36 4.16
N ASN B 73 -36.89 12.40 5.47
CA ASN B 73 -35.79 13.18 6.05
C ASN B 73 -34.41 12.62 5.77
N SER B 74 -34.21 11.33 6.04
CA SER B 74 -32.93 10.68 5.80
C SER B 74 -32.54 10.70 4.32
N LYS B 75 -33.52 10.45 3.44
CA LYS B 75 -33.27 10.36 2.00
C LYS B 75 -33.11 11.72 1.33
N ASN B 76 -33.14 12.79 2.13
CA ASN B 76 -33.14 14.17 1.63
C ASN B 76 -33.99 14.34 0.35
N GLN B 77 -35.29 14.06 0.49
CA GLN B 77 -36.29 14.30 -0.56
C GLN B 77 -37.66 14.78 -0.06
N VAL B 78 -38.20 15.81 -0.72
CA VAL B 78 -39.58 16.27 -0.54
C VAL B 78 -40.40 15.81 -1.74
N PHE B 79 -41.53 15.17 -1.46
CA PHE B 79 -42.41 14.68 -2.52
C PHE B 79 -43.67 15.55 -2.62
N LEU B 80 -43.94 16.07 -3.82
CA LEU B 80 -45.21 16.74 -4.10
C LEU B 80 -46.12 15.89 -4.97
N LYS B 81 -47.18 15.35 -4.35
CA LYS B 81 -48.20 14.54 -5.03
C LYS B 81 -49.47 15.36 -5.27
N MET B 82 -50.01 15.25 -6.49
CA MET B 82 -51.23 15.97 -6.85
C MET B 82 -52.12 15.11 -7.74
N ASN B 83 -53.27 14.67 -7.20
CA ASN B 83 -54.25 13.90 -7.97
C ASN B 83 -55.33 14.79 -8.62
N SER B 84 -56.10 14.22 -9.55
CA SER B 84 -57.28 14.86 -10.13
C SER B 84 -57.07 16.27 -10.73
N LEU B 85 -56.09 16.41 -11.63
CA LEU B 85 -55.79 17.73 -12.19
C LEU B 85 -56.19 17.99 -13.64
N GLN B 86 -56.86 19.12 -13.85
CA GLN B 86 -57.16 19.58 -15.19
C GLN B 86 -56.01 20.33 -15.85
N THR B 87 -56.24 20.75 -17.08
CA THR B 87 -55.25 21.48 -17.86
C THR B 87 -55.03 22.92 -17.35
N ASP B 88 -55.69 23.29 -16.24
CA ASP B 88 -55.44 24.56 -15.49
C ASP B 88 -54.05 24.51 -14.88
N ASP B 89 -53.61 23.27 -14.64
CA ASP B 89 -52.48 22.99 -13.76
C ASP B 89 -51.22 22.65 -14.55
N THR B 90 -51.30 22.89 -15.86
CA THR B 90 -50.13 22.94 -16.71
C THR B 90 -49.33 24.20 -16.35
N ALA B 91 -48.07 23.99 -15.96
CA ALA B 91 -47.25 25.01 -15.37
C ALA B 91 -45.85 24.45 -15.17
N ILE B 92 -44.93 25.29 -14.72
CA ILE B 92 -43.63 24.85 -14.25
C ILE B 92 -43.82 24.70 -12.75
N TYR B 93 -43.11 23.77 -12.14
CA TYR B 93 -43.29 23.45 -10.72
C TYR B 93 -41.99 23.59 -9.94
N TYR B 94 -41.80 24.79 -9.41
CA TYR B 94 -40.59 25.14 -8.68
C TYR B 94 -40.70 24.66 -7.25
N CYS B 95 -39.62 24.12 -6.71
CA CYS B 95 -39.51 24.02 -5.26
C CYS B 95 -38.46 25.03 -4.84
N ALA B 96 -38.79 25.79 -3.81
CA ALA B 96 -37.92 26.83 -3.32
C ALA B 96 -37.80 26.64 -1.84
N ARG B 97 -36.95 27.43 -1.22
CA ARG B 97 -36.80 27.26 0.19
C ARG B 97 -36.55 28.51 1.01
N VAL B 98 -36.50 28.23 2.30
CA VAL B 98 -36.59 29.13 3.43
C VAL B 98 -38.06 29.46 3.60
N GLY B 99 -38.73 28.79 4.55
CA GLY B 99 -38.15 27.82 5.52
C GLY B 99 -38.91 27.93 6.84
N ILE B 100 -39.21 29.21 7.15
CA ILE B 100 -40.30 29.83 8.01
C ILE B 100 -39.96 30.24 9.48
N TYR B 101 -40.98 30.50 10.31
CA TYR B 101 -40.83 31.47 11.39
C TYR B 101 -40.40 32.80 10.71
N TYR B 102 -39.09 33.02 10.46
CA TYR B 102 -38.68 34.21 9.65
C TYR B 102 -37.27 34.34 8.98
N GLU B 103 -36.47 35.34 9.37
CA GLU B 103 -35.22 35.76 8.65
C GLU B 103 -34.22 34.57 8.36
N GLY B 104 -33.58 34.59 7.19
CA GLY B 104 -32.98 33.41 6.62
C GLY B 104 -33.22 33.39 5.11
N ALA B 105 -34.49 33.32 4.66
CA ALA B 105 -34.89 33.57 3.23
C ALA B 105 -36.40 33.30 2.83
N TRP B 106 -36.96 34.12 1.93
CA TRP B 106 -38.37 34.14 1.45
C TRP B 106 -38.19 33.82 -0.02
N PHE B 107 -38.32 32.53 -0.33
CA PHE B 107 -37.94 31.95 -1.61
C PHE B 107 -36.75 32.69 -2.20
N ALA B 108 -35.67 32.60 -1.44
CA ALA B 108 -34.41 33.20 -1.80
C ALA B 108 -33.55 32.17 -2.48
N TYR B 109 -33.84 30.89 -2.23
CA TYR B 109 -33.35 29.85 -3.12
C TYR B 109 -34.52 29.27 -3.89
N TRP B 110 -34.34 29.06 -5.21
CA TRP B 110 -35.27 28.23 -6.07
C TRP B 110 -34.70 26.92 -6.72
N GLY B 111 -35.52 26.27 -7.53
CA GLY B 111 -35.02 25.18 -8.38
C GLY B 111 -34.90 25.81 -9.74
N GLN B 112 -34.53 25.08 -10.79
CA GLN B 112 -34.75 25.67 -12.11
C GLN B 112 -36.21 25.52 -12.50
N GLY B 113 -36.88 24.55 -11.85
CA GLY B 113 -38.31 24.25 -12.01
C GLY B 113 -38.60 23.19 -13.06
N THR B 114 -39.31 22.13 -12.67
CA THR B 114 -39.71 21.02 -13.59
C THR B 114 -41.09 21.26 -14.29
N LEU B 115 -41.12 21.29 -15.63
CA LEU B 115 -42.33 21.75 -16.38
C LEU B 115 -43.29 20.63 -16.70
N VAL B 116 -44.49 20.78 -16.14
CA VAL B 116 -45.61 19.82 -16.26
C VAL B 116 -46.59 20.24 -17.32
N THR B 117 -46.94 19.29 -18.17
CA THR B 117 -48.01 19.49 -19.14
C THR B 117 -49.17 18.54 -18.82
N VAL B 118 -50.35 19.14 -18.60
CA VAL B 118 -51.60 18.37 -18.49
C VAL B 118 -52.30 18.30 -19.85
N SER B 119 -52.24 17.13 -20.46
CA SER B 119 -52.75 16.87 -21.79
C SER B 119 -52.79 15.35 -21.96
N ALA B 120 -53.57 14.86 -22.92
CA ALA B 120 -53.74 13.41 -23.12
C ALA B 120 -53.18 12.85 -24.46
N ALA B 121 -52.23 13.58 -25.06
CA ALA B 121 -51.62 13.18 -26.34
C ALA B 121 -50.29 12.49 -26.11
N LYS B 122 -50.12 11.31 -26.72
CA LYS B 122 -48.93 10.46 -26.51
C LYS B 122 -47.63 11.19 -26.82
N THR B 123 -46.58 10.85 -26.07
CA THR B 123 -45.32 11.58 -26.14
C THR B 123 -44.57 11.23 -27.41
N THR B 124 -44.17 12.27 -28.15
CA THR B 124 -43.53 12.12 -29.47
C THR B 124 -42.11 12.68 -29.49
N PRO B 125 -41.13 11.82 -29.86
CA PRO B 125 -39.73 12.24 -29.96
C PRO B 125 -39.51 13.23 -31.14
N PRO B 126 -38.36 13.94 -31.16
CA PRO B 126 -38.09 14.89 -32.23
C PRO B 126 -37.27 14.35 -33.40
N SER B 127 -37.53 14.93 -34.58
CA SER B 127 -36.69 14.74 -35.76
C SER B 127 -35.77 15.95 -35.80
N VAL B 128 -34.50 15.74 -36.15
CA VAL B 128 -33.51 16.80 -36.11
C VAL B 128 -32.75 16.92 -37.43
N TYR B 129 -32.80 18.12 -37.98
CA TYR B 129 -32.28 18.38 -39.29
C TYR B 129 -31.20 19.46 -39.22
N PRO B 130 -30.03 19.22 -39.85
CA PRO B 130 -28.89 20.12 -39.76
C PRO B 130 -28.86 21.16 -40.86
N LEU B 131 -29.07 22.42 -40.49
CA LEU B 131 -29.20 23.51 -41.47
C LEU B 131 -27.86 24.17 -41.85
N ALA B 132 -27.05 23.45 -42.65
CA ALA B 132 -25.85 23.95 -43.31
C ALA B 132 -26.22 25.02 -44.35
N PRO B 133 -25.38 26.04 -44.51
CA PRO B 133 -25.67 27.03 -45.54
C PRO B 133 -25.20 26.50 -46.89
N GLY B 134 -26.15 26.19 -47.78
CA GLY B 134 -25.85 25.47 -49.03
C GLY B 134 -24.97 26.18 -50.05
N SER B 135 -24.19 25.40 -50.81
CA SER B 135 -23.22 25.85 -51.86
C SER B 135 -22.38 27.12 -51.60
N ALA B 136 -22.95 28.05 -50.83
CA ALA B 136 -22.26 29.24 -50.31
C ALA B 136 -21.25 28.87 -49.20
N ALA B 137 -21.03 29.79 -48.26
CA ALA B 137 -19.91 29.78 -47.28
C ALA B 137 -18.54 30.09 -47.92
N GLN B 138 -18.26 31.37 -48.13
CA GLN B 138 -19.17 32.50 -47.84
C GLN B 138 -18.60 33.85 -48.31
N THR B 139 -19.10 34.92 -47.70
CA THR B 139 -18.57 36.29 -47.85
C THR B 139 -18.74 37.00 -46.48
N ASN B 140 -19.88 36.71 -45.83
CA ASN B 140 -20.14 37.05 -44.42
C ASN B 140 -19.06 36.42 -43.54
N SER B 141 -18.06 37.22 -43.18
CA SER B 141 -16.96 36.79 -42.30
C SER B 141 -17.46 36.37 -40.90
N MET B 142 -18.58 35.66 -40.90
CA MET B 142 -19.17 34.97 -39.76
C MET B 142 -20.20 34.02 -40.36
N VAL B 143 -19.78 32.78 -40.62
CA VAL B 143 -20.68 31.72 -41.06
C VAL B 143 -21.69 31.42 -39.94
N THR B 144 -22.97 31.72 -40.18
CA THR B 144 -24.02 31.48 -39.19
C THR B 144 -24.78 30.21 -39.54
N LEU B 145 -24.67 29.21 -38.68
CA LEU B 145 -25.23 27.87 -38.92
C LEU B 145 -26.55 27.68 -38.20
N GLY B 146 -27.06 26.45 -38.21
CA GLY B 146 -28.32 26.18 -37.52
C GLY B 146 -28.78 24.75 -37.52
N CYS B 147 -29.94 24.52 -36.90
CA CYS B 147 -30.38 23.18 -36.58
C CYS B 147 -31.87 23.18 -36.23
N LEU B 148 -32.65 22.45 -37.02
CA LEU B 148 -34.13 22.33 -36.90
C LEU B 148 -34.55 21.10 -36.07
N VAL B 149 -35.40 21.33 -35.07
CA VAL B 149 -35.88 20.29 -34.16
C VAL B 149 -37.38 20.22 -34.34
N LYS B 150 -37.86 19.08 -34.81
CA LYS B 150 -39.12 19.12 -35.52
C LYS B 150 -40.09 17.99 -35.17
N GLY B 151 -41.31 18.42 -34.84
CA GLY B 151 -42.46 17.55 -34.57
C GLY B 151 -42.34 16.66 -33.34
N TYR B 152 -42.24 17.28 -32.16
CA TYR B 152 -42.17 16.51 -30.92
C TYR B 152 -43.29 16.83 -29.96
N PHE B 153 -43.36 16.05 -28.87
CA PHE B 153 -44.30 16.31 -27.76
C PHE B 153 -43.92 15.47 -26.53
N PRO B 154 -44.05 16.04 -25.31
CA PRO B 154 -44.30 17.44 -24.99
C PRO B 154 -42.98 18.19 -24.79
N GLU B 155 -43.07 19.40 -24.25
CA GLU B 155 -41.88 20.13 -23.86
C GLU B 155 -41.40 19.71 -22.45
N PRO B 156 -40.15 20.04 -22.11
CA PRO B 156 -39.27 20.91 -22.86
C PRO B 156 -38.45 20.15 -23.87
N VAL B 157 -37.61 20.87 -24.61
CA VAL B 157 -36.50 20.25 -25.32
C VAL B 157 -35.25 21.13 -25.25
N THR B 158 -34.12 20.46 -25.00
CA THR B 158 -32.84 21.11 -24.79
C THR B 158 -31.92 20.98 -26.01
N VAL B 159 -31.47 22.13 -26.51
CA VAL B 159 -30.51 22.23 -27.61
C VAL B 159 -29.18 22.76 -27.10
N THR B 160 -28.10 22.04 -27.36
CA THR B 160 -26.75 22.55 -27.10
C THR B 160 -25.91 22.37 -28.37
N TRP B 161 -24.69 22.90 -28.36
CA TRP B 161 -23.82 22.89 -29.54
C TRP B 161 -22.41 22.49 -29.17
N ASN B 162 -21.82 21.57 -29.93
CA ASN B 162 -20.51 21.01 -29.59
C ASN B 162 -20.44 20.43 -28.15
N SER B 163 -21.55 19.83 -27.71
CA SER B 163 -21.70 19.27 -26.35
C SER B 163 -21.56 20.35 -25.26
N GLY B 164 -21.95 21.58 -25.58
CA GLY B 164 -21.91 22.66 -24.61
C GLY B 164 -20.80 23.69 -24.82
N SER B 165 -19.83 23.36 -25.66
CA SER B 165 -18.67 24.24 -25.88
C SER B 165 -19.05 25.61 -26.43
N LEU B 166 -20.23 25.70 -27.03
CA LEU B 166 -20.77 26.95 -27.52
C LEU B 166 -22.07 27.29 -26.80
N SER B 167 -22.09 28.44 -26.13
CA SER B 167 -23.29 28.94 -25.45
C SER B 167 -23.34 30.47 -25.40
N SER B 168 -22.51 31.10 -26.23
CA SER B 168 -22.80 32.44 -26.71
C SER B 168 -22.70 32.38 -28.24
N GLY B 169 -23.61 33.07 -28.92
CA GLY B 169 -23.72 32.99 -30.37
C GLY B 169 -24.80 32.01 -30.79
N VAL B 170 -25.31 31.26 -29.81
CA VAL B 170 -26.47 30.40 -30.02
C VAL B 170 -27.72 31.25 -29.77
N HIS B 171 -28.60 31.32 -30.75
CA HIS B 171 -29.93 31.85 -30.52
C HIS B 171 -30.83 30.64 -30.76
N THR B 172 -31.62 30.27 -29.75
CA THR B 172 -32.54 29.12 -29.83
C THR B 172 -33.97 29.60 -29.64
N PHE B 173 -34.83 29.35 -30.63
CA PHE B 173 -36.16 29.92 -30.68
C PHE B 173 -37.23 29.05 -30.01
N PRO B 174 -38.21 29.66 -29.31
CA PRO B 174 -39.25 28.85 -28.67
C PRO B 174 -40.09 28.07 -29.67
N ALA B 175 -40.62 26.95 -29.22
CA ALA B 175 -41.35 26.00 -30.06
C ALA B 175 -42.73 26.49 -30.52
N VAL B 176 -43.13 25.98 -31.69
CA VAL B 176 -44.41 26.34 -32.29
C VAL B 176 -45.27 25.08 -32.36
N LEU B 177 -46.58 25.26 -32.27
CA LEU B 177 -47.53 24.17 -32.12
C LEU B 177 -48.23 23.83 -33.44
N GLN B 178 -47.61 23.00 -34.27
CA GLN B 178 -48.27 22.55 -35.52
C GLN B 178 -49.13 21.30 -35.29
N SER B 179 -50.38 21.36 -35.77
CA SER B 179 -51.40 20.35 -35.45
C SER B 179 -51.37 20.06 -33.95
N ASP B 180 -50.94 18.86 -33.58
CA ASP B 180 -50.85 18.47 -32.18
C ASP B 180 -49.37 18.26 -31.77
N LEU B 181 -48.42 18.81 -32.54
CA LEU B 181 -46.96 18.63 -32.29
C LEU B 181 -46.09 19.91 -32.33
N TYR B 182 -45.24 20.07 -31.31
CA TYR B 182 -44.25 21.19 -31.18
C TYR B 182 -43.05 21.12 -32.14
N THR B 183 -42.55 22.27 -32.60
CA THR B 183 -41.32 22.32 -33.42
C THR B 183 -40.48 23.59 -33.24
N LEU B 184 -39.17 23.41 -33.21
CA LEU B 184 -38.20 24.40 -32.75
C LEU B 184 -36.99 24.45 -33.66
N SER B 185 -36.36 25.62 -33.71
CA SER B 185 -35.11 25.73 -34.44
C SER B 185 -34.12 26.52 -33.60
N SER B 186 -32.85 26.41 -33.94
CA SER B 186 -31.77 27.01 -33.18
C SER B 186 -30.62 27.38 -34.08
N SER B 187 -30.19 28.63 -33.98
CA SER B 187 -29.07 29.08 -34.77
C SER B 187 -27.89 28.99 -33.87
N VAL B 188 -26.72 29.17 -34.48
CA VAL B 188 -25.44 29.33 -33.79
C VAL B 188 -24.68 30.27 -34.73
N THR B 189 -23.77 31.12 -34.24
CA THR B 189 -23.09 32.02 -35.19
C THR B 189 -21.55 32.14 -35.01
N VAL B 190 -20.88 30.99 -35.05
CA VAL B 190 -19.42 30.88 -34.98
C VAL B 190 -18.66 31.71 -36.01
N PRO B 191 -17.34 31.91 -35.78
CA PRO B 191 -16.46 32.60 -36.73
C PRO B 191 -16.39 31.87 -38.04
N SER B 192 -16.28 32.64 -39.13
CA SER B 192 -16.05 32.07 -40.47
C SER B 192 -14.81 31.14 -40.55
N SER B 193 -13.68 31.60 -40.01
CA SER B 193 -12.42 30.85 -40.00
C SER B 193 -12.39 29.70 -38.99
N THR B 194 -13.56 29.24 -38.58
CA THR B 194 -13.71 27.98 -37.87
C THR B 194 -14.94 27.27 -38.38
N TRP B 195 -15.07 27.17 -39.71
CA TRP B 195 -16.08 26.32 -40.36
C TRP B 195 -16.06 26.44 -41.88
N PRO B 196 -15.80 25.32 -42.61
CA PRO B 196 -15.67 23.87 -42.36
C PRO B 196 -14.84 23.39 -41.16
N SER B 197 -13.59 23.86 -41.05
CA SER B 197 -12.67 23.52 -39.95
C SER B 197 -13.24 23.83 -38.56
N GLU B 198 -12.93 23.03 -37.54
CA GLU B 198 -13.66 23.08 -36.23
C GLU B 198 -15.11 22.63 -36.47
N THR B 199 -15.31 21.31 -36.46
CA THR B 199 -16.62 20.66 -36.56
C THR B 199 -17.60 21.30 -35.60
N VAL B 200 -18.83 21.52 -36.05
CA VAL B 200 -19.86 22.18 -35.26
C VAL B 200 -21.13 21.35 -35.29
N THR B 201 -21.60 20.95 -34.10
CA THR B 201 -22.67 19.94 -33.92
C THR B 201 -23.80 20.37 -32.94
N CYS B 202 -25.08 20.16 -33.30
CA CYS B 202 -26.18 20.36 -32.33
C CYS B 202 -26.57 19.06 -31.59
N ASN B 203 -26.79 19.21 -30.29
CA ASN B 203 -27.10 18.10 -29.40
C ASN B 203 -28.40 18.33 -28.66
N VAL B 204 -29.46 17.99 -29.36
CA VAL B 204 -30.82 18.17 -28.90
C VAL B 204 -31.28 16.91 -28.20
N ALA B 205 -31.52 17.01 -26.89
CA ALA B 205 -31.95 15.88 -26.04
C ALA B 205 -33.39 16.11 -25.58
N HIS B 206 -34.14 15.01 -25.38
CA HIS B 206 -35.58 15.07 -25.09
C HIS B 206 -35.96 14.11 -23.97
N PRO B 207 -36.08 14.64 -22.74
CA PRO B 207 -36.19 13.84 -21.52
C PRO B 207 -37.47 13.03 -21.50
N ALA B 208 -38.50 13.59 -22.13
CA ALA B 208 -39.85 13.06 -22.07
C ALA B 208 -39.99 11.86 -22.98
N SER B 209 -39.10 11.75 -23.98
CA SER B 209 -39.13 10.58 -24.84
C SER B 209 -38.03 9.53 -24.50
N SER B 210 -37.12 9.93 -23.59
CA SER B 210 -35.83 9.28 -23.35
C SER B 210 -35.02 9.16 -24.65
N THR B 211 -34.44 10.28 -25.07
CA THR B 211 -33.94 10.44 -26.42
C THR B 211 -32.83 11.46 -26.47
N LYS B 212 -31.61 11.02 -26.72
CA LYS B 212 -30.52 11.99 -26.93
C LYS B 212 -30.00 11.91 -28.35
N VAL B 213 -29.87 13.06 -29.00
CA VAL B 213 -29.40 13.09 -30.38
C VAL B 213 -28.31 14.15 -30.58
N ASP B 214 -27.33 13.75 -31.38
CA ASP B 214 -26.20 14.56 -31.75
C ASP B 214 -26.17 14.49 -33.25
N LYS B 215 -26.41 15.62 -33.91
CA LYS B 215 -26.32 15.68 -35.35
C LYS B 215 -25.18 16.58 -35.80
N LYS B 216 -24.16 15.99 -36.41
CA LYS B 216 -23.07 16.76 -37.04
C LYS B 216 -23.64 17.65 -38.15
N ILE B 217 -22.91 18.67 -38.56
CA ILE B 217 -23.42 19.60 -39.58
C ILE B 217 -22.44 19.73 -40.75
N VAL B 218 -22.72 18.99 -41.83
CA VAL B 218 -21.78 18.85 -42.96
C VAL B 218 -21.90 19.95 -44.03
N PRO B 219 -20.76 20.53 -44.46
CA PRO B 219 -20.73 21.65 -45.40
C PRO B 219 -21.28 21.32 -46.78
N ARG B 220 -21.51 22.37 -47.58
CA ARG B 220 -22.07 22.28 -48.92
C ARG B 220 -23.44 21.61 -48.91
N CYS C 1 -27.32 23.74 10.84
CA CYS C 1 -27.07 24.90 11.74
C CYS C 1 -26.73 26.13 10.88
N PRO C 2 -27.34 27.30 11.20
CA PRO C 2 -27.29 28.53 10.39
C PRO C 2 -26.08 29.40 10.71
N GLY C 3 -25.80 30.37 9.84
CA GLY C 3 -24.61 31.23 9.93
C GLY C 3 -24.14 31.71 11.30
N ALA C 4 -22.93 31.30 11.68
CA ALA C 4 -22.23 31.71 12.93
C ALA C 4 -22.94 31.42 14.27
N CYS C 5 -23.36 30.17 14.44
CA CYS C 5 -24.03 29.71 15.66
C CYS C 5 -23.39 28.42 16.11
N VAL C 6 -23.24 28.27 17.41
CA VAL C 6 -22.76 27.03 17.99
C VAL C 6 -23.88 25.98 17.95
N CYS C 7 -23.50 24.72 17.75
CA CYS C 7 -24.48 23.61 17.78
C CYS C 7 -23.82 22.35 18.38
N TYR C 8 -24.28 21.95 19.57
CA TYR C 8 -23.76 20.77 20.28
C TYR C 8 -24.85 19.92 20.92
N ASN C 9 -24.59 18.62 21.04
CA ASN C 9 -25.59 17.63 21.47
C ASN C 9 -25.56 17.25 22.94
N GLU C 10 -24.38 17.32 23.55
CA GLU C 10 -24.24 17.12 24.99
C GLU C 10 -23.85 18.44 25.68
N PRO C 11 -24.44 18.70 26.86
CA PRO C 11 -25.38 17.84 27.59
C PRO C 11 -26.71 17.68 26.86
N LYS C 12 -27.31 18.80 26.44
CA LYS C 12 -28.57 18.78 25.69
C LYS C 12 -28.37 19.41 24.32
N VAL C 13 -29.24 19.07 23.37
CA VAL C 13 -29.09 19.58 22.02
C VAL C 13 -29.36 21.09 22.06
N THR C 14 -28.52 21.86 21.38
CA THR C 14 -28.39 23.26 21.69
C THR C 14 -28.01 24.13 20.49
N THR C 15 -28.73 25.24 20.34
CA THR C 15 -28.42 26.26 19.34
C THR C 15 -28.07 27.54 20.06
N SER C 16 -26.78 27.87 20.07
CA SER C 16 -26.32 29.09 20.70
C SER C 16 -26.00 30.13 19.63
N CYS C 17 -26.80 31.18 19.58
CA CYS C 17 -26.61 32.25 18.61
C CYS C 17 -26.53 33.60 19.30
N PRO C 18 -25.69 33.71 20.33
CA PRO C 18 -25.69 34.93 21.14
C PRO C 18 -25.02 36.12 20.43
N GLN C 19 -25.64 37.29 20.53
CA GLN C 19 -25.25 38.49 19.77
C GLN C 19 -24.54 38.25 18.44
N GLN C 20 -25.27 37.69 17.49
CA GLN C 20 -24.81 37.61 16.11
C GLN C 20 -25.09 38.91 15.37
N GLY C 21 -26.06 39.66 15.85
CA GLY C 21 -26.53 40.86 15.18
C GLY C 21 -27.77 40.59 14.35
N LEU C 22 -28.53 39.57 14.77
CA LEU C 22 -29.66 39.03 14.03
C LEU C 22 -30.88 39.93 14.07
N GLN C 23 -31.48 40.18 12.91
CA GLN C 23 -32.60 41.14 12.79
C GLN C 23 -33.95 40.51 13.15
N ALA C 24 -33.96 39.18 13.15
CA ALA C 24 -35.12 38.45 13.60
C ALA C 24 -34.77 37.00 13.87
N VAL C 25 -35.78 36.27 14.31
CA VAL C 25 -35.70 34.84 14.56
C VAL C 25 -35.20 34.04 13.33
N PRO C 26 -34.08 33.32 13.46
CA PRO C 26 -33.45 32.66 12.31
C PRO C 26 -34.15 31.42 11.75
N THR C 27 -34.12 31.26 10.44
CA THR C 27 -34.48 29.98 9.89
C THR C 27 -33.27 29.11 10.14
N GLY C 28 -33.49 27.80 10.22
CA GLY C 28 -32.40 26.84 10.29
C GLY C 28 -32.27 26.05 11.58
N ILE C 29 -32.89 26.53 12.66
CA ILE C 29 -32.80 25.92 14.01
C ILE C 29 -33.39 24.51 14.05
N PRO C 30 -32.55 23.50 14.33
CA PRO C 30 -33.03 22.12 14.22
C PRO C 30 -34.22 21.82 15.12
N ALA C 31 -35.13 20.97 14.67
CA ALA C 31 -36.31 20.55 15.46
C ALA C 31 -35.94 19.71 16.70
N SER C 32 -34.80 19.05 16.59
CA SER C 32 -34.16 18.32 17.67
C SER C 32 -33.84 19.24 18.87
N SER C 33 -33.56 20.52 18.57
CA SER C 33 -33.18 21.58 19.55
C SER C 33 -33.83 21.49 20.91
N GLN C 34 -32.99 21.42 21.95
CA GLN C 34 -33.48 21.27 23.32
C GLN C 34 -33.31 22.57 24.06
N ARG C 35 -32.46 23.43 23.52
CA ARG C 35 -32.18 24.71 24.11
C ARG C 35 -31.86 25.65 23.00
N ILE C 36 -32.52 26.79 22.99
CA ILE C 36 -32.25 27.80 21.96
C ILE C 36 -31.83 29.09 22.64
N PHE C 37 -30.62 29.55 22.34
CA PHE C 37 -30.17 30.82 22.92
C PHE C 37 -30.13 31.89 21.83
N LEU C 38 -31.10 32.79 21.84
CA LEU C 38 -31.11 33.86 20.83
C LEU C 38 -30.89 35.25 21.39
N HIS C 39 -30.08 35.36 22.44
CA HIS C 39 -30.03 36.57 23.27
C HIS C 39 -28.89 37.55 23.02
N GLY C 40 -29.25 38.84 23.04
CA GLY C 40 -28.28 39.85 22.73
C GLY C 40 -28.35 40.21 21.26
N ASN C 41 -29.15 39.48 20.50
CA ASN C 41 -29.36 39.85 19.10
C ASN C 41 -30.17 41.15 18.96
N ARG C 42 -30.69 41.48 17.78
CA ARG C 42 -31.51 42.69 17.66
C ARG C 42 -32.85 42.43 17.01
N ILE C 43 -33.48 41.34 17.45
CA ILE C 43 -34.79 40.90 16.94
C ILE C 43 -35.91 41.81 17.46
N SER C 44 -36.85 42.18 16.60
CA SER C 44 -37.94 43.07 17.03
C SER C 44 -39.34 42.44 17.01
N TYR C 45 -39.44 41.13 16.78
CA TYR C 45 -40.71 40.41 16.86
C TYR C 45 -40.45 38.91 16.94
N VAL C 46 -41.31 38.21 17.66
CA VAL C 46 -41.33 36.76 17.62
C VAL C 46 -42.56 36.38 16.81
N PRO C 47 -42.34 35.86 15.59
CA PRO C 47 -43.48 35.55 14.71
C PRO C 47 -44.40 34.46 15.28
N ALA C 48 -45.62 34.37 14.74
CA ALA C 48 -46.50 33.28 15.07
C ALA C 48 -45.78 31.96 14.80
N ALA C 49 -45.77 31.08 15.80
CA ALA C 49 -45.22 29.71 15.67
C ALA C 49 -43.77 29.67 15.20
N SER C 50 -42.91 30.40 15.89
CA SER C 50 -41.50 30.47 15.55
C SER C 50 -40.84 29.14 15.80
N PHE C 51 -40.87 28.72 17.06
CA PHE C 51 -40.16 27.51 17.48
C PHE C 51 -41.05 26.28 17.48
N GLN C 52 -42.12 26.34 16.70
CA GLN C 52 -43.13 25.27 16.68
C GLN C 52 -42.59 23.88 16.34
N SER C 53 -41.55 23.80 15.50
CA SER C 53 -40.99 22.51 15.12
C SER C 53 -40.31 21.80 16.28
N CYS C 54 -39.61 22.57 17.11
CA CYS C 54 -38.79 22.04 18.21
C CYS C 54 -39.61 21.54 19.39
N ARG C 55 -40.29 20.41 19.19
CA ARG C 55 -41.25 19.95 20.20
C ARG C 55 -40.54 19.45 21.44
N ASN C 56 -39.23 19.65 21.48
CA ASN C 56 -38.45 19.22 22.63
C ASN C 56 -37.91 20.33 23.47
N LEU C 57 -38.19 21.56 23.05
CA LEU C 57 -37.66 22.74 23.73
C LEU C 57 -37.97 22.74 25.23
N THR C 58 -36.94 22.90 26.07
CA THR C 58 -37.08 23.05 27.54
C THR C 58 -36.51 24.37 28.07
N ILE C 59 -35.63 24.99 27.28
CA ILE C 59 -35.05 26.28 27.63
C ILE C 59 -34.88 27.12 26.37
N LEU C 60 -35.42 28.34 26.40
CA LEU C 60 -35.27 29.28 25.32
C LEU C 60 -35.02 30.69 25.86
N TRP C 61 -33.93 31.34 25.47
CA TRP C 61 -33.75 32.74 25.86
C TRP C 61 -33.86 33.71 24.70
N LEU C 62 -34.66 34.76 24.92
CA LEU C 62 -34.69 35.85 23.96
C LEU C 62 -34.53 37.17 24.68
N HIS C 63 -33.64 37.21 25.67
CA HIS C 63 -33.46 38.46 26.38
C HIS C 63 -32.42 39.37 25.71
N SER C 64 -32.54 40.67 25.97
CA SER C 64 -31.56 41.67 25.53
C SER C 64 -31.54 41.85 24.01
N ASN C 65 -32.72 41.74 23.41
CA ASN C 65 -32.93 42.10 22.02
C ASN C 65 -33.68 43.40 22.01
N ALA C 66 -34.31 43.70 20.88
CA ALA C 66 -35.08 44.93 20.70
C ALA C 66 -36.57 44.64 20.47
N LEU C 67 -37.12 43.78 21.31
CA LEU C 67 -38.51 43.35 21.19
C LEU C 67 -39.49 44.50 21.23
N ALA C 68 -40.32 44.57 20.19
CA ALA C 68 -41.48 45.45 20.14
C ALA C 68 -42.81 44.71 20.43
N GLY C 69 -42.96 43.48 19.92
CA GLY C 69 -44.11 42.65 20.27
C GLY C 69 -43.75 41.17 20.19
N ILE C 70 -44.39 40.35 21.00
CA ILE C 70 -44.42 38.91 20.78
C ILE C 70 -45.79 38.69 20.20
N ASP C 71 -45.90 37.90 19.13
CA ASP C 71 -47.20 37.53 18.59
C ASP C 71 -47.87 36.53 19.55
N ALA C 72 -49.20 36.57 19.60
CA ALA C 72 -49.99 35.91 20.64
C ALA C 72 -49.81 34.38 20.72
N ALA C 73 -49.55 33.74 19.60
CA ALA C 73 -49.25 32.30 19.59
C ALA C 73 -47.80 32.02 19.17
N ALA C 74 -46.87 32.79 19.74
CA ALA C 74 -45.46 32.63 19.39
C ALA C 74 -44.95 31.30 19.93
N PHE C 75 -45.34 30.98 21.16
CA PHE C 75 -44.86 29.79 21.84
C PHE C 75 -45.80 28.62 21.68
N THR C 76 -46.62 28.65 20.64
CA THR C 76 -47.42 27.48 20.32
C THR C 76 -46.48 26.34 20.00
N GLY C 77 -46.91 25.13 20.35
CA GLY C 77 -46.21 23.88 20.04
C GLY C 77 -45.20 23.44 21.10
N LEU C 78 -44.96 24.29 22.10
CA LEU C 78 -43.88 24.10 23.06
C LEU C 78 -44.32 23.55 24.43
N THR C 79 -44.97 22.39 24.41
CA THR C 79 -45.44 21.72 25.63
C THR C 79 -44.40 21.66 26.77
N LEU C 80 -43.18 21.27 26.43
CA LEU C 80 -42.14 20.98 27.40
C LEU C 80 -41.32 22.19 27.91
N LEU C 81 -41.50 23.36 27.31
CA LEU C 81 -40.69 24.52 27.65
C LEU C 81 -40.63 24.76 29.13
N GLU C 82 -39.42 24.76 29.69
CA GLU C 82 -39.22 24.94 31.14
C GLU C 82 -38.73 26.32 31.50
N GLN C 83 -37.75 26.82 30.77
CA GLN C 83 -37.27 28.17 31.03
C GLN C 83 -37.52 29.08 29.87
N LEU C 84 -38.06 30.25 30.18
CA LEU C 84 -38.33 31.28 29.20
C LEU C 84 -37.84 32.62 29.71
N ASP C 85 -36.84 33.18 29.02
CA ASP C 85 -36.26 34.49 29.38
C ASP C 85 -36.63 35.50 28.31
N LEU C 86 -37.28 36.59 28.73
CA LEU C 86 -37.67 37.67 27.79
C LEU C 86 -37.34 39.09 28.26
N SER C 87 -36.17 39.28 28.86
CA SER C 87 -35.87 40.55 29.52
C SER C 87 -34.94 41.52 28.74
N ASP C 88 -34.45 42.55 29.41
CA ASP C 88 -33.71 43.68 28.78
C ASP C 88 -34.29 44.08 27.41
N ASN C 89 -35.59 43.78 27.21
CA ASN C 89 -36.34 44.15 25.98
C ASN C 89 -37.10 45.51 26.03
N ALA C 90 -36.48 46.46 26.74
CA ALA C 90 -36.92 47.85 27.00
C ALA C 90 -38.26 48.31 26.46
N GLN C 91 -38.43 48.22 25.14
CA GLN C 91 -39.53 48.91 24.44
C GLN C 91 -40.74 48.01 24.05
N LEU C 92 -40.77 46.79 24.61
CA LEU C 92 -41.81 45.79 24.32
C LEU C 92 -43.23 46.21 24.75
N ARG C 93 -43.39 46.55 26.04
CA ARG C 93 -44.61 47.17 26.63
C ARG C 93 -45.88 46.31 26.90
N VAL C 94 -46.34 45.50 25.94
CA VAL C 94 -47.55 44.65 26.16
C VAL C 94 -47.35 43.21 25.71
N VAL C 95 -47.89 42.25 26.45
CA VAL C 95 -47.89 40.84 26.00
C VAL C 95 -49.32 40.31 25.89
N ASP C 96 -49.77 39.98 24.68
CA ASP C 96 -51.14 39.50 24.54
C ASP C 96 -51.43 38.43 25.60
N PRO C 97 -52.46 38.67 26.41
CA PRO C 97 -52.95 37.80 27.48
C PRO C 97 -53.07 36.30 27.14
N THR C 98 -53.04 35.92 25.87
CA THR C 98 -53.09 34.49 25.51
C THR C 98 -51.70 33.89 25.20
N THR C 99 -50.67 34.74 25.25
CA THR C 99 -49.31 34.38 24.87
C THR C 99 -48.75 33.12 25.54
N PHE C 100 -49.20 32.84 26.77
CA PHE C 100 -48.62 31.73 27.53
C PHE C 100 -49.49 30.50 27.63
N ARG C 101 -50.64 30.55 26.97
CA ARG C 101 -51.57 29.46 27.04
C ARG C 101 -50.85 28.14 26.75
N GLY C 102 -51.10 27.17 27.64
CA GLY C 102 -50.63 25.80 27.48
C GLY C 102 -49.13 25.52 27.60
N LEU C 103 -48.33 26.45 28.16
CA LEU C 103 -46.92 26.15 28.52
C LEU C 103 -46.84 25.39 29.85
N GLY C 104 -47.46 24.22 29.85
CA GLY C 104 -47.80 23.51 31.06
C GLY C 104 -46.64 23.20 31.96
N HIS C 105 -45.52 22.78 31.37
CA HIS C 105 -44.35 22.37 32.16
C HIS C 105 -43.32 23.51 32.25
N LEU C 106 -43.78 24.75 32.42
CA LEU C 106 -42.85 25.86 32.60
C LEU C 106 -42.48 26.12 34.07
N HIS C 107 -41.16 26.09 34.34
CA HIS C 107 -40.50 26.23 35.68
C HIS C 107 -40.26 27.71 36.02
N THR C 108 -39.78 28.47 35.05
CA THR C 108 -39.21 29.79 35.29
C THR C 108 -39.63 30.71 34.15
N LEU C 109 -40.12 31.89 34.47
CA LEU C 109 -40.40 32.88 33.43
C LEU C 109 -39.93 34.28 33.80
N HIS C 110 -39.08 34.83 32.93
CA HIS C 110 -38.44 36.14 33.11
C HIS C 110 -39.14 37.27 32.33
N LEU C 111 -39.85 38.19 32.97
CA LEU C 111 -40.13 39.45 32.26
C LEU C 111 -39.57 40.67 33.00
N ASP C 112 -38.47 40.45 33.78
CA ASP C 112 -37.68 41.54 34.38
C ASP C 112 -37.61 42.61 33.31
N ARG C 113 -37.75 43.88 33.72
CA ARG C 113 -37.46 45.08 32.87
C ARG C 113 -37.85 45.11 31.35
N CYS C 114 -39.15 45.19 31.07
CA CYS C 114 -39.68 45.23 29.69
C CYS C 114 -40.57 46.44 29.41
N GLY C 115 -40.68 47.36 30.37
CA GLY C 115 -41.64 48.47 30.30
C GLY C 115 -43.11 48.07 30.11
N LEU C 116 -43.51 46.99 30.80
CA LEU C 116 -44.88 46.48 30.74
C LEU C 116 -45.90 47.40 31.40
N GLN C 117 -46.76 48.03 30.62
CA GLN C 117 -47.75 48.90 31.23
C GLN C 117 -48.93 48.16 31.90
N GLU C 118 -49.50 47.17 31.23
CA GLU C 118 -50.61 46.46 31.84
C GLU C 118 -50.16 45.10 32.31
N LEU C 119 -51.10 44.37 32.91
CA LEU C 119 -51.02 42.92 33.16
C LEU C 119 -52.34 42.25 32.78
N GLY C 120 -52.50 42.04 31.47
CA GLY C 120 -53.75 41.54 30.89
C GLY C 120 -54.43 40.47 31.73
N PRO C 121 -55.76 40.44 31.69
CA PRO C 121 -56.60 39.50 32.45
C PRO C 121 -56.31 38.04 32.09
N GLY C 122 -55.83 37.27 33.05
CA GLY C 122 -55.52 35.86 32.84
C GLY C 122 -54.35 35.59 31.91
N LEU C 123 -53.25 36.31 32.14
CA LEU C 123 -52.05 36.18 31.33
C LEU C 123 -51.23 34.96 31.79
N PHE C 124 -51.17 34.80 33.11
CA PHE C 124 -50.52 33.65 33.74
C PHE C 124 -51.58 32.59 34.05
N ARG C 125 -52.55 32.43 33.15
CA ARG C 125 -53.54 31.41 33.33
C ARG C 125 -52.93 30.05 33.00
N GLY C 126 -53.17 29.08 33.86
CA GLY C 126 -52.76 27.70 33.60
C GLY C 126 -51.28 27.41 33.70
N LEU C 127 -50.53 28.33 34.33
CA LEU C 127 -49.12 28.07 34.60
C LEU C 127 -48.92 27.33 35.93
N ALA C 128 -49.58 26.17 36.02
CA ALA C 128 -49.58 25.27 37.17
C ALA C 128 -48.25 25.15 37.91
N ALA C 129 -47.20 24.84 37.15
CA ALA C 129 -45.86 24.58 37.69
C ALA C 129 -44.88 25.78 37.78
N LEU C 130 -45.35 26.99 37.48
CA LEU C 130 -44.46 28.16 37.57
C LEU C 130 -43.93 28.35 38.98
N GLN C 131 -42.63 28.67 39.08
CA GLN C 131 -41.92 28.71 40.37
C GLN C 131 -41.29 30.08 40.64
N TYR C 132 -40.73 30.65 39.58
CA TYR C 132 -40.02 31.91 39.65
C TYR C 132 -40.64 32.87 38.67
N LEU C 133 -41.00 34.05 39.16
CA LEU C 133 -41.67 35.04 38.33
C LEU C 133 -41.05 36.40 38.45
N TYR C 134 -40.39 36.81 37.38
CA TYR C 134 -39.59 38.00 37.45
C TYR C 134 -40.28 39.16 36.73
N LEU C 135 -40.84 40.09 37.48
CA LEU C 135 -41.56 41.18 36.84
C LEU C 135 -41.11 42.57 37.30
N GLN C 136 -39.92 42.62 37.89
CA GLN C 136 -39.29 43.88 38.35
C GLN C 136 -38.82 44.85 37.27
N ASP C 137 -38.81 46.15 37.60
CA ASP C 137 -38.28 47.23 36.74
C ASP C 137 -39.12 47.54 35.51
N ASN C 138 -40.44 47.48 35.65
CA ASN C 138 -41.34 47.66 34.52
C ASN C 138 -42.17 48.86 34.85
N ASN C 139 -43.20 49.14 34.06
CA ASN C 139 -44.10 50.25 34.39
C ASN C 139 -45.52 49.82 34.76
N LEU C 140 -45.62 48.65 35.40
CA LEU C 140 -46.87 48.12 35.94
C LEU C 140 -47.54 49.13 36.87
N GLN C 141 -48.81 49.43 36.58
CA GLN C 141 -49.53 50.54 37.22
C GLN C 141 -50.69 50.12 38.08
N ALA C 142 -51.02 48.84 38.04
CA ALA C 142 -52.06 48.29 38.86
C ALA C 142 -51.72 46.84 39.11
N LEU C 143 -52.50 46.21 39.96
CA LEU C 143 -52.46 44.76 40.12
C LEU C 143 -53.89 44.25 40.07
N PRO C 144 -54.28 43.64 38.93
CA PRO C 144 -55.65 43.09 38.87
C PRO C 144 -55.87 42.05 39.98
N ASP C 145 -57.12 41.67 40.23
CA ASP C 145 -57.37 40.58 41.16
C ASP C 145 -57.09 39.26 40.46
N ASN C 146 -56.82 38.23 41.26
CA ASN C 146 -56.51 36.88 40.76
C ASN C 146 -55.43 36.77 39.69
N THR C 147 -54.61 37.81 39.52
CA THR C 147 -53.66 37.88 38.39
C THR C 147 -52.70 36.68 38.35
N PHE C 148 -52.42 36.13 39.52
CA PHE C 148 -51.56 34.95 39.66
C PHE C 148 -52.28 33.73 40.27
N ARG C 149 -53.62 33.74 40.23
CA ARG C 149 -54.44 32.70 40.86
C ARG C 149 -54.01 31.26 40.55
N ASP C 150 -53.77 30.96 39.28
CA ASP C 150 -53.45 29.59 38.83
C ASP C 150 -51.99 29.21 39.09
N LEU C 151 -51.26 30.02 39.85
CA LEU C 151 -49.82 29.81 40.09
C LEU C 151 -49.55 28.98 41.33
N GLY C 152 -50.02 27.73 41.31
CA GLY C 152 -49.91 26.85 42.46
C GLY C 152 -48.57 26.85 43.16
N ASN C 153 -47.50 26.64 42.39
CA ASN C 153 -46.20 26.33 42.99
C ASN C 153 -45.20 27.48 42.95
N LEU C 154 -45.70 28.69 42.71
CA LEU C 154 -44.82 29.86 42.70
C LEU C 154 -44.26 30.13 44.09
N THR C 155 -42.93 30.06 44.22
CA THR C 155 -42.24 30.31 45.48
C THR C 155 -41.67 31.71 45.52
N HIS C 156 -40.92 32.07 44.48
CA HIS C 156 -40.35 33.41 44.37
C HIS C 156 -41.18 34.29 43.42
N LEU C 157 -41.82 35.35 43.91
CA LEU C 157 -42.44 36.35 43.00
C LEU C 157 -41.79 37.73 43.05
N PHE C 158 -41.32 38.27 41.92
CA PHE C 158 -40.52 39.50 41.95
C PHE C 158 -41.15 40.72 41.31
N LEU C 159 -41.43 41.72 42.12
CA LEU C 159 -42.26 42.82 41.64
C LEU C 159 -41.70 44.19 41.86
N HIS C 160 -40.44 44.30 42.23
CA HIS C 160 -39.94 45.58 42.68
C HIS C 160 -39.72 46.54 41.55
N GLY C 161 -39.52 47.81 41.89
CA GLY C 161 -39.20 48.81 40.89
C GLY C 161 -40.25 48.90 39.81
N ASN C 162 -41.51 49.02 40.21
CA ASN C 162 -42.61 49.32 39.31
C ASN C 162 -43.33 50.61 39.81
N ARG C 163 -44.58 50.80 39.41
CA ARG C 163 -45.33 52.01 39.80
C ARG C 163 -46.66 51.69 40.45
N ILE C 164 -46.80 50.46 40.91
CA ILE C 164 -48.01 50.01 41.63
C ILE C 164 -48.43 51.05 42.69
N PRO C 165 -49.74 51.37 42.75
CA PRO C 165 -50.17 52.34 43.76
C PRO C 165 -50.94 51.74 44.95
N SER C 166 -51.36 50.48 44.84
CA SER C 166 -52.20 49.84 45.86
C SER C 166 -52.15 48.32 45.75
N VAL C 167 -52.58 47.63 46.80
CA VAL C 167 -52.76 46.19 46.71
C VAL C 167 -54.21 45.84 47.04
N PRO C 168 -54.99 45.35 46.06
CA PRO C 168 -56.39 45.04 46.30
C PRO C 168 -56.58 43.66 46.93
N GLU C 169 -57.72 43.46 47.59
CA GLU C 169 -58.02 42.26 48.38
C GLU C 169 -57.45 41.00 47.73
N HIS C 170 -57.97 40.69 46.55
CA HIS C 170 -57.79 39.39 45.90
C HIS C 170 -56.57 39.36 44.93
N ALA C 171 -55.66 40.32 45.06
CA ALA C 171 -54.53 40.36 44.14
C ALA C 171 -53.71 39.08 44.24
N PHE C 172 -53.21 38.80 45.43
CA PHE C 172 -52.30 37.66 45.62
C PHE C 172 -53.00 36.33 45.93
N ARG C 173 -54.31 36.27 45.69
CA ARG C 173 -55.04 35.04 45.95
C ARG C 173 -54.44 33.90 45.15
N GLY C 174 -54.32 32.74 45.80
CA GLY C 174 -53.85 31.51 45.16
C GLY C 174 -52.37 31.12 45.28
N LEU C 175 -51.51 32.09 45.63
CA LEU C 175 -50.07 31.87 45.80
C LEU C 175 -49.83 31.12 47.08
N HIS C 176 -50.38 29.91 47.11
CA HIS C 176 -50.49 29.09 48.32
C HIS C 176 -49.11 28.68 48.85
N SER C 177 -48.14 28.56 47.95
CA SER C 177 -46.79 28.15 48.32
C SER C 177 -45.69 29.15 47.91
N LEU C 178 -46.00 30.44 48.02
CA LEU C 178 -45.03 31.53 47.83
C LEU C 178 -44.01 31.53 48.98
N ASP C 179 -42.87 32.19 48.78
CA ASP C 179 -41.72 32.03 49.67
C ASP C 179 -40.94 33.33 49.89
N ARG C 180 -40.60 33.98 48.78
CA ARG C 180 -39.97 35.27 48.79
C ARG C 180 -41.00 36.14 48.00
N LEU C 181 -41.53 37.19 48.63
CA LEU C 181 -42.32 38.17 47.89
C LEU C 181 -41.75 39.60 47.93
N LEU C 182 -41.21 40.07 46.81
CA LEU C 182 -40.57 41.38 46.82
C LEU C 182 -41.35 42.47 46.10
N LEU C 183 -41.79 43.43 46.90
CA LEU C 183 -42.73 44.44 46.48
C LEU C 183 -42.20 45.86 46.71
N HIS C 184 -40.91 45.93 47.01
CA HIS C 184 -40.25 47.18 47.29
C HIS C 184 -40.10 48.04 46.06
N GLN C 185 -39.67 49.28 46.29
CA GLN C 185 -39.43 50.24 45.22
C GLN C 185 -40.63 50.30 44.31
N ASN C 186 -41.72 50.89 44.83
CA ASN C 186 -42.94 51.19 44.06
C ASN C 186 -43.53 52.57 44.44
N HIS C 187 -44.70 52.90 43.90
CA HIS C 187 -45.42 54.10 44.36
C HIS C 187 -46.65 53.72 45.25
N VAL C 188 -46.60 52.52 45.86
CA VAL C 188 -47.63 51.88 46.75
C VAL C 188 -48.17 52.67 47.97
N ALA C 189 -49.48 52.89 48.04
CA ALA C 189 -50.11 53.76 49.08
C ALA C 189 -50.94 53.04 50.17
N ARG C 190 -51.71 52.04 49.76
CA ARG C 190 -52.69 51.41 50.64
C ARG C 190 -52.62 49.92 50.40
N VAL C 191 -52.47 49.15 51.46
CA VAL C 191 -52.59 47.71 51.35
C VAL C 191 -54.02 47.39 51.78
N HIS C 192 -54.67 46.49 51.04
CA HIS C 192 -55.97 45.98 51.47
C HIS C 192 -55.75 45.10 52.67
N PRO C 193 -56.66 45.19 53.66
CA PRO C 193 -56.67 44.38 54.89
C PRO C 193 -56.56 42.86 54.71
N HIS C 194 -57.48 42.22 54.01
CA HIS C 194 -57.47 40.76 53.92
C HIS C 194 -56.54 40.27 52.80
N ALA C 195 -55.52 41.06 52.46
CA ALA C 195 -54.71 40.91 51.21
C ALA C 195 -53.65 39.82 51.13
N PHE C 196 -53.11 39.39 52.26
CA PHE C 196 -52.11 38.31 52.26
C PHE C 196 -52.66 36.98 52.71
N ARG C 197 -53.98 36.88 52.92
CA ARG C 197 -54.59 35.64 53.43
C ARG C 197 -53.84 34.43 52.90
N ASP C 198 -54.03 34.14 51.60
CA ASP C 198 -53.61 32.89 50.94
C ASP C 198 -52.07 32.67 50.96
N LEU C 199 -51.36 33.36 51.85
CA LEU C 199 -49.91 33.26 51.91
C LEU C 199 -49.46 32.70 53.24
N GLY C 200 -49.79 31.44 53.48
CA GLY C 200 -49.35 30.77 54.71
C GLY C 200 -47.84 30.71 54.82
N ARG C 201 -47.17 30.25 53.75
CA ARG C 201 -45.73 29.96 53.72
C ARG C 201 -44.78 31.15 53.41
N LEU C 202 -45.31 32.37 53.35
CA LEU C 202 -44.48 33.53 53.03
C LEU C 202 -43.37 33.73 54.07
N MET C 203 -42.14 33.92 53.56
CA MET C 203 -40.91 33.96 54.38
C MET C 203 -40.19 35.29 54.31
N THR C 204 -40.22 35.94 53.15
CA THR C 204 -39.47 37.19 52.95
C THR C 204 -40.41 38.23 52.35
N LEU C 205 -40.53 39.40 52.99
CA LEU C 205 -41.46 40.41 52.49
C LEU C 205 -40.86 41.79 52.59
N TYR C 206 -40.58 42.36 51.42
CA TYR C 206 -39.85 43.59 51.33
C TYR C 206 -40.81 44.66 50.83
N LEU C 207 -41.29 45.48 51.76
CA LEU C 207 -42.21 46.57 51.42
C LEU C 207 -41.59 47.96 51.43
N PHE C 208 -40.26 48.03 51.47
CA PHE C 208 -39.60 49.33 51.60
C PHE C 208 -39.67 50.19 50.34
N ALA C 209 -39.27 51.45 50.47
CA ALA C 209 -39.33 52.43 49.39
C ALA C 209 -40.70 52.53 48.68
N ASN C 210 -41.77 52.64 49.46
CA ASN C 210 -43.11 52.86 48.90
C ASN C 210 -43.75 54.17 49.42
N ASN C 211 -45.10 54.21 49.46
CA ASN C 211 -45.89 55.41 49.84
C ASN C 211 -46.86 55.06 50.98
N LEU C 212 -46.59 53.90 51.60
CA LEU C 212 -47.34 53.39 52.74
C LEU C 212 -47.25 54.32 53.94
N SER C 213 -48.38 54.91 54.33
CA SER C 213 -48.36 55.81 55.49
C SER C 213 -48.79 55.08 56.76
N MET C 214 -49.39 53.91 56.58
CA MET C 214 -49.88 53.11 57.69
C MET C 214 -50.34 51.78 57.17
N LEU C 215 -50.14 50.75 57.99
CA LEU C 215 -50.54 49.37 57.70
C LEU C 215 -51.59 48.96 58.74
N PRO C 216 -52.84 48.70 58.28
CA PRO C 216 -54.00 48.41 59.15
C PRO C 216 -54.08 47.00 59.76
N ALA C 217 -54.70 46.94 60.95
CA ALA C 217 -54.56 45.84 61.93
C ALA C 217 -54.51 44.42 61.37
N GLU C 218 -55.51 44.08 60.57
CA GLU C 218 -55.69 42.71 60.10
C GLU C 218 -54.56 42.18 59.20
N VAL C 219 -53.78 43.08 58.60
CA VAL C 219 -52.90 42.70 57.48
C VAL C 219 -51.92 41.55 57.73
N LEU C 220 -50.91 41.83 58.54
CA LEU C 220 -49.74 40.99 58.59
C LEU C 220 -49.95 39.58 59.15
N VAL C 221 -50.98 39.41 59.98
CA VAL C 221 -51.16 38.18 60.73
C VAL C 221 -50.95 36.87 59.92
N PRO C 222 -51.68 36.66 58.79
CA PRO C 222 -51.61 35.36 58.12
C PRO C 222 -50.22 34.86 57.69
N LEU C 223 -49.20 35.70 57.83
CA LEU C 223 -47.83 35.31 57.55
C LEU C 223 -47.28 34.52 58.73
N ARG C 224 -47.82 33.32 58.90
CA ARG C 224 -47.52 32.50 60.06
C ARG C 224 -46.08 31.98 60.06
N SER C 225 -45.32 32.29 59.02
CA SER C 225 -43.96 31.75 58.86
C SER C 225 -42.94 32.75 58.36
N LEU C 226 -43.34 34.02 58.32
CA LEU C 226 -42.50 35.16 57.92
C LEU C 226 -41.24 35.24 58.76
N GLN C 227 -40.10 35.33 58.10
CA GLN C 227 -38.83 35.38 58.82
C GLN C 227 -38.12 36.71 58.64
N TYR C 228 -38.32 37.36 57.48
CA TYR C 228 -37.69 38.64 57.16
C TYR C 228 -38.73 39.66 56.71
N LEU C 229 -38.56 40.91 57.12
CA LEU C 229 -39.49 42.00 56.76
C LEU C 229 -38.80 43.35 56.65
N ARG C 230 -39.24 44.17 55.70
CA ARG C 230 -38.61 45.47 55.46
C ARG C 230 -39.66 46.54 55.27
N LEU C 231 -39.62 47.58 56.09
CA LEU C 231 -40.63 48.63 55.99
C LEU C 231 -40.03 50.04 56.07
N ASN C 232 -38.73 50.12 55.82
CA ASN C 232 -37.99 51.37 55.90
C ASN C 232 -38.39 52.37 54.83
N ASP C 233 -37.98 53.62 55.01
CA ASP C 233 -38.47 54.83 54.29
C ASP C 233 -39.85 54.83 53.60
N ASN C 234 -40.89 54.72 54.43
CA ASN C 234 -42.25 55.00 54.01
C ASN C 234 -42.72 56.18 54.82
N PRO C 235 -43.63 57.00 54.27
CA PRO C 235 -44.07 58.21 54.98
C PRO C 235 -44.92 57.89 56.21
N TRP C 236 -44.53 56.83 56.92
CA TRP C 236 -45.21 56.35 58.12
C TRP C 236 -45.73 57.48 59.03
N VAL C 237 -47.04 57.47 59.27
CA VAL C 237 -47.67 58.42 60.19
C VAL C 237 -47.83 57.72 61.53
N CYS C 238 -47.02 58.13 62.50
CA CYS C 238 -46.95 57.45 63.78
C CYS C 238 -47.91 58.02 64.83
N ASP C 239 -49.19 57.72 64.66
CA ASP C 239 -50.21 57.88 65.71
C ASP C 239 -51.15 56.64 65.80
N CYS C 240 -52.32 56.79 66.42
CA CYS C 240 -53.18 55.65 66.81
C CYS C 240 -53.34 54.51 65.77
N ARG C 241 -53.16 54.87 64.49
CA ARG C 241 -53.29 53.95 63.36
C ARG C 241 -52.16 52.93 63.32
N ALA C 242 -51.02 53.30 63.89
CA ALA C 242 -49.84 52.44 63.92
C ALA C 242 -49.82 51.54 65.17
N ARG C 243 -50.59 51.89 66.20
CA ARG C 243 -50.70 51.06 67.41
C ARG C 243 -50.94 49.60 67.04
N PRO C 244 -52.04 49.30 66.30
CA PRO C 244 -52.22 47.98 65.69
C PRO C 244 -50.91 47.38 65.18
N LEU C 245 -50.30 48.03 64.19
CA LEU C 245 -49.03 47.61 63.60
C LEU C 245 -47.88 47.53 64.60
N TRP C 246 -47.91 48.44 65.57
CA TRP C 246 -46.86 48.47 66.57
C TRP C 246 -46.89 47.15 67.31
N ALA C 247 -48.06 46.86 67.88
CA ALA C 247 -48.27 45.67 68.68
C ALA C 247 -47.68 44.47 67.97
N TRP C 248 -47.79 44.48 66.65
CA TRP C 248 -47.34 43.37 65.83
C TRP C 248 -45.82 43.20 65.91
N LEU C 249 -45.08 44.30 65.76
CA LEU C 249 -43.61 44.27 65.71
C LEU C 249 -42.99 43.79 67.01
N GLN C 250 -43.72 44.00 68.12
CA GLN C 250 -43.35 43.52 69.44
C GLN C 250 -43.33 42.01 69.53
N LYS C 251 -44.44 41.40 69.12
CA LYS C 251 -44.63 39.95 69.15
C LYS C 251 -43.73 39.23 68.15
N PHE C 252 -43.46 39.88 67.02
CA PHE C 252 -42.67 39.28 65.92
C PHE C 252 -41.20 39.04 66.27
N ARG C 253 -40.90 37.82 66.70
CA ARG C 253 -39.53 37.40 67.01
C ARG C 253 -38.81 36.65 65.85
N GLY C 254 -38.87 37.26 64.67
CA GLY C 254 -38.08 36.83 63.51
C GLY C 254 -37.09 37.95 63.24
N SER C 255 -37.01 38.43 62.00
CA SER C 255 -36.12 39.54 61.67
C SER C 255 -36.77 40.66 60.86
N SER C 256 -37.30 41.67 61.56
CA SER C 256 -37.82 42.88 60.90
C SER C 256 -36.68 43.89 60.71
N SER C 257 -37.01 45.03 60.12
CA SER C 257 -36.07 46.15 60.06
C SER C 257 -36.67 47.38 60.74
N GLU C 258 -35.90 48.47 60.70
CA GLU C 258 -36.31 49.77 61.20
C GLU C 258 -37.57 50.22 60.51
N VAL C 259 -38.51 50.74 61.30
CA VAL C 259 -39.67 51.41 60.74
C VAL C 259 -39.59 52.88 61.16
N PRO C 260 -38.90 53.70 60.34
CA PRO C 260 -38.76 55.08 60.73
C PRO C 260 -40.08 55.83 60.54
N CYS C 261 -40.34 56.79 61.41
CA CYS C 261 -41.52 57.63 61.31
C CYS C 261 -41.22 58.86 60.46
N ASN C 262 -42.16 59.80 60.44
CA ASN C 262 -42.04 61.09 59.74
C ASN C 262 -43.09 62.06 60.28
N LEU C 263 -44.21 61.50 60.73
CA LEU C 263 -45.31 62.26 61.33
C LEU C 263 -45.78 61.67 62.66
N PRO C 264 -46.36 62.51 63.54
CA PRO C 264 -46.45 63.98 63.46
C PRO C 264 -45.06 64.66 63.44
N GLN C 265 -44.98 65.87 62.85
CA GLN C 265 -43.73 66.66 62.77
C GLN C 265 -42.84 66.54 64.02
N ARG C 266 -43.50 66.46 65.19
CA ARG C 266 -42.86 66.20 66.50
C ARG C 266 -42.04 64.89 66.58
N LEU C 267 -42.45 63.86 65.85
CA LEU C 267 -41.89 62.51 66.03
C LEU C 267 -41.06 61.99 64.83
N ALA C 268 -40.27 62.88 64.22
CA ALA C 268 -39.53 62.57 62.99
C ALA C 268 -38.39 61.58 63.18
N GLY C 269 -38.16 60.74 62.17
CA GLY C 269 -37.05 59.80 62.13
C GLY C 269 -36.85 59.06 63.45
N ARG C 270 -37.84 58.25 63.80
CA ARG C 270 -37.82 57.53 65.06
C ARG C 270 -38.35 56.12 64.86
N ASP C 271 -37.44 55.16 64.69
CA ASP C 271 -37.83 53.76 64.56
C ASP C 271 -38.98 53.45 65.51
N LEU C 272 -40.06 52.93 64.96
CA LEU C 272 -41.23 52.63 65.73
C LEU C 272 -40.94 51.56 66.76
N LYS C 273 -40.26 50.50 66.33
CA LYS C 273 -39.95 49.35 67.19
C LYS C 273 -39.41 49.72 68.59
N ARG C 274 -38.67 50.82 68.67
CA ARG C 274 -38.17 51.30 69.96
C ARG C 274 -39.00 52.45 70.54
N LEU C 275 -40.26 52.58 70.11
CA LEU C 275 -41.19 53.53 70.76
C LEU C 275 -41.99 52.89 71.90
N ALA C 276 -42.46 53.71 72.82
CA ALA C 276 -43.46 53.27 73.78
C ALA C 276 -44.83 53.35 73.09
N ALA C 277 -45.85 52.81 73.76
CA ALA C 277 -47.20 52.80 73.21
C ALA C 277 -47.93 54.10 73.53
N SER C 278 -47.70 54.62 74.74
CA SER C 278 -48.32 55.87 75.12
C SER C 278 -47.72 57.02 74.32
N ASP C 279 -46.60 56.76 73.65
CA ASP C 279 -45.91 57.75 72.82
C ASP C 279 -46.74 58.15 71.61
N LEU C 280 -47.48 57.19 71.07
CA LEU C 280 -48.34 57.39 69.91
C LEU C 280 -49.64 58.05 70.35
N GLU C 281 -49.92 59.24 69.79
CA GLU C 281 -51.11 60.00 70.17
C GLU C 281 -52.42 59.28 69.79
N GLY C 282 -53.55 59.83 70.24
CA GLY C 282 -54.86 59.32 69.85
C GLY C 282 -55.39 60.02 68.60
N CYS C 283 -56.70 60.01 68.37
CA CYS C 283 -57.71 59.32 69.20
C CYS C 283 -57.60 59.60 70.71
N ASP D 1 22.78 -32.59 -4.63
CA ASP D 1 21.90 -31.46 -5.12
C ASP D 1 22.61 -30.19 -4.60
N ILE D 2 23.91 -30.17 -4.95
CA ILE D 2 24.78 -28.99 -5.00
C ILE D 2 25.39 -29.08 -6.39
N VAL D 3 25.13 -28.06 -7.21
CA VAL D 3 25.51 -28.16 -8.61
C VAL D 3 26.44 -27.04 -9.03
N MET D 4 27.46 -27.44 -9.78
CA MET D 4 28.50 -26.55 -10.21
C MET D 4 28.21 -26.04 -11.62
N SER D 5 28.33 -24.73 -11.79
CA SER D 5 27.97 -24.07 -13.01
C SER D 5 29.21 -23.41 -13.62
N GLN D 6 29.65 -23.91 -14.77
CA GLN D 6 30.85 -23.37 -15.43
C GLN D 6 30.57 -22.65 -16.75
N SER D 7 31.15 -21.47 -16.92
CA SER D 7 31.08 -20.73 -18.18
C SER D 7 32.33 -19.87 -18.30
N PRO D 8 32.69 -19.43 -19.53
CA PRO D 8 32.18 -19.82 -20.85
C PRO D 8 32.50 -21.27 -21.13
N SER D 9 31.71 -21.93 -21.95
CA SER D 9 31.94 -23.34 -22.21
C SER D 9 33.28 -23.53 -22.91
N SER D 10 33.69 -22.53 -23.67
CA SER D 10 34.98 -22.50 -24.35
C SER D 10 35.51 -21.07 -24.52
N LEU D 11 36.78 -20.96 -24.82
CA LEU D 11 37.45 -19.71 -24.65
C LEU D 11 38.76 -19.69 -25.39
N ALA D 12 38.79 -19.00 -26.51
CA ALA D 12 40.02 -18.88 -27.27
C ALA D 12 40.70 -17.53 -27.03
N VAL D 13 42.02 -17.58 -26.90
CA VAL D 13 42.87 -16.41 -26.67
C VAL D 13 44.32 -16.67 -27.12
N SER D 14 45.01 -15.63 -27.58
CA SER D 14 46.40 -15.75 -28.02
C SER D 14 47.37 -15.77 -26.85
N ALA D 15 48.65 -15.99 -27.13
CA ALA D 15 49.63 -16.28 -26.08
C ALA D 15 50.18 -15.02 -25.44
N GLY D 16 50.02 -14.91 -24.12
CA GLY D 16 50.33 -13.68 -23.41
C GLY D 16 49.11 -13.01 -22.80
N GLU D 17 47.94 -13.17 -23.43
CA GLU D 17 46.67 -12.62 -22.91
C GLU D 17 46.22 -13.35 -21.63
N LYS D 18 45.52 -12.63 -20.73
CA LYS D 18 44.96 -13.29 -19.54
C LYS D 18 43.51 -13.71 -19.72
N VAL D 19 43.11 -14.73 -18.97
CA VAL D 19 41.73 -15.21 -18.99
C VAL D 19 41.06 -15.22 -17.61
N THR D 20 39.74 -15.42 -17.61
CA THR D 20 38.95 -15.52 -16.38
C THR D 20 38.00 -16.71 -16.54
N MET D 21 37.62 -17.35 -15.45
CA MET D 21 36.74 -18.53 -15.55
C MET D 21 35.72 -18.57 -14.44
N SER D 22 34.52 -18.13 -14.78
CA SER D 22 33.42 -18.18 -13.85
C SER D 22 33.09 -19.62 -13.51
N CYS D 23 33.01 -19.86 -12.21
CA CYS D 23 32.43 -21.06 -11.68
C CYS D 23 31.53 -20.61 -10.56
N LYS D 24 30.28 -21.03 -10.62
CA LYS D 24 29.29 -20.74 -9.61
C LYS D 24 28.67 -22.06 -9.16
N SER D 25 28.54 -22.22 -7.86
CA SER D 25 28.02 -23.45 -7.30
C SER D 25 26.59 -23.27 -6.84
N SER D 26 25.81 -24.34 -6.87
CA SER D 26 24.41 -24.27 -6.46
C SER D 26 24.25 -23.73 -5.03
N GLN D 27 24.83 -24.45 -4.06
CA GLN D 27 24.89 -24.02 -2.65
C GLN D 27 26.20 -23.28 -2.35
N SER D 28 26.23 -22.55 -1.24
CA SER D 28 27.46 -21.93 -0.72
C SER D 28 28.52 -22.97 -0.29
N LEU D 29 29.73 -22.86 -0.84
CA LEU D 29 30.81 -23.83 -0.58
C LEU D 29 31.68 -23.50 0.62
N LEU D 30 31.23 -22.60 1.48
CA LEU D 30 32.10 -22.05 2.52
C LEU D 30 31.81 -22.55 3.94
N ASN D 31 32.89 -22.72 4.69
CA ASN D 31 32.88 -23.05 6.10
C ASN D 31 32.95 -21.77 6.95
N SER D 32 31.85 -21.41 7.61
CA SER D 32 31.81 -20.11 8.27
C SER D 32 32.86 -19.99 9.38
N ARG D 33 33.23 -21.13 9.99
CA ARG D 33 34.09 -21.13 11.19
C ARG D 33 35.55 -20.76 10.91
N ASN D 34 36.14 -21.33 9.87
CA ASN D 34 37.53 -21.02 9.52
C ASN D 34 37.73 -20.36 8.15
N ARG D 35 36.65 -19.88 7.54
CA ARG D 35 36.74 -18.99 6.41
C ARG D 35 37.05 -19.64 5.04
N LYS D 36 37.61 -20.85 5.00
CA LYS D 36 38.10 -21.39 3.71
C LYS D 36 37.11 -22.21 2.85
N ASN D 37 36.95 -21.84 1.57
CA ASN D 37 36.04 -22.50 0.60
C ASN D 37 36.56 -23.83 -0.02
N TYR D 38 35.69 -24.83 -0.17
CA TYR D 38 36.17 -26.21 -0.51
C TYR D 38 36.10 -26.53 -2.01
N LEU D 39 37.00 -25.94 -2.79
CA LEU D 39 36.88 -25.98 -4.24
C LEU D 39 38.22 -26.10 -4.93
N ALA D 40 38.41 -27.19 -5.69
CA ALA D 40 39.64 -27.43 -6.44
C ALA D 40 39.42 -27.09 -7.90
N TRP D 41 40.48 -26.70 -8.59
CA TRP D 41 40.46 -26.67 -10.05
C TRP D 41 41.35 -27.83 -10.61
N TYR D 42 40.99 -28.31 -11.80
CA TYR D 42 41.84 -29.26 -12.53
C TYR D 42 42.10 -28.79 -13.96
N GLN D 43 43.09 -29.39 -14.59
CA GLN D 43 43.39 -29.13 -15.97
C GLN D 43 43.53 -30.47 -16.64
N GLN D 44 42.78 -30.67 -17.72
CA GLN D 44 42.84 -31.91 -18.47
C GLN D 44 43.30 -31.55 -19.87
N LYS D 45 44.55 -31.91 -20.17
CA LYS D 45 45.08 -31.76 -21.51
C LYS D 45 44.59 -32.96 -22.32
N PRO D 46 44.60 -32.87 -23.67
CA PRO D 46 43.99 -33.88 -24.58
C PRO D 46 44.56 -35.33 -24.50
N GLY D 47 43.68 -36.29 -24.14
CA GLY D 47 44.08 -37.71 -23.99
C GLY D 47 45.02 -37.96 -22.82
N GLN D 48 45.02 -36.99 -21.89
CA GLN D 48 45.71 -37.02 -20.61
C GLN D 48 44.64 -36.91 -19.55
N SER D 49 44.62 -37.82 -18.57
CA SER D 49 43.70 -37.77 -17.40
C SER D 49 43.84 -36.42 -16.68
N PRO D 50 42.81 -35.97 -15.95
CA PRO D 50 42.94 -34.60 -15.39
C PRO D 50 44.04 -34.50 -14.33
N LYS D 51 44.37 -33.29 -13.91
CA LYS D 51 45.52 -33.12 -13.02
C LYS D 51 45.22 -32.02 -12.03
N PRO D 52 45.62 -32.17 -10.75
CA PRO D 52 45.12 -31.16 -9.81
C PRO D 52 45.78 -29.72 -9.99
N LEU D 53 45.07 -28.62 -9.84
CA LEU D 53 45.78 -27.25 -10.03
C LEU D 53 45.72 -26.22 -8.90
N ILE D 54 44.52 -25.83 -8.52
CA ILE D 54 44.31 -25.16 -7.28
C ILE D 54 43.40 -26.07 -6.44
N TYR D 55 43.55 -26.01 -5.12
CA TYR D 55 42.53 -26.42 -4.12
C TYR D 55 42.22 -25.25 -3.12
N TRP D 56 41.45 -25.56 -2.07
CA TRP D 56 40.88 -24.57 -1.15
C TRP D 56 40.71 -23.17 -1.81
N ALA D 57 40.23 -23.18 -3.05
CA ALA D 57 39.87 -21.97 -3.82
C ALA D 57 41.07 -21.14 -4.28
N SER D 58 42.06 -21.02 -3.41
CA SER D 58 43.13 -20.09 -3.62
C SER D 58 44.49 -20.78 -3.59
N THR D 59 44.76 -21.50 -2.51
CA THR D 59 46.01 -22.30 -2.38
C THR D 59 46.36 -23.28 -3.52
N ARG D 60 47.55 -23.05 -4.07
CA ARG D 60 48.07 -23.69 -5.28
C ARG D 60 48.63 -25.10 -5.03
N GLU D 61 48.67 -25.96 -6.03
CA GLU D 61 49.29 -27.27 -5.78
C GLU D 61 50.81 -27.28 -5.77
N SER D 62 51.37 -28.49 -5.85
CA SER D 62 52.79 -28.71 -5.69
C SER D 62 53.44 -28.25 -6.97
N GLY D 63 53.99 -27.05 -6.92
CA GLY D 63 54.72 -26.46 -8.04
C GLY D 63 53.94 -26.28 -9.33
N VAL D 64 52.65 -25.98 -9.21
CA VAL D 64 51.88 -25.41 -10.31
C VAL D 64 52.54 -24.04 -10.59
N PRO D 65 52.77 -23.72 -11.88
CA PRO D 65 53.27 -22.40 -12.22
C PRO D 65 52.68 -21.30 -11.35
N ASP D 66 53.57 -20.55 -10.71
CA ASP D 66 53.21 -19.41 -9.87
C ASP D 66 52.42 -18.33 -10.71
N ARG D 67 51.99 -18.72 -11.92
CA ARG D 67 51.26 -17.82 -12.84
C ARG D 67 49.74 -18.10 -12.99
N PHE D 68 49.27 -19.15 -12.32
CA PHE D 68 47.87 -19.59 -12.29
C PHE D 68 47.21 -19.16 -10.98
N THR D 69 46.07 -18.46 -11.04
CA THR D 69 45.48 -17.83 -9.82
C THR D 69 43.96 -18.01 -9.59
N GLY D 70 43.59 -18.95 -8.70
CA GLY D 70 42.20 -19.11 -8.24
C GLY D 70 41.74 -18.11 -7.17
N SER D 71 40.49 -17.67 -7.23
CA SER D 71 39.96 -16.67 -6.27
C SER D 71 38.45 -16.77 -6.03
N GLY D 72 37.94 -15.82 -5.24
CA GLY D 72 36.50 -15.72 -4.96
C GLY D 72 36.10 -16.50 -3.72
N SER D 73 35.02 -16.05 -3.08
CA SER D 73 34.46 -16.73 -1.90
C SER D 73 33.04 -17.23 -2.13
N GLY D 74 32.45 -17.79 -1.08
CA GLY D 74 31.02 -18.12 -1.03
C GLY D 74 30.50 -19.09 -2.06
N THR D 75 30.15 -18.54 -3.22
CA THR D 75 29.52 -19.30 -4.31
C THR D 75 30.11 -19.03 -5.71
N ASP D 76 30.86 -17.93 -5.87
CA ASP D 76 31.60 -17.63 -7.11
C ASP D 76 33.10 -17.98 -6.99
N PHE D 77 33.68 -18.54 -8.04
CA PHE D 77 35.11 -18.82 -8.04
C PHE D 77 35.66 -18.63 -9.41
N THR D 78 36.89 -18.15 -9.46
CA THR D 78 37.45 -17.64 -10.71
C THR D 78 38.88 -18.10 -10.95
N LEU D 79 39.07 -18.88 -12.02
CA LEU D 79 40.39 -19.14 -12.51
C LEU D 79 40.85 -17.96 -13.40
N THR D 80 42.00 -17.40 -13.09
CA THR D 80 42.64 -16.35 -13.90
C THR D 80 44.01 -16.89 -14.33
N ILE D 81 44.35 -16.76 -15.60
CA ILE D 81 45.67 -17.16 -16.07
C ILE D 81 46.30 -15.97 -16.71
N SER D 82 47.40 -15.51 -16.14
CA SER D 82 48.12 -14.36 -16.68
C SER D 82 49.21 -14.82 -17.65
N SER D 83 49.07 -14.41 -18.91
CA SER D 83 50.00 -14.75 -20.00
C SER D 83 50.00 -16.26 -20.30
N VAL D 84 48.98 -16.67 -21.08
CA VAL D 84 48.74 -18.08 -21.42
C VAL D 84 49.83 -18.67 -22.29
N GLN D 85 50.42 -19.78 -21.82
CA GLN D 85 51.41 -20.53 -22.60
C GLN D 85 50.72 -21.36 -23.65
N ALA D 86 51.36 -21.49 -24.81
CA ALA D 86 50.86 -22.41 -25.84
C ALA D 86 50.72 -23.82 -25.26
N GLU D 87 51.46 -24.08 -24.19
CA GLU D 87 51.36 -25.32 -23.39
C GLU D 87 50.00 -25.45 -22.74
N ASP D 88 49.48 -24.33 -22.25
CA ASP D 88 48.31 -24.30 -21.38
C ASP D 88 46.97 -24.74 -22.01
N LEU D 89 47.01 -25.15 -23.27
CA LEU D 89 45.83 -25.61 -23.95
C LEU D 89 45.23 -26.82 -23.25
N ALA D 90 44.01 -26.66 -22.75
CA ALA D 90 43.23 -27.74 -22.13
C ALA D 90 41.79 -27.34 -21.85
N VAL D 91 41.06 -28.24 -21.20
CA VAL D 91 39.72 -27.92 -20.68
C VAL D 91 39.82 -28.01 -19.16
N TYR D 92 39.39 -26.95 -18.47
CA TYR D 92 39.59 -26.80 -17.03
C TYR D 92 38.34 -27.16 -16.29
N TYR D 93 38.47 -27.86 -15.17
CA TYR D 93 37.32 -28.30 -14.41
C TYR D 93 37.48 -27.86 -12.97
N CYS D 94 36.38 -27.45 -12.35
CA CYS D 94 36.37 -27.11 -10.92
C CYS D 94 35.58 -28.22 -10.18
N MET D 95 35.89 -28.43 -8.89
CA MET D 95 35.28 -29.50 -8.13
C MET D 95 34.98 -29.14 -6.68
N GLN D 96 33.71 -29.15 -6.31
CA GLN D 96 33.29 -28.94 -4.93
C GLN D 96 33.59 -30.17 -4.03
N SER D 97 34.16 -29.90 -2.86
CA SER D 97 34.38 -30.90 -1.83
C SER D 97 33.59 -30.57 -0.58
N TYR D 98 32.64 -29.64 -0.68
CA TYR D 98 31.83 -29.25 0.48
C TYR D 98 30.88 -30.36 0.95
N ASN D 99 30.23 -31.02 0.00
CA ASN D 99 29.39 -32.17 0.30
C ASN D 99 29.64 -33.12 -0.82
N LEU D 100 30.37 -34.17 -0.49
CA LEU D 100 30.93 -35.09 -1.48
C LEU D 100 31.58 -34.39 -2.67
N PHE D 101 31.26 -34.81 -3.89
CA PHE D 101 32.07 -34.44 -5.04
C PHE D 101 31.28 -34.16 -6.31
N THR D 102 31.32 -32.94 -6.78
CA THR D 102 30.62 -32.59 -8.00
C THR D 102 31.50 -31.68 -8.84
N PHE D 103 31.45 -31.90 -10.15
CA PHE D 103 32.34 -31.20 -11.11
C PHE D 103 31.59 -30.21 -11.97
N GLY D 104 32.33 -29.24 -12.50
CA GLY D 104 31.78 -28.35 -13.51
C GLY D 104 31.69 -28.99 -14.88
N SER D 105 30.94 -28.36 -15.76
CA SER D 105 30.84 -28.82 -17.14
C SER D 105 32.15 -28.64 -17.88
N GLY D 106 33.06 -27.84 -17.30
CA GLY D 106 34.35 -27.57 -17.93
C GLY D 106 34.33 -26.33 -18.80
N THR D 107 35.51 -25.74 -18.95
CA THR D 107 35.76 -24.66 -19.89
C THR D 107 36.95 -25.06 -20.75
N LYS D 108 36.76 -25.01 -22.07
CA LYS D 108 37.79 -25.37 -23.03
C LYS D 108 38.59 -24.10 -23.47
N LEU D 109 39.88 -24.12 -23.21
CA LEU D 109 40.78 -23.07 -23.57
C LEU D 109 41.41 -23.39 -24.91
N GLU D 110 40.82 -22.86 -25.97
CA GLU D 110 41.42 -22.88 -27.31
C GLU D 110 42.52 -21.81 -27.41
N ILE D 111 43.54 -22.09 -28.21
CA ILE D 111 44.60 -21.11 -28.41
C ILE D 111 44.61 -20.51 -29.81
N LYS D 112 44.53 -19.19 -29.84
CA LYS D 112 44.55 -18.43 -31.08
C LYS D 112 45.96 -18.44 -31.66
N ARG D 113 46.11 -17.89 -32.86
CA ARG D 113 47.34 -18.02 -33.63
C ARG D 113 47.22 -17.42 -35.03
N ALA D 114 48.36 -17.16 -35.65
CA ALA D 114 48.42 -16.74 -37.05
C ALA D 114 47.93 -17.79 -38.04
N ASP D 115 47.08 -17.39 -39.00
CA ASP D 115 46.57 -18.31 -40.03
C ASP D 115 47.77 -19.05 -40.64
N ALA D 116 47.69 -20.38 -40.73
CA ALA D 116 48.79 -21.20 -41.29
C ALA D 116 48.31 -22.19 -42.36
N ALA D 117 49.08 -22.37 -43.43
CA ALA D 117 48.67 -23.25 -44.55
C ALA D 117 49.17 -24.70 -44.44
N PRO D 118 48.29 -25.67 -44.74
CA PRO D 118 48.56 -27.10 -44.48
C PRO D 118 49.68 -27.77 -45.30
N THR D 119 50.18 -28.90 -44.82
CA THR D 119 51.13 -29.65 -45.62
C THR D 119 50.43 -30.91 -46.14
N VAL D 120 50.02 -30.84 -47.40
CA VAL D 120 49.21 -31.87 -48.01
C VAL D 120 50.11 -32.97 -48.55
N SER D 121 49.60 -34.19 -48.51
CA SER D 121 50.39 -35.33 -48.85
C SER D 121 49.47 -36.53 -48.99
N ILE D 122 48.91 -36.65 -50.19
CA ILE D 122 48.07 -37.80 -50.59
C ILE D 122 48.91 -39.02 -50.76
N PHE D 123 48.22 -40.15 -50.69
CA PHE D 123 48.76 -41.46 -50.87
C PHE D 123 47.71 -42.23 -51.63
N PRO D 124 48.15 -43.09 -52.59
CA PRO D 124 47.31 -44.13 -53.21
C PRO D 124 47.04 -45.19 -52.21
N PRO D 125 46.10 -46.08 -52.51
CA PRO D 125 45.87 -47.32 -51.76
C PRO D 125 47.06 -48.22 -51.83
N SER D 126 47.35 -48.90 -50.72
CA SER D 126 48.29 -50.08 -50.66
C SER D 126 47.90 -51.34 -51.47
N SER D 127 48.92 -51.99 -52.04
CA SER D 127 48.87 -53.42 -52.45
C SER D 127 47.96 -54.34 -51.59
N GLU D 128 48.18 -54.27 -50.28
CA GLU D 128 47.54 -55.07 -49.25
C GLU D 128 46.03 -54.93 -49.13
N GLN D 129 45.52 -53.75 -49.46
CA GLN D 129 44.08 -53.44 -49.42
C GLN D 129 43.38 -53.82 -50.73
N LEU D 130 44.10 -53.71 -51.85
CA LEU D 130 43.53 -54.00 -53.16
C LEU D 130 43.34 -55.51 -53.30
N THR D 131 44.05 -56.29 -52.47
CA THR D 131 43.78 -57.72 -52.25
C THR D 131 42.80 -57.94 -51.07
N SER D 132 41.69 -57.21 -51.06
CA SER D 132 40.53 -57.45 -50.19
C SER D 132 39.31 -56.78 -50.84
N GLY D 133 39.53 -56.29 -52.04
CA GLY D 133 38.54 -55.50 -52.75
C GLY D 133 38.31 -54.13 -52.15
N GLY D 134 39.27 -53.63 -51.38
CA GLY D 134 39.22 -52.22 -50.93
C GLY D 134 40.14 -51.23 -51.67
N ALA D 135 39.70 -50.00 -51.80
CA ALA D 135 40.64 -48.94 -52.22
C ALA D 135 40.33 -47.70 -51.47
N SER D 136 41.14 -47.46 -50.44
CA SER D 136 41.06 -46.25 -49.67
C SER D 136 42.24 -45.44 -50.07
N VAL D 137 41.95 -44.21 -50.52
CA VAL D 137 42.97 -43.28 -50.93
C VAL D 137 42.98 -42.18 -49.93
N VAL D 138 44.10 -41.99 -49.21
CA VAL D 138 44.18 -41.01 -48.09
C VAL D 138 44.88 -39.65 -48.32
N CYS D 139 44.52 -38.66 -47.52
CA CYS D 139 45.10 -37.32 -47.70
C CYS D 139 45.27 -36.57 -46.39
N PHE D 140 46.53 -36.42 -45.98
CA PHE D 140 46.89 -35.83 -44.68
C PHE D 140 47.12 -34.34 -44.81
N LEU D 141 46.47 -33.54 -43.98
CA LEU D 141 46.62 -32.07 -44.00
C LEU D 141 47.31 -31.50 -42.73
N ASN D 142 48.61 -31.28 -42.78
CA ASN D 142 49.39 -31.27 -41.56
C ASN D 142 49.72 -29.92 -41.01
N ASN D 143 49.58 -29.82 -39.69
CA ASN D 143 49.95 -28.64 -38.91
C ASN D 143 49.60 -27.27 -39.65
N PHE D 144 48.29 -26.93 -39.67
CA PHE D 144 47.67 -25.68 -40.27
C PHE D 144 46.81 -24.82 -39.30
N TYR D 145 46.11 -23.78 -39.79
CA TYR D 145 45.27 -22.95 -38.88
C TYR D 145 44.31 -21.90 -39.50
N PRO D 146 43.03 -21.89 -39.08
CA PRO D 146 42.27 -22.60 -38.03
C PRO D 146 41.77 -24.03 -38.29
N LYS D 147 41.00 -24.53 -37.31
CA LYS D 147 40.32 -25.82 -37.35
C LYS D 147 39.60 -25.97 -38.68
N ASP D 148 38.72 -25.01 -38.96
CA ASP D 148 37.86 -25.02 -40.14
C ASP D 148 38.67 -24.95 -41.43
N ILE D 149 38.71 -26.06 -42.17
CA ILE D 149 39.41 -26.10 -43.45
C ILE D 149 38.62 -26.99 -44.40
N ASN D 150 38.64 -26.67 -45.68
CA ASN D 150 37.85 -27.45 -46.62
C ASN D 150 38.71 -28.28 -47.59
N VAL D 151 38.53 -29.60 -47.56
CA VAL D 151 39.22 -30.51 -48.47
C VAL D 151 38.26 -31.16 -49.48
N LYS D 152 38.28 -30.66 -50.71
CA LYS D 152 37.56 -31.31 -51.80
C LYS D 152 38.43 -32.34 -52.51
N TRP D 153 37.86 -33.51 -52.73
CA TRP D 153 38.45 -34.53 -53.58
C TRP D 153 38.04 -34.32 -55.03
N LYS D 154 38.91 -34.70 -55.97
CA LYS D 154 38.62 -34.64 -57.41
C LYS D 154 39.27 -35.82 -58.12
N ILE D 155 38.47 -36.72 -58.68
CA ILE D 155 39.01 -37.86 -59.41
C ILE D 155 38.62 -37.80 -60.88
N ASP D 156 39.58 -38.10 -61.75
CA ASP D 156 39.38 -38.01 -63.22
C ASP D 156 38.93 -36.62 -63.69
N GLY D 157 39.20 -35.61 -62.86
CA GLY D 157 38.77 -34.25 -63.18
C GLY D 157 37.93 -33.66 -62.09
N SER D 158 36.62 -33.56 -62.32
CA SER D 158 35.72 -32.88 -61.39
C SER D 158 35.46 -33.67 -60.11
N GLU D 159 34.52 -33.19 -59.30
CA GLU D 159 34.46 -33.56 -57.90
C GLU D 159 34.17 -35.03 -57.59
N ARG D 160 33.81 -35.27 -56.33
CA ARG D 160 33.40 -36.54 -55.78
C ARG D 160 33.34 -36.35 -54.28
N GLN D 161 32.12 -36.30 -53.72
CA GLN D 161 31.97 -36.39 -52.26
C GLN D 161 31.53 -37.81 -51.98
N ASN D 162 30.29 -37.96 -51.50
CA ASN D 162 29.62 -39.26 -51.46
C ASN D 162 30.55 -40.44 -51.06
N GLY D 163 31.17 -40.31 -49.89
CA GLY D 163 32.11 -41.33 -49.39
C GLY D 163 33.50 -40.85 -48.98
N VAL D 164 33.56 -39.75 -48.21
CA VAL D 164 34.80 -39.17 -47.67
C VAL D 164 34.68 -39.11 -46.13
N LEU D 165 35.65 -39.67 -45.42
CA LEU D 165 35.64 -39.54 -43.96
C LEU D 165 36.64 -38.51 -43.51
N ASN D 166 36.19 -37.63 -42.64
CA ASN D 166 37.05 -36.60 -42.12
C ASN D 166 37.30 -36.75 -40.62
N SER D 167 38.53 -36.45 -40.21
CA SER D 167 38.94 -36.55 -38.82
C SER D 167 39.99 -35.50 -38.49
N TRP D 168 39.65 -34.69 -37.48
CA TRP D 168 40.47 -33.57 -37.02
C TRP D 168 41.28 -33.92 -35.79
N THR D 169 42.51 -33.42 -35.77
CA THR D 169 43.44 -33.63 -34.67
C THR D 169 43.18 -32.57 -33.59
N ASP D 170 43.28 -32.95 -32.31
CA ASP D 170 43.17 -31.97 -31.21
C ASP D 170 44.38 -31.05 -31.34
N GLN D 171 44.17 -29.74 -31.17
CA GLN D 171 45.19 -28.71 -31.35
C GLN D 171 46.57 -28.98 -30.71
N ASP D 172 47.65 -28.93 -31.52
CA ASP D 172 49.03 -29.33 -31.13
C ASP D 172 49.47 -28.67 -29.82
N SER D 173 49.50 -29.46 -28.75
CA SER D 173 49.93 -29.09 -27.40
C SER D 173 51.11 -28.12 -27.29
N LYS D 174 51.81 -27.90 -28.40
CA LYS D 174 53.13 -27.29 -28.36
C LYS D 174 53.28 -26.29 -29.51
N ASP D 175 52.26 -26.25 -30.37
CA ASP D 175 52.35 -25.63 -31.68
C ASP D 175 51.14 -24.72 -32.02
N SER D 176 50.05 -24.82 -31.23
CA SER D 176 48.78 -24.07 -31.42
C SER D 176 48.13 -24.34 -32.78
N THR D 177 48.35 -25.56 -33.29
CA THR D 177 48.13 -25.92 -34.70
C THR D 177 47.28 -27.20 -34.92
N TYR D 178 46.29 -27.15 -35.82
CA TYR D 178 45.45 -28.32 -36.06
C TYR D 178 46.02 -29.11 -37.24
N SER D 179 45.71 -30.41 -37.29
CA SER D 179 45.97 -31.24 -38.49
C SER D 179 44.76 -32.15 -38.77
N MET D 180 44.67 -32.76 -39.95
CA MET D 180 43.51 -33.62 -40.28
C MET D 180 43.77 -34.71 -41.34
N SER D 181 42.93 -35.76 -41.32
CA SER D 181 43.02 -36.82 -42.34
C SER D 181 41.73 -37.03 -43.12
N SER D 182 41.87 -37.18 -44.43
CA SER D 182 40.72 -37.33 -45.31
C SER D 182 40.83 -38.58 -46.16
N THR D 183 39.89 -39.49 -45.96
CA THR D 183 39.86 -40.76 -46.68
C THR D 183 38.71 -40.82 -47.68
N LEU D 184 39.06 -40.94 -48.96
CA LEU D 184 38.12 -41.39 -50.01
C LEU D 184 38.29 -42.90 -50.15
N THR D 185 37.20 -43.63 -50.02
CA THR D 185 37.32 -45.06 -50.09
C THR D 185 36.30 -45.65 -51.02
N LEU D 186 36.75 -46.64 -51.79
CA LEU D 186 36.00 -47.24 -52.89
C LEU D 186 36.11 -48.78 -52.91
N THR D 187 36.08 -49.35 -54.11
CA THR D 187 36.24 -50.79 -54.29
C THR D 187 37.34 -50.98 -55.33
N LYS D 188 38.11 -52.07 -55.22
CA LYS D 188 39.12 -52.42 -56.24
C LYS D 188 38.57 -52.18 -57.67
N ASP D 189 37.31 -52.55 -57.89
CA ASP D 189 36.60 -52.20 -59.13
C ASP D 189 36.50 -50.69 -59.34
N GLU D 190 35.57 -50.07 -58.60
CA GLU D 190 35.33 -48.62 -58.55
C GLU D 190 36.61 -47.81 -58.65
N TYR D 191 37.71 -48.44 -58.25
CA TYR D 191 39.03 -47.82 -58.21
C TYR D 191 39.77 -47.99 -59.53
N GLU D 192 39.88 -49.22 -60.03
CA GLU D 192 40.65 -49.47 -61.26
C GLU D 192 40.13 -48.64 -62.45
N ARG D 193 38.86 -48.25 -62.38
CA ARG D 193 38.10 -47.51 -63.41
C ARG D 193 38.57 -46.06 -63.62
N HIS D 194 37.84 -45.06 -63.08
CA HIS D 194 38.23 -43.63 -63.16
C HIS D 194 39.69 -43.52 -62.67
N ASN D 195 40.56 -42.80 -63.39
CA ASN D 195 42.01 -42.78 -63.07
C ASN D 195 42.67 -41.40 -63.06
N SER D 196 43.19 -41.00 -61.91
CA SER D 196 43.79 -39.67 -61.73
C SER D 196 43.19 -39.02 -60.49
N TYR D 197 43.84 -39.23 -59.36
CA TYR D 197 43.27 -38.88 -58.07
C TYR D 197 43.95 -37.69 -57.45
N THR D 198 43.16 -36.70 -57.01
CA THR D 198 43.69 -35.50 -56.34
C THR D 198 42.82 -34.79 -55.23
N CYS D 199 43.47 -34.45 -54.11
CA CYS D 199 42.88 -33.59 -53.05
C CYS D 199 43.38 -32.14 -53.14
N GLU D 200 42.43 -31.23 -53.31
CA GLU D 200 42.67 -29.79 -53.12
C GLU D 200 42.31 -29.45 -51.66
N ALA D 201 43.06 -28.55 -51.05
CA ALA D 201 42.70 -28.07 -49.72
C ALA D 201 42.43 -26.57 -49.75
N THR D 202 41.16 -26.19 -49.61
CA THR D 202 40.78 -24.78 -49.60
C THR D 202 40.41 -24.32 -48.20
N HIS D 203 40.56 -23.02 -47.95
CA HIS D 203 40.64 -22.54 -46.59
C HIS D 203 40.37 -21.01 -46.47
N LYS D 204 40.99 -20.38 -45.46
CA LYS D 204 41.20 -18.91 -45.41
C LYS D 204 42.72 -18.57 -45.37
N THR D 205 43.55 -19.61 -45.54
CA THR D 205 44.95 -19.51 -45.97
C THR D 205 45.03 -20.04 -47.39
N SER D 206 43.91 -20.55 -47.89
CA SER D 206 43.84 -21.22 -49.20
C SER D 206 42.58 -20.88 -50.07
N THR D 207 42.41 -19.60 -50.45
CA THR D 207 41.34 -19.18 -51.40
C THR D 207 41.72 -19.49 -52.86
N SER D 208 43.00 -19.27 -53.21
CA SER D 208 43.61 -19.87 -54.39
C SER D 208 44.47 -21.07 -53.89
N PRO D 209 43.86 -22.28 -53.80
CA PRO D 209 44.16 -23.55 -53.06
C PRO D 209 45.59 -24.13 -52.96
N ILE D 210 45.69 -25.30 -52.31
CA ILE D 210 46.89 -26.14 -52.23
C ILE D 210 46.47 -27.49 -52.76
N VAL D 211 47.21 -28.05 -53.71
CA VAL D 211 46.81 -29.29 -54.36
C VAL D 211 47.94 -30.29 -54.49
N LYS D 212 47.59 -31.56 -54.28
CA LYS D 212 48.47 -32.72 -54.53
C LYS D 212 47.68 -33.84 -55.24
N SER D 213 48.30 -34.46 -56.23
CA SER D 213 47.63 -35.48 -57.06
C SER D 213 48.53 -36.63 -57.57
N PHE D 214 47.89 -37.69 -58.09
CA PHE D 214 48.58 -38.75 -58.82
C PHE D 214 47.66 -39.39 -59.90
N ASN D 215 48.24 -39.83 -61.02
CA ASN D 215 47.49 -40.67 -61.93
C ASN D 215 47.72 -42.13 -61.60
N ARG D 216 46.64 -42.89 -61.54
CA ARG D 216 46.65 -44.32 -61.28
C ARG D 216 47.44 -45.10 -62.35
N ASN D 217 46.90 -45.14 -63.58
CA ASN D 217 47.56 -45.76 -64.75
C ASN D 217 48.77 -44.89 -65.11
N GLU D 218 49.70 -44.77 -64.14
CA GLU D 218 51.01 -44.12 -64.30
C GLU D 218 52.01 -44.67 -63.26
N CYS D 219 52.40 -45.94 -63.46
CA CYS D 219 53.45 -46.61 -62.66
C CYS D 219 54.70 -46.89 -63.50
N GLN E 1 56.30 -42.71 -6.57
CA GLN E 1 55.78 -44.02 -7.03
C GLN E 1 54.26 -44.20 -6.80
N VAL E 2 53.52 -43.08 -6.68
CA VAL E 2 52.06 -43.13 -6.56
C VAL E 2 51.37 -43.50 -7.90
N GLN E 3 51.00 -44.78 -8.05
CA GLN E 3 50.38 -45.27 -9.30
C GLN E 3 48.92 -45.70 -9.13
N LEU E 4 48.14 -45.41 -10.16
CA LEU E 4 46.83 -45.96 -10.36
C LEU E 4 46.73 -46.45 -11.80
N LYS E 5 46.41 -47.74 -12.00
CA LYS E 5 46.15 -48.31 -13.33
C LYS E 5 44.95 -49.29 -13.43
N GLU E 6 43.92 -48.88 -14.16
CA GLU E 6 42.67 -49.62 -14.35
C GLU E 6 42.78 -50.60 -15.53
N SER E 7 42.00 -51.67 -15.45
CA SER E 7 42.05 -52.74 -16.44
C SER E 7 40.64 -53.08 -16.87
N GLY E 8 40.51 -53.64 -18.07
CA GLY E 8 39.22 -54.03 -18.64
C GLY E 8 38.44 -55.04 -17.79
N PRO E 9 37.26 -55.51 -18.27
CA PRO E 9 36.53 -55.36 -19.53
C PRO E 9 36.70 -54.03 -20.25
N GLY E 10 36.73 -54.09 -21.58
CA GLY E 10 36.79 -52.89 -22.43
C GLY E 10 35.61 -52.75 -23.41
N LEU E 11 34.72 -53.76 -23.38
CA LEU E 11 33.44 -53.82 -24.15
C LEU E 11 32.33 -54.58 -23.38
N VAL E 12 31.25 -53.88 -23.02
CA VAL E 12 30.21 -54.48 -22.16
C VAL E 12 28.82 -54.59 -22.80
N ALA E 13 28.35 -55.84 -22.90
CA ALA E 13 27.03 -56.17 -23.45
C ALA E 13 25.90 -55.60 -22.57
N PRO E 14 25.04 -54.73 -23.15
CA PRO E 14 23.92 -54.07 -22.47
C PRO E 14 23.03 -55.03 -21.67
N SER E 15 22.51 -54.56 -20.53
CA SER E 15 21.80 -55.38 -19.53
C SER E 15 22.66 -56.50 -18.89
N GLN E 16 23.94 -56.20 -18.66
CA GLN E 16 24.83 -57.09 -17.90
C GLN E 16 25.68 -56.17 -17.04
N SER E 17 26.82 -56.67 -16.54
CA SER E 17 27.64 -55.95 -15.55
C SER E 17 28.97 -55.41 -16.07
N LEU E 18 29.83 -54.93 -15.16
CA LEU E 18 31.13 -54.34 -15.50
C LEU E 18 32.11 -54.61 -14.37
N SER E 19 33.37 -54.90 -14.69
CA SER E 19 34.29 -55.39 -13.67
C SER E 19 35.67 -54.77 -13.79
N ILE E 20 35.84 -53.57 -13.24
CA ILE E 20 37.11 -52.84 -13.44
C ILE E 20 38.06 -52.94 -12.24
N SER E 21 39.04 -53.82 -12.33
CA SER E 21 40.11 -53.83 -11.36
C SER E 21 41.01 -52.61 -11.58
N CYS E 22 41.47 -52.01 -10.49
CA CYS E 22 42.44 -50.88 -10.52
C CYS E 22 43.63 -51.17 -9.60
N SER E 23 44.77 -51.55 -10.19
CA SER E 23 46.00 -51.80 -9.40
C SER E 23 46.73 -50.53 -8.97
N VAL E 24 46.93 -50.39 -7.67
CA VAL E 24 47.65 -49.24 -7.12
C VAL E 24 49.07 -49.63 -6.68
N SER E 25 49.95 -48.64 -6.67
CA SER E 25 51.34 -48.84 -6.26
C SER E 25 51.85 -47.59 -5.52
N GLY E 26 52.71 -47.82 -4.53
CA GLY E 26 53.34 -46.73 -3.77
C GLY E 26 52.45 -46.02 -2.77
N PHE E 27 51.71 -46.82 -2.00
CA PHE E 27 50.86 -46.36 -0.88
C PHE E 27 49.89 -47.47 -0.46
N SER E 28 49.73 -47.63 0.86
CA SER E 28 48.91 -48.69 1.43
C SER E 28 47.43 -48.41 1.23
N LEU E 29 46.68 -49.45 0.96
CA LEU E 29 45.24 -49.32 0.81
C LEU E 29 44.60 -48.96 2.14
N SER E 30 45.24 -49.41 3.21
CA SER E 30 44.82 -49.17 4.57
C SER E 30 45.24 -47.78 5.06
N SER E 31 45.90 -47.01 4.21
CA SER E 31 46.38 -45.67 4.56
C SER E 31 45.69 -44.57 3.76
N TYR E 32 45.18 -44.93 2.58
CA TYR E 32 44.49 -43.98 1.73
C TYR E 32 43.21 -44.65 1.17
N GLY E 33 42.27 -43.83 0.72
CA GLY E 33 41.03 -44.33 0.12
C GLY E 33 41.09 -44.28 -1.39
N VAL E 34 40.15 -44.92 -2.05
CA VAL E 34 40.14 -44.91 -3.51
C VAL E 34 38.83 -44.37 -4.05
N HIS E 35 38.95 -43.49 -5.04
CA HIS E 35 37.81 -42.84 -5.65
C HIS E 35 37.63 -43.35 -7.07
N TRP E 36 36.41 -43.21 -7.57
CA TRP E 36 36.13 -43.58 -8.92
C TRP E 36 35.47 -42.43 -9.67
N VAL E 37 36.11 -41.99 -10.76
CA VAL E 37 35.51 -40.96 -11.59
C VAL E 37 35.25 -41.50 -13.01
N ARG E 38 34.07 -41.18 -13.55
CA ARG E 38 33.68 -41.51 -14.93
C ARG E 38 33.70 -40.26 -15.82
N GLN E 39 34.05 -40.42 -17.10
CA GLN E 39 33.99 -39.34 -18.09
C GLN E 39 33.65 -39.90 -19.45
N SER E 40 32.49 -39.51 -19.95
CA SER E 40 32.03 -39.89 -21.28
C SER E 40 32.65 -38.89 -22.27
N PRO E 41 33.08 -39.36 -23.48
CA PRO E 41 33.99 -38.58 -24.35
C PRO E 41 33.31 -37.44 -25.18
N GLY E 42 33.57 -36.20 -24.79
CA GLY E 42 32.80 -35.05 -25.27
C GLY E 42 32.03 -34.36 -24.13
N GLN E 43 31.83 -35.11 -23.05
CA GLN E 43 31.16 -34.64 -21.82
C GLN E 43 32.14 -34.05 -20.77
N GLY E 44 31.65 -33.85 -19.55
CA GLY E 44 32.48 -33.51 -18.38
C GLY E 44 32.69 -34.69 -17.46
N LEU E 45 33.44 -34.48 -16.37
CA LEU E 45 33.68 -35.55 -15.40
C LEU E 45 32.44 -35.71 -14.53
N GLU E 46 32.41 -36.78 -13.74
CA GLU E 46 31.31 -37.10 -12.81
C GLU E 46 31.79 -38.14 -11.80
N TRP E 47 31.52 -37.90 -10.52
CA TRP E 47 32.06 -38.76 -9.48
C TRP E 47 31.13 -39.92 -9.17
N LEU E 48 31.66 -41.13 -9.23
CA LEU E 48 30.89 -42.35 -8.96
C LEU E 48 30.78 -42.74 -7.46
N GLY E 49 31.90 -42.80 -6.76
CA GLY E 49 31.94 -43.10 -5.30
C GLY E 49 33.32 -43.34 -4.66
N VAL E 50 33.35 -43.61 -3.35
CA VAL E 50 34.59 -44.04 -2.67
C VAL E 50 34.60 -45.45 -2.05
N ILE E 51 35.80 -45.93 -1.77
CA ILE E 51 36.02 -46.91 -0.73
C ILE E 51 37.19 -46.39 0.09
N TRP E 52 36.96 -46.28 1.40
CA TRP E 52 37.86 -45.52 2.28
C TRP E 52 38.98 -46.40 2.86
N SER E 53 39.91 -45.82 3.61
CA SER E 53 40.97 -46.62 4.23
C SER E 53 40.38 -47.73 5.10
N GLY E 54 39.24 -47.44 5.74
CA GLY E 54 38.43 -48.48 6.37
C GLY E 54 37.52 -49.18 5.38
N GLY E 55 36.84 -50.23 5.84
CA GLY E 55 35.90 -50.97 5.01
C GLY E 55 34.77 -50.12 4.43
N ASN E 56 34.31 -49.15 5.24
CA ASN E 56 33.17 -48.27 4.92
C ASN E 56 33.25 -47.60 3.55
N THR E 57 32.08 -47.34 2.95
CA THR E 57 31.99 -46.97 1.54
C THR E 57 30.75 -46.15 1.19
N HIS E 58 30.96 -44.92 0.72
CA HIS E 58 29.90 -44.09 0.15
C HIS E 58 29.98 -44.13 -1.38
N TYR E 59 28.85 -44.36 -2.03
CA TYR E 59 28.75 -44.11 -3.44
C TYR E 59 27.85 -42.90 -3.64
N ASN E 60 27.54 -42.68 -4.91
CA ASN E 60 26.71 -41.58 -5.38
C ASN E 60 25.25 -42.03 -5.49
N SER E 61 24.36 -41.25 -4.85
CA SER E 61 22.94 -41.62 -4.79
C SER E 61 22.19 -41.44 -6.13
N ALA E 62 22.68 -40.54 -6.99
CA ALA E 62 22.18 -40.39 -8.35
C ALA E 62 22.26 -41.73 -9.10
N LEU E 63 23.16 -42.60 -8.66
CA LEU E 63 23.13 -44.01 -9.02
C LEU E 63 22.39 -44.77 -7.95
N MET E 64 21.12 -45.08 -8.25
CA MET E 64 20.18 -45.79 -7.37
C MET E 64 20.83 -47.06 -6.81
N SER E 65 21.04 -48.03 -7.68
CA SER E 65 21.78 -49.21 -7.33
C SER E 65 23.05 -49.19 -8.20
N ARG E 66 23.40 -50.37 -8.73
CA ARG E 66 24.47 -50.53 -9.70
C ARG E 66 25.87 -50.58 -9.07
N LEU E 67 26.59 -49.47 -8.96
CA LEU E 67 28.01 -49.54 -8.54
C LEU E 67 28.24 -50.09 -7.13
N SER E 68 29.39 -50.73 -6.96
CA SER E 68 29.67 -51.55 -5.78
C SER E 68 31.18 -51.76 -5.62
N ILE E 69 31.85 -50.80 -4.95
CA ILE E 69 33.31 -50.77 -4.81
C ILE E 69 33.82 -51.57 -3.61
N SER E 70 34.67 -52.55 -3.89
CA SER E 70 35.29 -53.42 -2.88
C SER E 70 36.80 -53.39 -3.04
N LYS E 71 37.51 -54.06 -2.15
CA LYS E 71 38.97 -54.16 -2.29
C LYS E 71 39.57 -55.43 -1.69
N GLU E 72 40.82 -55.69 -2.10
CA GLU E 72 41.70 -56.68 -1.44
C GLU E 72 42.96 -55.95 -0.98
N ASN E 73 42.98 -55.54 0.29
CA ASN E 73 44.07 -54.77 0.87
C ASN E 73 45.47 -55.36 0.66
N SER E 74 45.61 -56.66 0.94
CA SER E 74 46.90 -57.36 0.78
C SER E 74 47.42 -57.31 -0.66
N LYS E 75 46.53 -57.55 -1.61
CA LYS E 75 46.92 -57.62 -3.01
C LYS E 75 47.05 -56.24 -3.72
N ASN E 76 46.80 -55.15 -2.98
CA ASN E 76 46.83 -53.77 -3.50
C ASN E 76 45.93 -53.54 -4.73
N GLN E 77 44.71 -54.09 -4.67
CA GLN E 77 43.71 -53.99 -5.74
C GLN E 77 42.37 -53.50 -5.18
N VAL E 78 41.78 -52.52 -5.86
CA VAL E 78 40.41 -52.06 -5.58
C VAL E 78 39.53 -52.42 -6.77
N PHE E 79 38.32 -52.92 -6.49
CA PHE E 79 37.41 -53.34 -7.54
C PHE E 79 36.19 -52.43 -7.69
N LEU E 80 35.79 -52.23 -8.93
CA LEU E 80 34.56 -51.54 -9.26
C LEU E 80 33.68 -52.55 -10.00
N LYS E 81 32.47 -52.71 -9.49
CA LYS E 81 31.49 -53.65 -10.05
C LYS E 81 30.20 -52.86 -10.33
N MET E 82 29.92 -52.64 -11.62
CA MET E 82 28.71 -51.91 -12.05
C MET E 82 27.84 -52.77 -12.96
N ASN E 83 26.52 -52.85 -12.66
CA ASN E 83 25.58 -53.66 -13.45
C ASN E 83 24.35 -52.90 -13.96
N SER E 84 23.53 -53.60 -14.76
CA SER E 84 22.39 -53.03 -15.47
C SER E 84 22.80 -51.79 -16.29
N LEU E 85 23.80 -51.98 -17.15
CA LEU E 85 24.35 -50.90 -17.98
C LEU E 85 23.43 -50.52 -19.12
N GLN E 86 23.29 -49.22 -19.32
CA GLN E 86 22.72 -48.68 -20.55
C GLN E 86 23.88 -48.14 -21.38
N THR E 87 23.59 -47.55 -22.53
CA THR E 87 24.58 -46.80 -23.28
C THR E 87 25.00 -45.61 -22.43
N ASP E 88 24.06 -45.06 -21.65
CA ASP E 88 24.36 -43.95 -20.71
C ASP E 88 25.51 -44.21 -19.70
N ASP E 89 26.21 -45.33 -19.86
CA ASP E 89 27.30 -45.70 -18.97
C ASP E 89 28.56 -45.88 -19.77
N THR E 90 28.50 -45.60 -21.07
CA THR E 90 29.69 -45.62 -21.94
C THR E 90 30.58 -44.43 -21.66
N ALA E 91 31.72 -44.69 -21.02
CA ALA E 91 32.64 -43.62 -20.65
C ALA E 91 34.03 -44.16 -20.40
N ILE E 92 34.97 -43.25 -20.12
CA ILE E 92 36.28 -43.60 -19.57
C ILE E 92 36.07 -43.66 -18.08
N TYR E 93 36.73 -44.61 -17.43
CA TYR E 93 36.59 -44.82 -15.98
C TYR E 93 37.94 -44.67 -15.25
N TYR E 94 38.05 -43.63 -14.45
CA TYR E 94 39.32 -43.28 -13.80
C TYR E 94 39.27 -43.74 -12.37
N CYS E 95 40.34 -44.37 -11.86
CA CYS E 95 40.46 -44.46 -10.40
C CYS E 95 41.39 -43.36 -9.90
N ALA E 96 41.13 -42.83 -8.71
CA ALA E 96 41.84 -41.65 -8.22
C ALA E 96 42.04 -41.59 -6.69
N ARG E 97 42.80 -40.60 -6.22
CA ARG E 97 43.18 -40.49 -4.81
C ARG E 97 43.47 -39.04 -4.38
N TYR E 102 40.93 -35.46 5.19
CA TYR E 102 41.08 -34.27 4.32
C TYR E 102 42.47 -33.99 3.60
N GLU E 103 43.32 -33.06 4.07
CA GLU E 103 44.54 -32.57 3.30
C GLU E 103 45.64 -33.60 2.82
N GLY E 104 46.19 -33.35 1.64
CA GLY E 104 47.07 -34.29 0.93
C GLY E 104 46.66 -34.53 -0.53
N ALA E 105 45.37 -34.82 -0.78
CA ALA E 105 44.88 -35.28 -2.11
C ALA E 105 43.32 -35.12 -2.43
N TRP E 106 42.92 -33.99 -3.07
CA TRP E 106 41.57 -33.70 -3.64
C TRP E 106 41.71 -34.12 -5.10
N PHE E 107 41.80 -35.43 -5.31
CA PHE E 107 42.13 -36.05 -6.61
C PHE E 107 43.44 -35.55 -7.25
N ALA E 108 44.52 -35.81 -6.52
CA ALA E 108 45.88 -35.39 -6.85
C ALA E 108 46.47 -36.30 -7.87
N TYR E 109 45.88 -37.48 -7.92
CA TYR E 109 46.39 -38.58 -8.71
C TYR E 109 45.23 -39.24 -9.41
N TRP E 110 45.43 -39.50 -10.70
CA TRP E 110 44.46 -40.21 -11.51
C TRP E 110 45.14 -41.29 -12.36
N GLY E 111 44.45 -42.39 -12.62
CA GLY E 111 44.91 -43.37 -13.62
C GLY E 111 44.81 -42.81 -15.03
N GLN E 112 45.25 -43.56 -16.04
CA GLN E 112 45.15 -43.06 -17.42
C GLN E 112 43.73 -43.16 -17.98
N GLY E 113 42.84 -43.81 -17.25
CA GLY E 113 41.51 -44.19 -17.75
C GLY E 113 41.42 -45.63 -18.24
N THR E 114 40.21 -46.06 -18.50
CA THR E 114 39.91 -47.36 -19.12
C THR E 114 38.60 -47.21 -19.87
N LEU E 115 38.61 -47.55 -21.17
CA LEU E 115 37.45 -47.23 -21.96
C LEU E 115 36.44 -48.36 -21.93
N VAL E 116 35.27 -48.01 -21.41
CA VAL E 116 34.09 -48.86 -21.35
C VAL E 116 33.18 -48.37 -22.45
N THR E 117 32.72 -49.30 -23.28
CA THR E 117 31.71 -49.01 -24.28
C THR E 117 30.53 -49.96 -24.07
N VAL E 118 29.34 -49.37 -23.96
CA VAL E 118 28.08 -50.13 -23.89
C VAL E 118 27.42 -50.08 -25.26
N SER E 119 27.55 -51.20 -25.96
CA SER E 119 27.06 -51.35 -27.30
C SER E 119 26.92 -52.84 -27.44
N ALA E 120 25.84 -53.27 -28.10
CA ALA E 120 25.57 -54.70 -28.26
C ALA E 120 26.28 -55.28 -29.50
N ALA E 121 27.20 -54.48 -30.06
CA ALA E 121 27.95 -54.85 -31.27
C ALA E 121 29.19 -55.70 -30.99
N LYS E 122 29.37 -56.73 -31.81
CA LYS E 122 30.41 -57.74 -31.64
C LYS E 122 31.81 -57.17 -31.89
N THR E 123 32.79 -57.67 -31.14
CA THR E 123 34.20 -57.24 -31.26
C THR E 123 34.90 -57.69 -32.57
N THR E 124 35.57 -56.72 -33.20
CA THR E 124 36.25 -56.91 -34.50
C THR E 124 37.69 -56.40 -34.42
N PRO E 125 38.66 -57.08 -35.06
CA PRO E 125 40.04 -56.60 -35.14
C PRO E 125 40.29 -55.71 -36.38
N PRO E 126 41.40 -54.94 -36.39
CA PRO E 126 41.63 -53.97 -37.47
C PRO E 126 42.65 -54.43 -38.51
N SER E 127 42.35 -54.26 -39.79
CA SER E 127 43.41 -54.39 -40.79
C SER E 127 44.18 -53.06 -40.92
N VAL E 128 45.50 -53.19 -40.99
CA VAL E 128 46.41 -52.05 -41.04
C VAL E 128 47.18 -52.00 -42.36
N TYR E 129 47.06 -50.88 -43.07
CA TYR E 129 47.72 -50.67 -44.36
C TYR E 129 48.73 -49.52 -44.33
N PRO E 130 49.98 -49.82 -44.68
CA PRO E 130 51.05 -48.83 -44.73
C PRO E 130 50.78 -47.79 -45.79
N LEU E 131 51.27 -46.57 -45.61
CA LEU E 131 51.00 -45.51 -46.57
C LEU E 131 52.06 -45.35 -47.64
N ALA E 132 53.12 -44.59 -47.39
CA ALA E 132 54.24 -44.47 -48.35
C ALA E 132 53.92 -43.74 -49.66
N PRO E 133 54.63 -42.65 -49.95
CA PRO E 133 54.35 -41.81 -51.12
C PRO E 133 54.69 -42.47 -52.44
N GLY E 134 54.21 -41.89 -53.54
CA GLY E 134 54.62 -42.32 -54.89
C GLY E 134 55.72 -41.41 -55.39
N SER E 135 56.82 -42.00 -55.87
CA SER E 135 58.11 -41.29 -56.14
C SER E 135 58.02 -39.81 -56.58
N ALA E 136 58.33 -38.86 -55.69
CA ALA E 136 58.79 -39.05 -54.27
C ALA E 136 60.28 -39.42 -54.06
N ALA E 137 60.99 -38.63 -53.25
CA ALA E 137 60.43 -37.42 -52.63
C ALA E 137 61.44 -36.26 -52.71
N GLN E 138 61.66 -35.75 -53.93
CA GLN E 138 62.57 -34.61 -54.19
C GLN E 138 62.11 -33.33 -53.47
N THR E 139 63.07 -32.48 -53.08
CA THR E 139 62.87 -31.29 -52.20
C THR E 139 61.87 -31.52 -51.03
N ASN E 140 61.23 -30.45 -50.51
CA ASN E 140 60.41 -30.54 -49.28
C ASN E 140 61.13 -31.39 -48.21
N SER E 141 62.44 -31.10 -48.06
CA SER E 141 63.40 -31.85 -47.23
C SER E 141 62.82 -32.38 -45.91
N MET E 142 61.88 -33.32 -46.03
CA MET E 142 61.10 -33.83 -44.89
C MET E 142 59.93 -34.65 -45.43
N VAL E 143 60.16 -35.92 -45.74
CA VAL E 143 59.12 -36.79 -46.30
C VAL E 143 58.20 -37.34 -45.20
N THR E 144 56.89 -37.11 -45.33
CA THR E 144 55.86 -37.59 -44.39
C THR E 144 55.22 -38.91 -44.83
N LEU E 145 55.16 -39.87 -43.90
CA LEU E 145 54.58 -41.21 -44.13
C LEU E 145 53.25 -41.37 -43.40
N GLY E 146 52.70 -42.58 -43.40
CA GLY E 146 51.45 -42.83 -42.69
C GLY E 146 51.09 -44.29 -42.53
N CYS E 147 49.96 -44.54 -41.88
CA CYS E 147 49.50 -45.88 -41.56
C CYS E 147 47.99 -45.83 -41.37
N LEU E 148 47.23 -46.63 -42.14
CA LEU E 148 45.77 -46.59 -42.12
C LEU E 148 45.18 -47.81 -41.42
N VAL E 149 44.24 -47.59 -40.50
CA VAL E 149 43.76 -48.66 -39.59
C VAL E 149 42.25 -48.87 -39.71
N LYS E 150 41.83 -50.01 -40.24
CA LYS E 150 40.46 -50.10 -40.75
C LYS E 150 39.53 -51.11 -40.15
N GLY E 151 38.27 -50.70 -40.00
CA GLY E 151 37.15 -51.56 -39.63
C GLY E 151 37.33 -52.51 -38.45
N TYR E 152 37.47 -51.94 -37.25
CA TYR E 152 37.59 -52.70 -36.02
C TYR E 152 36.60 -52.17 -35.02
N PHE E 153 36.48 -52.86 -33.91
CA PHE E 153 35.53 -52.50 -32.88
C PHE E 153 35.88 -53.37 -31.66
N PRO E 154 35.89 -52.76 -30.46
CA PRO E 154 35.55 -51.37 -30.24
C PRO E 154 36.77 -50.50 -30.08
N GLU E 155 36.51 -49.25 -29.73
CA GLU E 155 37.55 -48.37 -29.26
C GLU E 155 37.99 -48.94 -27.88
N PRO E 156 39.30 -48.91 -27.57
CA PRO E 156 40.38 -48.17 -28.21
C PRO E 156 41.29 -49.02 -29.06
N VAL E 157 42.27 -48.37 -29.67
CA VAL E 157 43.30 -49.06 -30.42
C VAL E 157 44.51 -48.16 -30.38
N THR E 158 45.67 -48.77 -30.18
CA THR E 158 46.88 -48.04 -29.91
C THR E 158 47.95 -48.17 -31.00
N VAL E 159 48.10 -47.08 -31.76
CA VAL E 159 49.03 -46.92 -32.88
C VAL E 159 50.36 -46.41 -32.35
N THR E 160 51.45 -47.08 -32.71
CA THR E 160 52.77 -46.52 -32.46
C THR E 160 53.80 -46.83 -33.56
N TRP E 161 54.97 -46.20 -33.46
CA TRP E 161 55.96 -46.13 -34.56
C TRP E 161 57.37 -46.49 -34.12
N ASN E 162 57.91 -47.55 -34.74
CA ASN E 162 59.20 -48.14 -34.38
C ASN E 162 59.31 -48.46 -32.88
N SER E 163 58.34 -49.20 -32.34
CA SER E 163 58.26 -49.42 -30.89
C SER E 163 58.30 -48.10 -30.09
N GLY E 164 57.93 -46.99 -30.73
CA GLY E 164 57.77 -45.70 -30.07
C GLY E 164 58.98 -44.79 -30.07
N SER E 165 59.98 -45.13 -30.89
CA SER E 165 61.21 -44.32 -30.98
C SER E 165 60.96 -43.01 -31.71
N LEU E 166 59.84 -43.00 -32.44
CA LEU E 166 59.28 -41.78 -33.00
C LEU E 166 58.12 -41.38 -32.14
N SER E 167 58.31 -40.27 -31.44
CA SER E 167 57.33 -39.77 -30.50
C SER E 167 56.74 -38.46 -31.02
N SER E 168 57.58 -37.50 -31.37
CA SER E 168 57.10 -36.28 -32.01
C SER E 168 57.16 -36.40 -33.54
N GLY E 169 56.26 -35.67 -34.23
CA GLY E 169 56.10 -35.77 -35.68
C GLY E 169 55.02 -36.77 -36.05
N VAL E 170 54.37 -37.30 -35.03
CA VAL E 170 53.25 -38.22 -35.23
C VAL E 170 51.94 -37.46 -35.08
N HIS E 171 51.07 -37.48 -36.08
CA HIS E 171 49.72 -37.03 -35.78
C HIS E 171 48.81 -38.25 -35.94
N THR E 172 48.31 -38.78 -34.82
CA THR E 172 47.31 -39.84 -34.88
C THR E 172 45.93 -39.25 -34.68
N PHE E 173 45.16 -39.25 -35.76
CA PHE E 173 43.78 -38.78 -35.81
C PHE E 173 42.77 -39.73 -35.17
N PRO E 174 41.76 -39.16 -34.50
CA PRO E 174 40.71 -39.90 -33.82
C PRO E 174 39.98 -40.80 -34.78
N ALA E 175 39.53 -41.95 -34.32
CA ALA E 175 38.79 -42.85 -35.18
C ALA E 175 37.47 -42.22 -35.60
N VAL E 176 36.89 -42.77 -36.66
CA VAL E 176 35.52 -42.43 -37.04
C VAL E 176 34.72 -43.71 -37.24
N LEU E 177 33.44 -43.56 -37.55
CA LEU E 177 32.47 -44.64 -37.45
C LEU E 177 31.92 -45.06 -38.83
N GLN E 178 32.72 -45.81 -39.59
CA GLN E 178 32.28 -46.31 -40.91
C GLN E 178 31.32 -47.48 -40.76
N SER E 179 30.04 -47.20 -41.04
CA SER E 179 28.96 -48.20 -41.05
C SER E 179 28.86 -49.04 -39.77
N ASP E 180 29.01 -48.39 -38.62
CA ASP E 180 29.04 -49.07 -37.31
C ASP E 180 30.40 -49.74 -36.98
N LEU E 181 31.41 -49.53 -37.83
CA LEU E 181 32.78 -49.97 -37.51
C LEU E 181 33.76 -48.80 -37.44
N TYR E 182 34.71 -48.91 -36.51
CA TYR E 182 35.72 -47.87 -36.29
C TYR E 182 36.88 -47.95 -37.28
N THR E 183 37.28 -46.79 -37.83
CA THR E 183 38.52 -46.68 -38.63
C THR E 183 39.28 -45.34 -38.52
N LEU E 184 40.61 -45.45 -38.57
CA LEU E 184 41.51 -44.40 -38.11
C LEU E 184 42.79 -44.33 -38.96
N SER E 185 43.44 -43.20 -38.94
CA SER E 185 44.65 -43.02 -39.70
C SER E 185 45.69 -42.40 -38.81
N SER E 186 46.95 -42.50 -39.23
CA SER E 186 48.06 -41.83 -38.55
C SER E 186 49.22 -41.47 -39.48
N SER E 187 49.76 -40.26 -39.32
CA SER E 187 50.96 -39.88 -40.05
C SER E 187 52.15 -40.00 -39.11
N VAL E 188 53.35 -40.04 -39.70
CA VAL E 188 54.63 -39.77 -39.00
C VAL E 188 55.35 -38.81 -39.90
N THR E 189 56.30 -38.05 -39.37
CA THR E 189 57.00 -37.14 -40.32
C THR E 189 58.50 -36.82 -40.11
N VAL E 190 59.28 -37.90 -40.18
CA VAL E 190 60.74 -37.89 -40.31
C VAL E 190 61.30 -37.05 -41.48
N PRO E 191 62.58 -36.71 -41.40
CA PRO E 191 63.22 -35.85 -42.39
C PRO E 191 63.59 -36.62 -43.65
N SER E 192 63.83 -35.90 -44.73
CA SER E 192 64.25 -36.52 -46.01
C SER E 192 65.19 -37.71 -45.81
N SER E 193 66.40 -37.40 -45.33
CA SER E 193 67.35 -38.35 -44.71
C SER E 193 66.64 -39.24 -43.72
N THR E 194 67.16 -40.44 -43.55
CA THR E 194 66.43 -41.53 -42.87
C THR E 194 65.10 -41.93 -43.53
N TRP E 195 65.01 -41.81 -44.85
CA TRP E 195 63.89 -42.42 -45.56
C TRP E 195 63.98 -42.38 -47.09
N PRO E 196 64.09 -43.56 -47.73
CA PRO E 196 64.12 -44.96 -47.27
C PRO E 196 65.02 -45.28 -46.05
N SER E 197 66.32 -45.02 -46.20
CA SER E 197 67.41 -45.21 -45.21
C SER E 197 67.16 -45.86 -43.82
N GLU E 198 66.55 -45.06 -42.92
CA GLU E 198 66.22 -45.43 -41.52
C GLU E 198 64.80 -46.04 -41.60
N THR E 199 64.75 -47.37 -41.57
CA THR E 199 63.54 -48.18 -41.79
C THR E 199 62.42 -47.83 -40.78
N VAL E 200 61.18 -47.63 -41.25
CA VAL E 200 60.07 -47.15 -40.37
C VAL E 200 58.83 -48.05 -40.36
N THR E 201 58.37 -48.44 -39.15
CA THR E 201 57.23 -49.37 -38.98
C THR E 201 56.18 -48.81 -38.04
N CYS E 202 54.91 -48.82 -38.45
CA CYS E 202 53.78 -48.59 -37.51
C CYS E 202 53.38 -49.90 -36.86
N ASN E 203 53.09 -49.82 -35.55
CA ASN E 203 52.62 -50.96 -34.81
C ASN E 203 51.35 -50.63 -34.06
N VAL E 204 50.26 -51.24 -34.51
CA VAL E 204 48.95 -50.99 -33.93
C VAL E 204 48.53 -52.13 -33.00
N ALA E 205 47.93 -51.78 -31.86
CA ALA E 205 47.62 -52.78 -30.85
C ALA E 205 46.12 -52.84 -30.63
N HIS E 206 45.50 -54.00 -30.80
CA HIS E 206 44.07 -54.10 -30.50
C HIS E 206 43.76 -54.91 -29.25
N PRO E 207 43.82 -54.24 -28.09
CA PRO E 207 43.67 -54.94 -26.81
C PRO E 207 42.34 -55.65 -26.80
N ALA E 208 41.28 -54.88 -27.05
CA ALA E 208 39.90 -55.36 -27.00
C ALA E 208 39.61 -56.51 -27.95
N SER E 209 40.57 -56.81 -28.83
CA SER E 209 40.45 -57.97 -29.73
C SER E 209 41.60 -58.95 -29.51
N SER E 210 42.69 -58.44 -28.93
CA SER E 210 43.90 -59.20 -28.67
C SER E 210 44.66 -59.39 -30.00
N THR E 211 45.03 -58.27 -30.60
CA THR E 211 45.66 -58.25 -31.91
C THR E 211 46.86 -57.32 -31.93
N LYS E 212 48.05 -57.90 -32.05
CA LYS E 212 49.28 -57.10 -32.11
C LYS E 212 49.86 -57.21 -33.52
N VAL E 213 50.08 -56.05 -34.17
CA VAL E 213 50.56 -56.01 -35.55
C VAL E 213 51.52 -54.85 -35.87
N ASP E 214 52.60 -55.21 -36.56
CA ASP E 214 53.61 -54.28 -37.04
C ASP E 214 53.57 -54.31 -38.56
N LYS E 215 53.29 -53.16 -39.18
CA LYS E 215 53.35 -53.07 -40.63
C LYS E 215 54.38 -52.03 -41.05
N LYS E 216 55.32 -52.47 -41.88
CA LYS E 216 56.43 -51.63 -42.31
C LYS E 216 56.05 -50.85 -43.55
N ILE E 217 56.43 -49.57 -43.57
CA ILE E 217 56.18 -48.70 -44.70
C ILE E 217 57.32 -48.82 -45.70
N VAL E 218 57.05 -49.54 -46.78
CA VAL E 218 58.03 -49.84 -47.83
C VAL E 218 57.78 -48.93 -49.03
N PRO E 219 58.85 -48.28 -49.55
CA PRO E 219 58.74 -47.20 -50.55
C PRO E 219 58.31 -47.66 -51.94
N ARG E 220 58.01 -46.69 -52.81
CA ARG E 220 57.30 -46.85 -54.10
C ARG E 220 55.84 -47.29 -54.01
N CYS F 1 53.32 -44.48 5.39
CA CYS F 1 53.22 -43.31 6.29
C CYS F 1 53.49 -42.03 5.47
N PRO F 2 52.80 -40.90 5.80
CA PRO F 2 52.84 -39.56 5.13
C PRO F 2 54.06 -38.72 5.43
N GLY F 3 54.42 -37.80 4.53
CA GLY F 3 55.64 -36.97 4.64
C GLY F 3 56.07 -36.45 6.02
N ALA F 4 57.32 -36.74 6.39
CA ALA F 4 57.91 -36.42 7.71
C ALA F 4 56.90 -36.59 8.85
N CYS F 5 56.68 -37.85 9.21
CA CYS F 5 55.83 -38.23 10.33
C CYS F 5 56.36 -39.56 10.78
N VAL F 6 56.45 -39.75 12.10
CA VAL F 6 56.93 -41.00 12.66
C VAL F 6 55.82 -42.04 12.56
N CYS F 7 56.20 -43.30 12.34
CA CYS F 7 55.24 -44.38 12.35
C CYS F 7 55.90 -45.63 12.93
N TYR F 8 55.48 -45.99 14.14
CA TYR F 8 56.04 -47.14 14.85
C TYR F 8 54.94 -47.98 15.48
N ASN F 9 55.28 -49.22 15.84
CA ASN F 9 54.27 -50.23 16.21
C ASN F 9 54.32 -50.64 17.67
N GLU F 10 55.53 -50.76 18.20
CA GLU F 10 55.71 -50.94 19.62
C GLU F 10 56.01 -49.57 20.23
N PRO F 11 55.38 -49.26 21.38
CA PRO F 11 54.42 -50.10 22.11
C PRO F 11 53.07 -50.28 21.40
N LYS F 12 52.32 -49.20 21.23
CA LYS F 12 51.07 -49.20 20.45
C LYS F 12 51.32 -48.59 19.07
N VAL F 13 50.41 -48.82 18.14
CA VAL F 13 50.60 -48.29 16.80
C VAL F 13 50.29 -46.80 16.82
N THR F 14 51.14 -46.04 16.14
CA THR F 14 51.26 -44.62 16.40
C THR F 14 51.70 -43.82 15.18
N THR F 15 51.02 -42.69 14.94
CA THR F 15 51.43 -41.70 13.95
C THR F 15 51.77 -40.42 14.70
N SER F 16 53.03 -40.01 14.60
CA SER F 16 53.50 -38.81 15.27
C SER F 16 53.78 -37.78 14.20
N CYS F 17 53.04 -36.70 14.25
CA CYS F 17 53.18 -35.63 13.28
C CYS F 17 53.28 -34.26 13.96
N PRO F 18 54.11 -34.14 15.01
CA PRO F 18 54.15 -32.92 15.81
C PRO F 18 54.89 -31.77 15.11
N GLN F 19 54.35 -30.55 15.23
CA GLN F 19 54.82 -29.32 14.51
C GLN F 19 55.49 -29.54 13.15
N GLN F 20 54.76 -30.10 12.20
CA GLN F 20 55.20 -30.14 10.82
C GLN F 20 54.83 -28.84 10.13
N GLY F 21 53.76 -28.20 10.61
CA GLY F 21 53.15 -27.06 9.93
C GLY F 21 52.11 -27.49 8.89
N LEU F 22 51.27 -28.47 9.26
CA LEU F 22 50.20 -28.97 8.42
C LEU F 22 48.99 -28.04 8.52
N GLN F 23 48.31 -27.78 7.41
CA GLN F 23 47.22 -26.78 7.38
C GLN F 23 45.85 -27.35 7.79
N ALA F 24 45.76 -28.66 7.75
CA ALA F 24 44.60 -29.37 8.23
C ALA F 24 44.98 -30.83 8.53
N VAL F 25 44.01 -31.60 9.00
CA VAL F 25 44.16 -33.02 9.26
C VAL F 25 44.68 -33.72 8.00
N PRO F 26 45.71 -34.58 8.12
CA PRO F 26 46.35 -35.21 6.94
C PRO F 26 45.70 -36.50 6.42
N THR F 27 45.67 -36.66 5.10
CA THR F 27 45.39 -37.96 4.52
C THR F 27 46.62 -38.78 4.76
N GLY F 28 46.43 -40.07 5.05
CA GLY F 28 47.53 -41.02 5.10
C GLY F 28 47.67 -41.80 6.38
N ILE F 29 46.91 -41.42 7.40
CA ILE F 29 47.00 -42.00 8.72
C ILE F 29 46.48 -43.44 8.73
N PRO F 30 47.36 -44.44 8.97
CA PRO F 30 46.91 -45.83 8.88
C PRO F 30 45.81 -46.15 9.88
N ALA F 31 44.87 -47.02 9.47
CA ALA F 31 43.66 -47.31 10.25
C ALA F 31 43.89 -48.30 11.38
N SER F 32 45.11 -48.83 11.44
CA SER F 32 45.56 -49.69 12.52
C SER F 32 45.95 -48.84 13.71
N SER F 33 46.15 -47.54 13.45
CA SER F 33 46.65 -46.56 14.42
C SER F 33 45.93 -46.56 15.74
N GLN F 34 46.70 -46.71 16.80
CA GLN F 34 46.17 -46.73 18.16
C GLN F 34 46.35 -45.37 18.80
N ARG F 35 47.18 -44.53 18.19
CA ARG F 35 47.53 -43.24 18.77
C ARG F 35 47.93 -42.24 17.72
N ILE F 36 47.20 -41.14 17.65
CA ILE F 36 47.54 -40.07 16.71
C ILE F 36 47.91 -38.77 17.42
N PHE F 37 49.12 -38.26 17.14
CA PHE F 37 49.58 -36.98 17.68
C PHE F 37 49.64 -35.98 16.55
N LEU F 38 48.87 -34.90 16.67
CA LEU F 38 48.83 -33.87 15.61
C LEU F 38 49.01 -32.45 16.13
N HIS F 39 49.60 -32.33 17.31
CA HIS F 39 49.71 -31.06 18.01
C HIS F 39 50.85 -30.18 17.54
N GLY F 40 50.66 -28.87 17.65
CA GLY F 40 51.70 -27.93 17.24
C GLY F 40 51.52 -27.42 15.82
N ASN F 41 51.03 -28.28 14.93
CA ASN F 41 50.66 -27.90 13.59
C ASN F 41 49.68 -26.73 13.57
N ARG F 42 49.26 -26.32 12.38
CA ARG F 42 48.38 -25.15 12.25
C ARG F 42 47.07 -25.45 11.55
N ILE F 43 46.46 -26.57 11.97
CA ILE F 43 45.17 -27.06 11.50
C ILE F 43 44.03 -26.20 12.02
N SER F 44 43.11 -25.78 11.15
CA SER F 44 42.07 -24.85 11.60
C SER F 44 40.64 -25.39 11.60
N TYR F 45 40.49 -26.70 11.45
CA TYR F 45 39.19 -27.36 11.50
C TYR F 45 39.37 -28.87 11.57
N VAL F 46 38.53 -29.54 12.34
CA VAL F 46 38.48 -30.99 12.25
C VAL F 46 37.26 -31.41 11.41
N PRO F 47 37.52 -31.96 10.20
CA PRO F 47 36.40 -32.38 9.35
C PRO F 47 35.57 -33.53 9.94
N ALA F 48 34.31 -33.57 9.52
CA ALA F 48 33.42 -34.66 9.85
C ALA F 48 34.10 -35.98 9.55
N ALA F 49 34.16 -36.85 10.54
CA ALA F 49 34.59 -38.22 10.31
C ALA F 49 36.05 -38.33 9.90
N SER F 50 36.91 -37.47 10.44
CA SER F 50 38.32 -37.50 10.10
C SER F 50 38.97 -38.84 10.46
N PHE F 51 38.84 -39.26 11.71
CA PHE F 51 39.65 -40.41 12.20
C PHE F 51 38.90 -41.75 12.31
N GLN F 52 37.85 -41.88 11.52
CA GLN F 52 36.85 -42.95 11.66
C GLN F 52 37.31 -44.37 11.29
N SER F 53 38.22 -44.47 10.34
CA SER F 53 38.71 -45.78 9.88
C SER F 53 39.61 -46.40 10.95
N CYS F 54 40.28 -45.54 11.71
CA CYS F 54 41.13 -45.95 12.83
C CYS F 54 40.28 -46.38 14.03
N ARG F 55 39.55 -47.50 13.88
CA ARG F 55 38.61 -47.94 14.90
C ARG F 55 39.32 -48.53 16.11
N ASN F 56 40.61 -48.21 16.22
CA ASN F 56 41.41 -48.63 17.35
C ASN F 56 41.84 -47.48 18.24
N LEU F 57 41.75 -46.27 17.71
CA LEU F 57 42.33 -45.10 18.35
C LEU F 57 41.91 -44.92 19.81
N THR F 58 42.91 -44.84 20.68
CA THR F 58 42.72 -44.63 22.13
C THR F 58 43.39 -43.36 22.66
N ILE F 59 44.33 -42.81 21.90
CA ILE F 59 44.87 -41.47 22.20
C ILE F 59 45.01 -40.63 20.93
N LEU F 60 44.49 -39.41 21.03
CA LEU F 60 44.59 -38.45 19.96
C LEU F 60 44.82 -37.09 20.56
N TRP F 61 45.86 -36.38 20.10
CA TRP F 61 46.09 -34.98 20.52
C TRP F 61 45.95 -33.97 19.38
N LEU F 62 45.11 -32.96 19.56
CA LEU F 62 45.09 -31.85 18.60
C LEU F 62 45.34 -30.48 19.22
N HIS F 63 46.18 -30.42 20.24
CA HIS F 63 46.36 -29.18 20.96
C HIS F 63 47.40 -28.29 20.30
N SER F 64 47.42 -27.01 20.67
CA SER F 64 48.37 -26.03 20.13
C SER F 64 48.31 -25.89 18.61
N ASN F 65 47.11 -25.98 18.06
CA ASN F 65 46.88 -25.71 16.65
C ASN F 65 46.30 -24.30 16.44
N ALA F 66 45.49 -24.15 15.39
CA ALA F 66 44.79 -22.92 15.14
C ALA F 66 43.31 -23.23 14.95
N LEU F 67 42.80 -24.15 15.77
CA LEU F 67 41.41 -24.60 15.66
C LEU F 67 40.44 -23.45 15.75
N ALA F 68 39.63 -23.34 14.69
CA ALA F 68 38.55 -22.37 14.61
C ALA F 68 37.23 -23.04 14.92
N GLY F 69 37.14 -24.34 14.63
CA GLY F 69 35.95 -25.13 14.98
C GLY F 69 36.21 -26.63 14.87
N ILE F 70 35.34 -27.40 15.51
CA ILE F 70 35.33 -28.86 15.38
C ILE F 70 33.95 -29.24 14.90
N ASP F 71 33.87 -29.95 13.77
CA ASP F 71 32.58 -30.46 13.28
C ASP F 71 31.95 -31.45 14.28
N ALA F 72 30.63 -31.40 14.34
CA ALA F 72 29.81 -32.07 15.35
C ALA F 72 29.90 -33.58 15.31
N ALA F 73 30.32 -34.11 14.17
CA ALA F 73 30.54 -35.54 14.01
C ALA F 73 32.01 -35.80 13.73
N ALA F 74 32.89 -34.98 14.32
CA ALA F 74 34.33 -35.09 14.08
C ALA F 74 34.92 -36.39 14.59
N PHE F 75 34.47 -36.84 15.77
CA PHE F 75 35.09 -38.01 16.39
C PHE F 75 34.27 -39.28 16.28
N THR F 76 33.23 -39.21 15.44
CA THR F 76 32.48 -40.38 15.03
C THR F 76 33.41 -41.55 14.68
N GLY F 77 33.14 -42.71 15.28
CA GLY F 77 33.82 -43.98 14.92
C GLY F 77 34.92 -44.44 15.89
N LEU F 78 35.21 -43.58 16.87
CA LEU F 78 36.32 -43.76 17.83
C LEU F 78 35.89 -44.29 19.21
N THR F 79 35.01 -45.28 19.19
CA THR F 79 34.44 -45.90 20.38
C THR F 79 35.47 -46.10 21.49
N LEU F 80 36.71 -46.34 21.07
CA LEU F 80 37.76 -46.76 21.99
C LEU F 80 38.64 -45.63 22.50
N LEU F 81 38.46 -44.43 21.95
CA LEU F 81 39.27 -43.25 22.30
C LEU F 81 39.28 -42.94 23.80
N GLU F 82 40.47 -42.97 24.41
CA GLU F 82 40.64 -42.81 25.87
C GLU F 82 41.05 -41.38 26.27
N GLN F 83 42.08 -40.87 25.63
CA GLN F 83 42.52 -39.50 25.88
C GLN F 83 42.19 -38.67 24.68
N LEU F 84 41.67 -37.47 24.95
CA LEU F 84 41.41 -36.47 23.89
C LEU F 84 41.86 -35.07 24.32
N ASP F 85 42.83 -34.50 23.60
CA ASP F 85 43.48 -33.23 23.99
C ASP F 85 43.27 -32.18 22.91
N LEU F 86 42.53 -31.13 23.25
CA LEU F 86 42.15 -30.12 22.29
C LEU F 86 42.56 -28.74 22.74
N SER F 87 43.62 -28.65 23.53
CA SER F 87 43.99 -27.37 24.14
C SER F 87 44.86 -26.42 23.28
N ASP F 88 45.35 -25.36 23.91
CA ASP F 88 46.03 -24.21 23.27
C ASP F 88 45.50 -23.91 21.87
N ASN F 89 44.17 -23.98 21.73
CA ASN F 89 43.48 -23.58 20.49
C ASN F 89 42.65 -22.31 20.69
N ALA F 90 43.35 -21.26 21.12
CA ALA F 90 42.81 -19.98 21.59
C ALA F 90 41.57 -19.38 20.88
N GLN F 91 41.38 -19.70 19.61
CA GLN F 91 40.27 -19.09 18.86
C GLN F 91 39.10 -20.04 18.48
N LEU F 92 38.97 -21.16 19.21
CA LEU F 92 37.93 -22.17 18.93
C LEU F 92 36.53 -21.70 19.34
N ARG F 93 36.35 -21.44 20.63
CA ARG F 93 35.21 -20.68 21.19
C ARG F 93 33.92 -21.46 21.46
N VAL F 94 33.42 -22.18 20.47
CA VAL F 94 32.24 -23.00 20.68
C VAL F 94 32.45 -24.38 20.12
N VAL F 95 32.06 -25.39 20.88
CA VAL F 95 32.04 -26.78 20.41
C VAL F 95 30.60 -27.23 20.31
N ASP F 96 30.22 -27.88 19.20
CA ASP F 96 28.85 -28.40 19.10
C ASP F 96 28.64 -29.42 20.25
N PRO F 97 27.52 -29.27 20.99
CA PRO F 97 27.09 -30.14 22.09
C PRO F 97 26.86 -31.62 21.76
N THR F 98 27.01 -32.03 20.51
CA THR F 98 26.94 -33.45 20.17
C THR F 98 28.31 -33.94 19.79
N THR F 99 29.32 -33.11 19.97
CA THR F 99 30.64 -33.41 19.45
C THR F 99 31.26 -34.62 20.12
N PHE F 100 30.80 -34.94 21.34
CA PHE F 100 31.38 -36.04 22.13
C PHE F 100 30.50 -37.26 22.25
N ARG F 101 29.39 -37.26 21.52
CA ARG F 101 28.40 -38.30 21.62
C ARG F 101 29.00 -39.68 21.29
N GLY F 102 28.77 -40.65 22.18
CA GLY F 102 29.16 -42.03 21.95
C GLY F 102 30.59 -42.41 22.28
N LEU F 103 31.38 -41.44 22.77
CA LEU F 103 32.79 -41.68 23.17
C LEU F 103 32.89 -42.43 24.49
N GLY F 104 32.48 -43.70 24.47
CA GLY F 104 32.22 -44.48 25.66
C GLY F 104 33.36 -44.71 26.62
N HIS F 105 34.54 -45.03 26.09
CA HIS F 105 35.67 -45.43 26.92
C HIS F 105 36.69 -44.28 27.09
N LEU F 106 36.21 -43.04 27.26
CA LEU F 106 37.08 -41.84 27.35
C LEU F 106 37.49 -41.41 28.77
N HIS F 107 38.74 -41.73 29.16
CA HIS F 107 39.34 -41.41 30.50
C HIS F 107 39.50 -39.88 30.69
N THR F 108 40.21 -39.23 29.76
CA THR F 108 40.77 -37.89 29.98
C THR F 108 40.40 -36.94 28.84
N LEU F 109 39.91 -35.75 29.19
CA LEU F 109 39.61 -34.74 28.18
C LEU F 109 40.03 -33.33 28.55
N HIS F 110 40.78 -32.71 27.64
CA HIS F 110 41.36 -31.36 27.78
C HIS F 110 40.60 -30.34 26.94
N LEU F 111 39.97 -29.37 27.58
CA LEU F 111 39.70 -28.11 26.88
C LEU F 111 40.31 -26.94 27.65
N ASP F 112 41.46 -27.19 28.31
CA ASP F 112 42.26 -26.11 28.90
C ASP F 112 42.43 -25.06 27.84
N ARG F 113 42.25 -23.79 28.21
CA ARG F 113 42.58 -22.63 27.36
C ARG F 113 42.10 -22.65 25.88
N CYS F 114 40.78 -22.63 25.69
CA CYS F 114 40.19 -22.61 24.32
C CYS F 114 39.36 -21.36 23.97
N GLY F 115 39.26 -20.42 24.90
CA GLY F 115 38.38 -19.27 24.73
C GLY F 115 36.92 -19.65 24.56
N LEU F 116 36.47 -20.67 25.30
CA LEU F 116 35.08 -21.16 25.26
C LEU F 116 34.08 -20.20 25.92
N GLN F 117 33.04 -19.81 25.17
CA GLN F 117 32.01 -18.90 25.70
C GLN F 117 30.89 -19.64 26.44
N GLU F 118 30.21 -20.54 25.74
CA GLU F 118 29.09 -21.32 26.30
C GLU F 118 29.52 -22.74 26.72
N LEU F 119 28.71 -23.38 27.57
CA LEU F 119 28.77 -24.83 27.83
C LEU F 119 27.45 -25.45 27.41
N GLY F 120 27.29 -25.67 26.10
CA GLY F 120 26.02 -26.09 25.49
C GLY F 120 25.33 -27.23 26.22
N PRO F 121 23.98 -27.31 26.09
CA PRO F 121 23.14 -28.30 26.78
C PRO F 121 23.58 -29.75 26.52
N GLY F 122 23.93 -30.48 27.56
CA GLY F 122 24.35 -31.87 27.42
C GLY F 122 25.52 -32.13 26.49
N LEU F 123 26.61 -31.40 26.70
CA LEU F 123 27.82 -31.52 25.88
C LEU F 123 28.70 -32.69 26.36
N PHE F 124 28.82 -32.81 27.67
CA PHE F 124 29.38 -34.01 28.30
C PHE F 124 28.25 -34.95 28.67
N ARG F 125 27.35 -35.18 27.73
CA ARG F 125 26.36 -36.18 27.94
C ARG F 125 26.95 -37.50 27.51
N GLY F 126 26.73 -38.51 28.36
CA GLY F 126 27.07 -39.89 28.04
C GLY F 126 28.52 -40.31 28.28
N LEU F 127 29.33 -39.41 28.84
CA LEU F 127 30.74 -39.71 29.14
C LEU F 127 30.95 -40.49 30.46
N ALA F 128 30.21 -41.59 30.59
CA ALA F 128 30.19 -42.42 31.81
C ALA F 128 31.48 -42.39 32.59
N ALA F 129 32.57 -42.86 31.96
CA ALA F 129 33.82 -43.15 32.66
C ALA F 129 34.89 -42.06 32.56
N LEU F 130 34.45 -40.81 32.39
CA LEU F 130 35.40 -39.71 32.37
C LEU F 130 35.98 -39.53 33.76
N GLN F 131 37.26 -39.20 33.83
CA GLN F 131 37.99 -39.00 35.09
C GLN F 131 38.53 -37.57 35.22
N TYR F 132 39.18 -37.08 34.19
CA TYR F 132 39.86 -35.81 34.25
C TYR F 132 39.22 -34.86 33.26
N LEU F 133 38.68 -33.74 33.75
CA LEU F 133 38.11 -32.77 32.84
C LEU F 133 38.70 -31.44 33.11
N TYR F 134 39.32 -30.90 32.07
CA TYR F 134 40.07 -29.66 32.16
C TYR F 134 39.37 -28.54 31.42
N LEU F 135 38.84 -27.61 32.19
CA LEU F 135 38.13 -26.50 31.58
C LEU F 135 38.74 -25.13 31.89
N GLN F 136 39.88 -25.14 32.56
CA GLN F 136 40.55 -23.92 32.98
C GLN F 136 40.99 -22.99 31.87
N ASP F 137 40.92 -21.69 32.13
CA ASP F 137 41.52 -20.64 31.27
C ASP F 137 40.67 -20.17 30.10
N ASN F 138 39.39 -20.55 30.07
CA ASN F 138 38.52 -20.19 28.96
C ASN F 138 37.78 -18.88 29.24
N ASN F 139 36.70 -18.62 28.51
CA ASN F 139 35.89 -17.43 28.75
C ASN F 139 34.45 -17.76 29.15
N LEU F 140 34.28 -18.96 29.75
CA LEU F 140 33.00 -19.46 30.29
C LEU F 140 32.45 -18.52 31.35
N GLN F 141 31.21 -18.05 31.16
CA GLN F 141 30.63 -17.04 32.09
C GLN F 141 29.26 -17.41 32.62
N ALA F 142 28.93 -18.69 32.53
CA ALA F 142 27.80 -19.25 33.24
C ALA F 142 28.07 -20.72 33.51
N LEU F 143 27.34 -21.30 34.44
CA LEU F 143 27.30 -22.76 34.59
C LEU F 143 25.84 -23.26 34.55
N PRO F 144 25.52 -24.11 33.56
CA PRO F 144 24.16 -24.60 33.56
C PRO F 144 23.93 -25.65 34.66
N ASP F 145 22.67 -25.84 35.06
CA ASP F 145 22.30 -26.97 35.90
C ASP F 145 22.61 -28.24 35.12
N ASN F 146 22.97 -29.29 35.85
CA ASN F 146 23.13 -30.63 35.28
C ASN F 146 24.12 -30.74 34.09
N THR F 147 25.12 -29.87 34.05
CA THR F 147 26.08 -29.83 32.93
C THR F 147 27.02 -31.05 32.93
N PHE F 148 27.37 -31.52 34.13
CA PHE F 148 28.19 -32.71 34.27
C PHE F 148 27.40 -33.82 34.95
N ARG F 149 26.08 -33.82 34.76
CA ARG F 149 25.20 -34.81 35.38
C ARG F 149 25.66 -36.26 35.11
N ASP F 150 26.03 -36.56 33.87
CA ASP F 150 26.33 -37.93 33.43
C ASP F 150 27.73 -38.45 33.82
N LEU F 151 28.52 -37.60 34.48
CA LEU F 151 29.94 -37.90 34.77
C LEU F 151 30.14 -38.59 36.13
N GLY F 152 29.65 -39.82 36.26
CA GLY F 152 29.81 -40.57 37.51
C GLY F 152 31.23 -40.57 38.04
N ASN F 153 32.18 -41.02 37.23
CA ASN F 153 33.51 -41.38 37.72
C ASN F 153 34.55 -40.28 37.74
N LEU F 154 34.14 -39.05 37.38
CA LEU F 154 35.03 -37.90 37.32
C LEU F 154 35.60 -37.58 38.68
N THR F 155 36.92 -37.65 38.81
CA THR F 155 37.59 -37.32 40.06
C THR F 155 38.12 -35.89 40.05
N HIS F 156 38.94 -35.57 39.07
CA HIS F 156 39.45 -34.23 38.95
C HIS F 156 38.52 -33.36 38.05
N LEU F 157 38.03 -32.24 38.57
CA LEU F 157 37.44 -31.20 37.71
C LEU F 157 38.18 -29.88 37.79
N PHE F 158 38.56 -29.30 36.66
CA PHE F 158 39.34 -28.04 36.66
C PHE F 158 38.70 -26.90 35.91
N LEU F 159 38.29 -25.89 36.65
CA LEU F 159 37.54 -24.81 36.03
C LEU F 159 38.15 -23.45 36.25
N HIS F 160 39.41 -23.39 36.66
CA HIS F 160 39.92 -22.13 37.15
C HIS F 160 40.26 -21.14 36.07
N GLY F 161 40.24 -19.87 36.43
CA GLY F 161 40.61 -18.81 35.51
C GLY F 161 39.59 -18.54 34.41
N ASN F 162 38.32 -18.56 34.79
CA ASN F 162 37.24 -18.16 33.89
C ASN F 162 36.54 -16.89 34.40
N ARG F 163 35.31 -16.66 33.97
CA ARG F 163 34.57 -15.46 34.35
C ARG F 163 33.19 -15.80 34.92
N ILE F 164 33.09 -17.04 35.42
CA ILE F 164 31.90 -17.53 36.12
C ILE F 164 31.43 -16.54 37.18
N PRO F 165 30.11 -16.31 37.27
CA PRO F 165 29.60 -15.35 38.23
C PRO F 165 28.94 -15.97 39.45
N SER F 166 28.36 -17.14 39.30
CA SER F 166 27.58 -17.75 40.38
C SER F 166 27.64 -19.27 40.27
N VAL F 167 27.17 -19.97 41.29
CA VAL F 167 26.94 -21.42 41.20
C VAL F 167 25.47 -21.71 41.52
N PRO F 168 24.72 -22.25 40.54
CA PRO F 168 23.33 -22.69 40.76
C PRO F 168 23.12 -24.07 41.41
N GLU F 169 21.93 -24.24 41.97
CA GLU F 169 21.51 -25.40 42.78
C GLU F 169 22.06 -26.72 42.22
N HIS F 170 21.76 -26.95 40.96
CA HIS F 170 22.06 -28.21 40.30
C HIS F 170 23.31 -28.08 39.39
N ALA F 171 24.09 -27.02 39.58
CA ALA F 171 25.32 -26.86 38.79
C ALA F 171 26.22 -28.10 38.87
N PHE F 172 26.55 -28.54 40.07
CA PHE F 172 27.43 -29.72 40.21
C PHE F 172 26.76 -31.11 40.37
N ARG F 173 25.44 -31.20 40.20
CA ARG F 173 24.77 -32.46 40.42
C ARG F 173 25.41 -33.56 39.59
N GLY F 174 25.56 -34.72 40.21
CA GLY F 174 26.05 -35.92 39.53
C GLY F 174 27.46 -36.42 39.79
N LEU F 175 28.36 -35.56 40.27
CA LEU F 175 29.78 -35.90 40.49
C LEU F 175 29.97 -36.66 41.79
N HIS F 176 29.25 -37.77 41.85
CA HIS F 176 29.13 -38.60 43.03
C HIS F 176 30.50 -39.03 43.55
N SER F 177 31.50 -39.09 42.68
CA SER F 177 32.85 -39.48 43.08
C SER F 177 33.92 -38.53 42.54
N LEU F 178 33.77 -37.25 42.87
CA LEU F 178 34.77 -36.23 42.56
C LEU F 178 35.81 -36.14 43.67
N ASP F 179 36.98 -35.57 43.35
CA ASP F 179 38.14 -35.63 44.24
C ASP F 179 38.90 -34.30 44.36
N ARG F 180 39.25 -33.72 43.23
CA ARG F 180 39.93 -32.44 43.21
C ARG F 180 38.96 -31.51 42.43
N LEU F 181 38.43 -30.47 43.08
CA LEU F 181 37.62 -29.44 42.39
C LEU F 181 38.16 -28.00 42.52
N LEU F 182 38.59 -27.43 41.41
CA LEU F 182 39.23 -26.10 41.42
C LEU F 182 38.42 -25.02 40.68
N LEU F 183 38.00 -24.00 41.43
CA LEU F 183 37.08 -23.00 40.95
C LEU F 183 37.65 -21.62 41.18
N HIS F 184 38.93 -21.59 41.49
CA HIS F 184 39.64 -20.36 41.78
C HIS F 184 39.79 -19.47 40.54
N GLN F 185 40.22 -18.23 40.77
CA GLN F 185 40.48 -17.24 39.70
C GLN F 185 39.29 -17.01 38.77
N ASN F 186 38.14 -16.66 39.35
CA ASN F 186 36.92 -16.38 38.58
C ASN F 186 36.29 -15.05 39.01
N HIS F 187 35.14 -14.69 38.45
CA HIS F 187 34.43 -13.51 38.92
C HIS F 187 33.23 -13.94 39.81
N VAL F 188 33.30 -15.18 40.35
CA VAL F 188 32.28 -15.88 41.21
C VAL F 188 31.78 -15.18 42.51
N ALA F 189 30.47 -14.95 42.63
CA ALA F 189 29.88 -14.12 43.71
C ALA F 189 28.78 -14.74 44.61
N ARG F 190 28.09 -15.76 44.11
CA ARG F 190 27.07 -16.48 44.89
C ARG F 190 27.26 -17.98 44.72
N VAL F 191 27.27 -18.72 45.83
CA VAL F 191 27.12 -20.17 45.77
C VAL F 191 25.70 -20.44 46.22
N HIS F 192 25.00 -21.29 45.48
CA HIS F 192 23.71 -21.78 45.91
C HIS F 192 23.97 -22.62 47.14
N PRO F 193 23.19 -22.40 48.22
CA PRO F 193 23.28 -23.13 49.50
C PRO F 193 23.42 -24.66 49.42
N HIS F 194 22.48 -25.35 48.75
CA HIS F 194 22.48 -26.84 48.66
C HIS F 194 23.47 -27.40 47.59
N ALA F 195 24.23 -26.52 46.94
CA ALA F 195 24.96 -26.80 45.67
C ALA F 195 26.18 -27.74 45.67
N PHE F 196 26.62 -28.19 46.85
CA PHE F 196 27.67 -29.20 46.90
C PHE F 196 27.12 -30.57 47.28
N ARG F 197 25.81 -30.66 47.49
CA ARG F 197 25.19 -31.90 47.98
C ARG F 197 25.81 -33.17 47.40
N ASP F 198 25.62 -33.41 46.09
CA ASP F 198 26.06 -34.66 45.45
C ASP F 198 27.62 -34.77 45.41
N LEU F 199 28.31 -34.11 46.34
CA LEU F 199 29.79 -34.22 46.49
C LEU F 199 30.24 -34.85 47.79
N GLY F 200 30.07 -36.17 47.90
CA GLY F 200 30.50 -36.90 49.08
C GLY F 200 32.01 -36.89 49.24
N ARG F 201 32.70 -37.49 48.27
CA ARG F 201 34.15 -37.79 48.31
C ARG F 201 35.10 -36.61 48.01
N LEU F 202 34.60 -35.37 47.98
CA LEU F 202 35.44 -34.23 47.63
C LEU F 202 36.56 -33.98 48.64
N MET F 203 37.81 -33.97 48.14
CA MET F 203 39.05 -33.83 48.95
C MET F 203 39.74 -32.48 48.86
N THR F 204 39.62 -31.78 47.73
CA THR F 204 40.28 -30.46 47.57
C THR F 204 39.33 -29.43 46.96
N LEU F 205 39.29 -28.24 47.55
CA LEU F 205 38.43 -27.15 47.03
C LEU F 205 39.11 -25.80 47.11
N TYR F 206 39.25 -25.16 45.94
CA TYR F 206 40.01 -23.93 45.79
C TYR F 206 39.09 -22.85 45.22
N LEU F 207 38.53 -22.04 46.12
CA LEU F 207 37.57 -21.03 45.74
C LEU F 207 38.21 -19.66 45.81
N PHE F 208 39.54 -19.63 45.83
CA PHE F 208 40.26 -18.36 46.02
C PHE F 208 40.24 -17.45 44.79
N ALA F 209 40.50 -16.18 45.06
CA ALA F 209 40.39 -15.05 44.09
C ALA F 209 39.07 -14.92 43.30
N ASN F 210 37.95 -14.73 44.03
CA ASN F 210 36.63 -14.51 43.42
C ASN F 210 35.92 -13.23 43.94
N ASN F 211 34.58 -13.21 43.85
CA ASN F 211 33.78 -12.09 44.36
C ASN F 211 32.90 -12.51 45.58
N LEU F 212 33.21 -13.65 46.18
CA LEU F 212 32.50 -14.18 47.33
C LEU F 212 32.55 -13.19 48.50
N SER F 213 31.39 -12.65 48.88
CA SER F 213 31.25 -11.77 50.05
C SER F 213 31.00 -12.55 51.33
N MET F 214 30.15 -13.57 51.23
CA MET F 214 29.77 -14.43 52.35
C MET F 214 29.35 -15.78 51.82
N LEU F 215 29.55 -16.81 52.63
CA LEU F 215 29.25 -18.17 52.23
C LEU F 215 28.24 -18.75 53.23
N PRO F 216 26.96 -18.90 52.80
CA PRO F 216 25.88 -19.29 53.73
C PRO F 216 26.12 -20.63 54.44
N ALA F 217 25.42 -20.85 55.54
CA ALA F 217 25.71 -21.96 56.46
C ALA F 217 25.60 -23.34 55.82
N GLU F 218 24.45 -23.61 55.22
CA GLU F 218 24.13 -24.92 54.67
C GLU F 218 25.17 -25.46 53.67
N VAL F 219 26.01 -24.57 53.15
CA VAL F 219 26.84 -24.91 51.99
C VAL F 219 27.88 -26.00 52.25
N LEU F 220 28.94 -25.64 52.97
CA LEU F 220 30.09 -26.50 53.11
C LEU F 220 29.83 -27.85 53.77
N VAL F 221 28.68 -28.01 54.42
CA VAL F 221 28.40 -29.23 55.18
C VAL F 221 28.77 -30.53 54.40
N PRO F 222 28.10 -30.79 53.26
CA PRO F 222 28.13 -32.18 52.76
C PRO F 222 29.48 -32.67 52.27
N LEU F 223 30.51 -31.82 52.37
CA LEU F 223 31.86 -32.22 52.01
C LEU F 223 32.44 -32.96 53.19
N ARG F 224 31.87 -34.13 53.42
CA ARG F 224 32.22 -34.98 54.54
C ARG F 224 33.69 -35.41 54.47
N SER F 225 34.33 -35.21 53.32
CA SER F 225 35.69 -35.70 53.09
C SER F 225 36.77 -34.63 53.04
N LEU F 226 36.35 -33.37 52.87
CA LEU F 226 37.24 -32.24 52.58
C LEU F 226 38.57 -32.24 53.35
N GLN F 227 39.68 -32.29 52.62
CA GLN F 227 41.03 -32.32 53.21
C GLN F 227 41.78 -31.00 53.05
N TYR F 228 41.58 -30.32 51.91
CA TYR F 228 42.20 -29.02 51.64
C TYR F 228 41.18 -27.98 51.21
N LEU F 229 41.28 -26.77 51.78
CA LEU F 229 40.38 -25.68 51.42
C LEU F 229 41.09 -24.33 51.28
N ARG F 230 40.62 -23.53 50.32
CA ARG F 230 41.22 -22.23 50.02
C ARG F 230 40.14 -21.21 49.83
N LEU F 231 40.12 -20.20 50.68
CA LEU F 231 39.11 -19.16 50.56
C LEU F 231 39.66 -17.73 50.56
N ASN F 232 40.98 -17.59 50.35
CA ASN F 232 41.64 -16.28 50.37
C ASN F 232 41.34 -15.42 49.13
N ASP F 233 41.64 -14.14 49.24
CA ASP F 233 41.36 -13.12 48.19
C ASP F 233 39.90 -12.97 47.79
N ASN F 234 39.00 -13.06 48.77
CA ASN F 234 37.60 -12.76 48.52
C ASN F 234 37.22 -11.57 49.38
N PRO F 235 36.37 -10.68 48.85
CA PRO F 235 35.91 -9.51 49.61
C PRO F 235 34.94 -9.89 50.74
N TRP F 236 35.38 -10.81 51.61
CA TRP F 236 34.57 -11.34 52.70
C TRP F 236 34.03 -10.25 53.61
N VAL F 237 32.75 -10.37 53.97
CA VAL F 237 32.07 -9.31 54.69
C VAL F 237 32.40 -9.27 56.17
N CYS F 238 32.41 -10.42 56.83
CA CYS F 238 32.73 -10.50 58.28
C CYS F 238 31.78 -9.67 59.20
N ASP F 239 30.48 -10.01 59.13
CA ASP F 239 29.48 -9.63 60.15
C ASP F 239 28.47 -10.78 60.28
N CYS F 240 27.34 -10.56 60.96
CA CYS F 240 26.29 -11.61 61.12
C CYS F 240 26.43 -12.80 60.16
N ARG F 241 26.36 -12.50 58.87
CA ARG F 241 26.29 -13.50 57.79
C ARG F 241 27.39 -14.56 57.76
N ALA F 242 28.56 -14.25 58.31
CA ALA F 242 29.68 -15.17 58.28
C ALA F 242 29.84 -15.91 59.60
N ARG F 243 28.99 -15.59 60.57
CA ARG F 243 28.97 -16.36 61.82
C ARG F 243 28.66 -17.83 61.48
N PRO F 244 27.58 -18.09 60.72
CA PRO F 244 27.36 -19.41 60.15
C PRO F 244 28.64 -20.13 59.70
N LEU F 245 29.38 -19.49 58.78
CA LEU F 245 30.60 -20.06 58.20
C LEU F 245 31.76 -20.11 59.19
N TRP F 246 31.84 -19.13 60.08
CA TRP F 246 32.86 -19.12 61.11
C TRP F 246 32.79 -20.45 61.86
N ALA F 247 31.62 -20.73 62.44
CA ALA F 247 31.35 -21.97 63.19
C ALA F 247 31.96 -23.18 62.51
N TRP F 248 31.71 -23.29 61.20
CA TRP F 248 32.25 -24.39 60.42
C TRP F 248 33.77 -24.45 60.63
N LEU F 249 34.45 -23.36 60.30
CA LEU F 249 35.92 -23.30 60.23
C LEU F 249 36.64 -23.82 61.46
N GLN F 250 36.09 -23.56 62.65
CA GLN F 250 36.61 -24.06 63.93
C GLN F 250 36.55 -25.57 63.94
N LYS F 251 35.35 -26.09 63.64
CA LYS F 251 35.03 -27.52 63.73
C LYS F 251 35.80 -28.35 62.68
N PHE F 252 36.27 -27.69 61.61
CA PHE F 252 37.09 -28.27 60.55
C PHE F 252 38.46 -28.68 61.03
N ARG F 253 38.62 -29.98 61.28
CA ARG F 253 39.86 -30.54 61.80
C ARG F 253 40.79 -31.06 60.67
N GLY F 254 40.81 -30.33 59.55
CA GLY F 254 41.67 -30.65 58.39
C GLY F 254 42.59 -29.49 58.03
N SER F 255 42.62 -29.10 56.76
CA SER F 255 43.57 -28.09 56.26
C SER F 255 42.96 -26.93 55.43
N SER F 256 42.38 -25.95 56.12
CA SER F 256 41.86 -24.75 55.46
C SER F 256 42.97 -23.72 55.31
N SER F 257 42.69 -22.62 54.62
CA SER F 257 43.62 -21.49 54.57
C SER F 257 43.02 -20.30 55.33
N GLU F 258 43.61 -19.12 55.13
CA GLU F 258 43.10 -17.93 55.78
C GLU F 258 41.89 -17.37 55.04
N VAL F 259 41.09 -16.58 55.77
CA VAL F 259 39.91 -15.96 55.23
C VAL F 259 39.99 -14.48 55.62
N PRO F 260 40.82 -13.71 54.91
CA PRO F 260 40.95 -12.32 55.33
C PRO F 260 39.66 -11.57 55.07
N CYS F 261 39.30 -10.66 55.96
CA CYS F 261 38.11 -9.84 55.79
C CYS F 261 38.39 -8.65 54.87
N ASN F 262 37.33 -7.91 54.55
CA ASN F 262 37.43 -6.63 53.84
C ASN F 262 36.61 -5.54 54.52
N LEU F 263 35.42 -5.93 54.96
CA LEU F 263 34.47 -5.07 55.66
C LEU F 263 34.16 -5.66 57.05
N PRO F 264 33.69 -4.83 58.01
CA PRO F 264 33.67 -3.38 57.95
C PRO F 264 35.11 -2.82 58.00
N GLN F 265 35.26 -1.57 57.59
CA GLN F 265 36.56 -0.91 57.57
C GLN F 265 37.20 -0.87 58.98
N ARG F 266 36.45 -1.36 59.96
CA ARG F 266 36.88 -1.55 61.35
C ARG F 266 37.62 -2.89 61.55
N LEU F 267 37.33 -3.86 60.68
CA LEU F 267 37.82 -5.23 60.81
C LEU F 267 38.70 -5.70 59.65
N ALA F 268 39.12 -4.76 58.80
CA ALA F 268 39.89 -5.07 57.58
C ALA F 268 41.13 -5.96 57.80
N GLY F 269 41.31 -6.94 56.89
CA GLY F 269 42.54 -7.75 56.82
C GLY F 269 42.81 -8.63 58.03
N ARG F 270 41.82 -9.45 58.38
CA ARG F 270 41.86 -10.21 59.62
C ARG F 270 41.26 -11.61 59.48
N ASP F 271 42.14 -12.60 59.45
CA ASP F 271 41.75 -14.00 59.34
C ASP F 271 40.53 -14.28 60.21
N LEU F 272 39.44 -14.69 59.57
CA LEU F 272 38.21 -15.04 60.26
C LEU F 272 38.39 -16.20 61.22
N LYS F 273 39.45 -16.99 61.02
CA LYS F 273 39.75 -18.10 61.90
C LYS F 273 40.22 -17.60 63.25
N ARG F 274 41.25 -16.76 63.28
CA ARG F 274 41.68 -16.21 64.55
C ARG F 274 40.82 -15.01 64.98
N LEU F 275 39.49 -15.18 64.89
CA LEU F 275 38.53 -14.19 65.37
C LEU F 275 37.56 -14.79 66.38
N ALA F 276 36.97 -13.91 67.20
CA ALA F 276 35.92 -14.29 68.12
C ALA F 276 34.57 -13.77 67.61
N ALA F 277 33.50 -14.51 67.87
CA ALA F 277 32.16 -14.12 67.42
C ALA F 277 31.77 -12.76 67.98
N SER F 278 32.17 -12.48 69.22
CA SER F 278 31.92 -11.18 69.85
C SER F 278 32.81 -10.05 69.27
N ASP F 279 33.28 -10.24 68.03
CA ASP F 279 33.92 -9.18 67.24
C ASP F 279 33.07 -8.86 66.01
N LEU F 280 32.08 -9.71 65.74
CA LEU F 280 31.17 -9.59 64.59
C LEU F 280 29.80 -9.01 65.01
N GLU F 281 29.75 -7.68 65.14
CA GLU F 281 28.57 -6.99 65.68
C GLU F 281 27.47 -6.73 64.62
N GLY F 282 26.25 -7.16 64.95
CA GLY F 282 25.07 -6.90 64.09
C GLY F 282 24.97 -7.78 62.84
N CYS F 283 23.77 -8.24 62.47
CA CYS F 283 22.46 -7.94 63.10
C CYS F 283 21.93 -6.55 62.72
C1 MAN G . -35.65 4.06 16.31
C2 MAN G . -35.53 3.92 14.76
C3 MAN G . -34.11 4.26 14.17
C4 MAN G . -32.94 3.66 14.99
C5 MAN G . -33.30 3.27 16.46
C6 MAN G . -32.03 3.37 17.33
O2 MAN G . -36.57 4.62 14.08
O3 MAN G . -33.83 5.67 14.02
O4 MAN G . -32.32 2.59 14.27
O5 MAN G . -34.40 4.03 17.03
O6 MAN G . -31.03 2.44 16.89
ZN ZN H . -40.65 35.76 4.38
C1 NDG I . -37.65 14.35 20.96
C2 NDG I . -37.45 14.05 19.50
C3 NDG I . -37.91 12.61 19.23
C4 NDG I . -37.41 11.67 20.34
C5 NDG I . -37.77 12.16 21.75
C6 NDG I . -36.51 12.38 22.59
C7 NDG I . -37.58 15.81 17.73
C8 NDG I . -38.47 16.93 17.29
O5 NDG I . -38.50 13.40 21.59
O3 NDG I . -37.31 12.26 17.97
O4 NDG I . -37.95 10.35 20.19
O6 NDG I . -36.21 11.37 23.56
O7 NDG I . -36.51 15.66 17.16
N2 NDG I . -38.16 15.08 18.77
C1 NDG J . -34.65 10.28 18.55
C2 NDG J . -34.70 9.72 20.01
C3 NDG J . -34.85 8.18 20.01
C4 NDG J . -35.98 7.66 19.10
C5 NDG J . -36.09 8.42 17.77
C6 NDG J . -37.49 8.99 17.77
C7 NDG J . -33.59 11.13 21.93
C8 NDG J . -32.93 12.41 21.46
O5 NDG J . -35.00 9.37 17.49
O3 NDG J . -35.09 7.77 21.36
O4 NDG J . -35.84 6.26 18.78
O6 NDG J . -37.63 9.76 16.58
O7 NDG J . -34.00 11.01 23.09
N2 NDG J . -33.58 10.17 20.89
C1 NAG K . -46.33 20.11 40.07
C2 NAG K . -44.85 19.79 39.83
C3 NAG K . -44.49 18.68 40.85
C4 NAG K . -44.52 19.25 42.25
C5 NAG K . -45.69 20.20 42.53
C6 NAG K . -45.06 21.35 43.32
C7 NAG K . -43.21 19.54 37.85
C8 NAG K . -41.95 20.05 38.56
N2 NAG K . -44.46 19.46 38.43
O3 NAG K . -43.16 18.17 40.73
O4 NAG K . -44.50 18.14 43.16
O5 NAG K . -46.42 20.70 41.38
O6 NAG K . -44.13 20.81 44.26
O7 NAG K . -43.09 19.20 36.66
ZN ZN L . 39.43 -32.70 -1.03
C1 NDG M . 41.94 -52.44 13.51
C2 NDG M . 42.57 -53.60 12.74
C3 NDG M . 41.93 -54.92 13.19
C4 NDG M . 42.18 -55.11 14.69
C5 NDG M . 41.46 -53.91 15.31
C6 NDG M . 41.20 -54.01 16.82
C7 NDG M . 43.24 -52.42 10.74
C8 NDG M . 43.96 -52.90 9.48
O5 NDG M . 42.13 -52.69 14.91
O3 NDG M . 42.37 -56.03 12.39
O4 NDG M . 41.50 -56.29 15.08
O6 NDG M . 42.42 -54.40 17.46
O7 NDG M . 43.35 -51.28 11.21
N2 NDG M . 42.44 -53.40 11.32
C1 NDG N . 42.92 -57.86 16.38
C2 NDG N . 44.44 -57.85 16.62
C3 NDG N . 45.28 -57.87 15.32
C4 NDG N . 44.73 -58.90 14.29
C5 NDG N . 43.28 -58.48 14.02
C6 NDG N . 42.56 -59.11 12.81
C7 NDG N . 45.65 -56.75 18.44
C8 NDG N . 47.10 -56.50 18.14
O5 NDG N . 42.45 -58.63 15.21
O3 NDG N . 46.68 -58.03 15.65
O4 NDG N . 45.50 -58.78 13.08
O6 NDG N . 43.41 -60.04 12.11
O7 NDG N . 45.18 -57.01 19.55
N2 NDG N . 44.81 -56.66 17.34
C1 NAG O . 34.11 -48.73 35.14
C2 NAG O . 34.94 -49.20 36.37
C3 NAG O . 34.73 -48.23 37.54
C4 NAG O . 35.29 -46.85 37.16
C5 NAG O . 34.98 -46.50 35.69
C6 NAG O . 36.27 -46.60 34.81
C7 NAG O . 35.61 -51.40 37.34
C8 NAG O . 37.10 -51.02 37.32
N2 NAG O . 34.66 -50.54 36.87
O3 NAG O . 35.31 -48.72 38.77
O4 NAG O . 34.73 -45.87 38.01
O5 NAG O . 33.88 -47.30 35.15
O6 NAG O . 36.76 -45.34 34.33
O7 NAG O . 35.28 -52.51 37.80
#